data_3O8W
# 
_entry.id   3O8W 
# 
_audit_conform.dict_name       mmcif_pdbx.dic 
_audit_conform.dict_version    5.379 
_audit_conform.dict_location   http://mmcif.pdb.org/dictionaries/ascii/mmcif_pdbx.dic 
# 
loop_
_database_2.database_id 
_database_2.database_code 
_database_2.pdbx_database_accession 
_database_2.pdbx_DOI 
PDB   3O8W         pdb_00003o8w 10.2210/pdb3o8w/pdb 
RCSB  RCSB060812   ?            ?                   
WWPDB D_1000060812 ?            ?                   
# 
_pdbx_database_status.status_code                     REL 
_pdbx_database_status.entry_id                        3O8W 
_pdbx_database_status.recvd_initial_deposition_date   2010-08-03 
_pdbx_database_status.deposit_site                    RCSB 
_pdbx_database_status.process_site                    RCSB 
_pdbx_database_status.status_code_sf                  REL 
_pdbx_database_status.status_code_mr                  ? 
_pdbx_database_status.SG_entry                        ? 
_pdbx_database_status.status_code_cs                  ? 
_pdbx_database_status.pdb_format_compatible           Y 
_pdbx_database_status.status_code_nmr_data            ? 
_pdbx_database_status.methods_development_category    ? 
# 
loop_
_audit_author.name 
_audit_author.pdbx_ordinal 
'Litz, C.'        1 
'Helfmann, S.'    2 
'Gerhardt, S.'    3 
'Andrade, S.L.A.' 4 
# 
_citation.id                        primary 
_citation.title                     'Structure of GlnK1, a signalling protein from Archaeoglobus fulgidus.' 
_citation.journal_abbrev            'Acta Crystallogr.,Sect.F' 
_citation.journal_volume            67 
_citation.page_first                178 
_citation.page_last                 181 
_citation.year                      2011 
_citation.journal_id_ASTM           ? 
_citation.country                   DK 
_citation.journal_id_ISSN           1744-3091 
_citation.journal_id_CSD            ? 
_citation.book_publisher            ? 
_citation.pdbx_database_id_PubMed   21301082 
_citation.pdbx_database_id_DOI      10.1107/S1744309110047482 
# 
loop_
_citation_author.citation_id 
_citation_author.name 
_citation_author.ordinal 
_citation_author.identifier_ORCID 
primary 'Litz, C.'      1 ? 
primary 'Helfmann, S.'  2 ? 
primary 'Gerhardt, S.'  3 ? 
primary 'Andrade, S.L.' 4 ? 
# 
_cell.entry_id           3O8W 
_cell.length_a           94.567 
_cell.length_b           94.567 
_cell.length_c           94.567 
_cell.angle_alpha        90.00 
_cell.angle_beta         90.00 
_cell.angle_gamma        90.00 
_cell.Z_PDB              24 
_cell.pdbx_unique_axis   ? 
_cell.length_a_esd       ? 
_cell.length_b_esd       ? 
_cell.length_c_esd       ? 
_cell.angle_alpha_esd    ? 
_cell.angle_beta_esd     ? 
_cell.angle_gamma_esd    ? 
# 
_symmetry.entry_id                         3O8W 
_symmetry.space_group_name_H-M             'I 21 3' 
_symmetry.pdbx_full_space_group_name_H-M   ? 
_symmetry.cell_setting                     ? 
_symmetry.Int_Tables_number                199 
_symmetry.space_group_name_Hall            ? 
# 
loop_
_entity.id 
_entity.type 
_entity.src_method 
_entity.pdbx_description 
_entity.formula_weight 
_entity.pdbx_number_of_molecules 
_entity.pdbx_ec 
_entity.pdbx_mutation 
_entity.pdbx_fragment 
_entity.details 
1 polymer     man 'Nitrogen regulatory protein P-II (GlnB-1)' 13178.261 1  ? ? 'sequence database residues 12-120' ? 
2 non-polymer syn 'ACETATE ION'                               59.044    2  ? ? ?                                   ? 
3 water       nat water                                       18.015    74 ? ? ?                                   ? 
# 
_entity_poly.entity_id                      1 
_entity_poly.type                           'polypeptide(L)' 
_entity_poly.nstd_linkage                   no 
_entity_poly.nstd_monomer                   no 
_entity_poly.pdbx_seq_one_letter_code       
;MKMVVAVIRPEKLECVKKALEERGFVGMTVTEVKGRGEQKGIRLQFRGREVEVDLLQKTKVEVVVSDDAVDEVVEAIVSS
ARTGKFGDGRIFVIPVEKSVKIRTGEEEVAAAHHHHHH
;
_entity_poly.pdbx_seq_one_letter_code_can   
;MKMVVAVIRPEKLECVKKALEERGFVGMTVTEVKGRGEQKGIRLQFRGREVEVDLLQKTKVEVVVSDDAVDEVVEAIVSS
ARTGKFGDGRIFVIPVEKSVKIRTGEEEVAAAHHHHHH
;
_entity_poly.pdbx_strand_id                 A 
_entity_poly.pdbx_target_identifier         ? 
# 
loop_
_entity_poly_seq.entity_id 
_entity_poly_seq.num 
_entity_poly_seq.mon_id 
_entity_poly_seq.hetero 
1 1   MET n 
1 2   LYS n 
1 3   MET n 
1 4   VAL n 
1 5   VAL n 
1 6   ALA n 
1 7   VAL n 
1 8   ILE n 
1 9   ARG n 
1 10  PRO n 
1 11  GLU n 
1 12  LYS n 
1 13  LEU n 
1 14  GLU n 
1 15  CYS n 
1 16  VAL n 
1 17  LYS n 
1 18  LYS n 
1 19  ALA n 
1 20  LEU n 
1 21  GLU n 
1 22  GLU n 
1 23  ARG n 
1 24  GLY n 
1 25  PHE n 
1 26  VAL n 
1 27  GLY n 
1 28  MET n 
1 29  THR n 
1 30  VAL n 
1 31  THR n 
1 32  GLU n 
1 33  VAL n 
1 34  LYS n 
1 35  GLY n 
1 36  ARG n 
1 37  GLY n 
1 38  GLU n 
1 39  GLN n 
1 40  LYS n 
1 41  GLY n 
1 42  ILE n 
1 43  ARG n 
1 44  LEU n 
1 45  GLN n 
1 46  PHE n 
1 47  ARG n 
1 48  GLY n 
1 49  ARG n 
1 50  GLU n 
1 51  VAL n 
1 52  GLU n 
1 53  VAL n 
1 54  ASP n 
1 55  LEU n 
1 56  LEU n 
1 57  GLN n 
1 58  LYS n 
1 59  THR n 
1 60  LYS n 
1 61  VAL n 
1 62  GLU n 
1 63  VAL n 
1 64  VAL n 
1 65  VAL n 
1 66  SER n 
1 67  ASP n 
1 68  ASP n 
1 69  ALA n 
1 70  VAL n 
1 71  ASP n 
1 72  GLU n 
1 73  VAL n 
1 74  VAL n 
1 75  GLU n 
1 76  ALA n 
1 77  ILE n 
1 78  VAL n 
1 79  SER n 
1 80  SER n 
1 81  ALA n 
1 82  ARG n 
1 83  THR n 
1 84  GLY n 
1 85  LYS n 
1 86  PHE n 
1 87  GLY n 
1 88  ASP n 
1 89  GLY n 
1 90  ARG n 
1 91  ILE n 
1 92  PHE n 
1 93  VAL n 
1 94  ILE n 
1 95  PRO n 
1 96  VAL n 
1 97  GLU n 
1 98  LYS n 
1 99  SER n 
1 100 VAL n 
1 101 LYS n 
1 102 ILE n 
1 103 ARG n 
1 104 THR n 
1 105 GLY n 
1 106 GLU n 
1 107 GLU n 
1 108 GLU n 
1 109 VAL n 
1 110 ALA n 
1 111 ALA n 
1 112 ALA n 
1 113 HIS n 
1 114 HIS n 
1 115 HIS n 
1 116 HIS n 
1 117 HIS n 
1 118 HIS n 
# 
_entity_src_gen.entity_id                          1 
_entity_src_gen.pdbx_src_id                        1 
_entity_src_gen.pdbx_alt_source_flag               sample 
_entity_src_gen.pdbx_seq_type                      ? 
_entity_src_gen.pdbx_beg_seq_num                   ? 
_entity_src_gen.pdbx_end_seq_num                   ? 
_entity_src_gen.gene_src_common_name               ? 
_entity_src_gen.gene_src_genus                     ? 
_entity_src_gen.pdbx_gene_src_gene                 'AF_0978, GlnK1' 
_entity_src_gen.gene_src_species                   ? 
_entity_src_gen.gene_src_strain                    ? 
_entity_src_gen.gene_src_tissue                    ? 
_entity_src_gen.gene_src_tissue_fraction           ? 
_entity_src_gen.gene_src_details                   ? 
_entity_src_gen.pdbx_gene_src_fragment             ? 
_entity_src_gen.pdbx_gene_src_scientific_name      'Archaeoglobus fulgidus' 
_entity_src_gen.pdbx_gene_src_ncbi_taxonomy_id     2234 
_entity_src_gen.pdbx_gene_src_variant              ? 
_entity_src_gen.pdbx_gene_src_cell_line            ? 
_entity_src_gen.pdbx_gene_src_atcc                 ? 
_entity_src_gen.pdbx_gene_src_organ                ? 
_entity_src_gen.pdbx_gene_src_organelle            ? 
_entity_src_gen.pdbx_gene_src_cell                 ? 
_entity_src_gen.pdbx_gene_src_cellular_location    ? 
_entity_src_gen.host_org_common_name               ? 
_entity_src_gen.pdbx_host_org_scientific_name      'Escherichia coli' 
_entity_src_gen.pdbx_host_org_ncbi_taxonomy_id     562 
_entity_src_gen.host_org_genus                     ? 
_entity_src_gen.pdbx_host_org_gene                 ? 
_entity_src_gen.pdbx_host_org_organ                ? 
_entity_src_gen.host_org_species                   ? 
_entity_src_gen.pdbx_host_org_tissue               ? 
_entity_src_gen.pdbx_host_org_tissue_fraction      ? 
_entity_src_gen.pdbx_host_org_strain               ? 
_entity_src_gen.pdbx_host_org_variant              ? 
_entity_src_gen.pdbx_host_org_cell_line            ? 
_entity_src_gen.pdbx_host_org_atcc                 ? 
_entity_src_gen.pdbx_host_org_culture_collection   ? 
_entity_src_gen.pdbx_host_org_cell                 ? 
_entity_src_gen.pdbx_host_org_organelle            ? 
_entity_src_gen.pdbx_host_org_cellular_location    ? 
_entity_src_gen.pdbx_host_org_vector_type          ? 
_entity_src_gen.pdbx_host_org_vector               ? 
_entity_src_gen.host_org_details                   ? 
_entity_src_gen.expression_system_id               ? 
_entity_src_gen.plasmid_name                       ? 
_entity_src_gen.plasmid_details                    ? 
_entity_src_gen.pdbx_description                   ? 
# 
_struct_ref.id                         1 
_struct_ref.db_name                    UNP 
_struct_ref.db_code                    O29284_ARCFU 
_struct_ref.pdbx_db_accession          O29284 
_struct_ref.entity_id                  1 
_struct_ref.pdbx_seq_one_letter_code   
;MKMVVAVIRPEKLECVKKALEERGFVGMTVTEVKGRGEQKGIRLQFRGREVEVDLLQKTKVEVVVSDDAVDEVVEAIVSS
ARTGKFGDGRIFVIPVEKSVKIRTGEEEV
;
_struct_ref.pdbx_align_begin           12 
_struct_ref.pdbx_db_isoform            ? 
# 
_struct_ref_seq.align_id                      1 
_struct_ref_seq.ref_id                        1 
_struct_ref_seq.pdbx_PDB_id_code              3O8W 
_struct_ref_seq.pdbx_strand_id                A 
_struct_ref_seq.seq_align_beg                 1 
_struct_ref_seq.pdbx_seq_align_beg_ins_code   ? 
_struct_ref_seq.seq_align_end                 109 
_struct_ref_seq.pdbx_seq_align_end_ins_code   ? 
_struct_ref_seq.pdbx_db_accession             O29284 
_struct_ref_seq.db_align_beg                  12 
_struct_ref_seq.pdbx_db_align_beg_ins_code    ? 
_struct_ref_seq.db_align_end                  120 
_struct_ref_seq.pdbx_db_align_end_ins_code    ? 
_struct_ref_seq.pdbx_auth_seq_align_beg       1 
_struct_ref_seq.pdbx_auth_seq_align_end       109 
# 
loop_
_struct_ref_seq_dif.align_id 
_struct_ref_seq_dif.pdbx_pdb_id_code 
_struct_ref_seq_dif.mon_id 
_struct_ref_seq_dif.pdbx_pdb_strand_id 
_struct_ref_seq_dif.seq_num 
_struct_ref_seq_dif.pdbx_pdb_ins_code 
_struct_ref_seq_dif.pdbx_seq_db_name 
_struct_ref_seq_dif.pdbx_seq_db_accession_code 
_struct_ref_seq_dif.db_mon_id 
_struct_ref_seq_dif.pdbx_seq_db_seq_num 
_struct_ref_seq_dif.details 
_struct_ref_seq_dif.pdbx_auth_seq_num 
_struct_ref_seq_dif.pdbx_ordinal 
1 3O8W ALA A 110 ? UNP O29284 ? ? 'expression tag' 110 1 
1 3O8W ALA A 111 ? UNP O29284 ? ? 'expression tag' 111 2 
1 3O8W ALA A 112 ? UNP O29284 ? ? 'expression tag' 112 3 
1 3O8W HIS A 113 ? UNP O29284 ? ? 'expression tag' 113 4 
1 3O8W HIS A 114 ? UNP O29284 ? ? 'expression tag' 114 5 
1 3O8W HIS A 115 ? UNP O29284 ? ? 'expression tag' 115 6 
1 3O8W HIS A 116 ? UNP O29284 ? ? 'expression tag' 116 7 
1 3O8W HIS A 117 ? UNP O29284 ? ? 'expression tag' 117 8 
1 3O8W HIS A 118 ? UNP O29284 ? ? 'expression tag' 118 9 
# 
loop_
_chem_comp.id 
_chem_comp.type 
_chem_comp.mon_nstd_flag 
_chem_comp.name 
_chem_comp.pdbx_synonyms 
_chem_comp.formula 
_chem_comp.formula_weight 
ACT non-polymer         . 'ACETATE ION'   ? 'C2 H3 O2 -1'    59.044  
ALA 'L-peptide linking' y ALANINE         ? 'C3 H7 N O2'     89.093  
ARG 'L-peptide linking' y ARGININE        ? 'C6 H15 N4 O2 1' 175.209 
ASP 'L-peptide linking' y 'ASPARTIC ACID' ? 'C4 H7 N O4'     133.103 
CYS 'L-peptide linking' y CYSTEINE        ? 'C3 H7 N O2 S'   121.158 
GLN 'L-peptide linking' y GLUTAMINE       ? 'C5 H10 N2 O3'   146.144 
GLU 'L-peptide linking' y 'GLUTAMIC ACID' ? 'C5 H9 N O4'     147.129 
GLY 'peptide linking'   y GLYCINE         ? 'C2 H5 N O2'     75.067  
HIS 'L-peptide linking' y HISTIDINE       ? 'C6 H10 N3 O2 1' 156.162 
HOH non-polymer         . WATER           ? 'H2 O'           18.015  
ILE 'L-peptide linking' y ISOLEUCINE      ? 'C6 H13 N O2'    131.173 
LEU 'L-peptide linking' y LEUCINE         ? 'C6 H13 N O2'    131.173 
LYS 'L-peptide linking' y LYSINE          ? 'C6 H15 N2 O2 1' 147.195 
MET 'L-peptide linking' y METHIONINE      ? 'C5 H11 N O2 S'  149.211 
PHE 'L-peptide linking' y PHENYLALANINE   ? 'C9 H11 N O2'    165.189 
PRO 'L-peptide linking' y PROLINE         ? 'C5 H9 N O2'     115.130 
SER 'L-peptide linking' y SERINE          ? 'C3 H7 N O3'     105.093 
THR 'L-peptide linking' y THREONINE       ? 'C4 H9 N O3'     119.119 
VAL 'L-peptide linking' y VALINE          ? 'C5 H11 N O2'    117.146 
# 
_exptl.entry_id          3O8W 
_exptl.method            'X-RAY DIFFRACTION' 
_exptl.crystals_number   1 
# 
_exptl_crystal.id                    1 
_exptl_crystal.density_meas          ? 
_exptl_crystal.density_Matthews      2.67 
_exptl_crystal.density_percent_sol   54.00 
_exptl_crystal.description           ? 
_exptl_crystal.F_000                 ? 
_exptl_crystal.preparation           ? 
# 
_exptl_crystal_grow.crystal_id      1 
_exptl_crystal_grow.method          'VAPOR DIFFUSION, SITTING DROP' 
_exptl_crystal_grow.temp            293 
_exptl_crystal_grow.temp_details    ? 
_exptl_crystal_grow.pH              5.5 
_exptl_crystal_grow.pdbx_details    '15% PEG 5000 MME, 0.2 M Na-acetate pH 5.5, VAPOR DIFFUSION, SITTING DROP, temperature 293K' 
_exptl_crystal_grow.pdbx_pH_range   ? 
# 
_diffrn.id                     1 
_diffrn.ambient_temp           100 
_diffrn.ambient_temp_details   ? 
_diffrn.crystal_id             1 
# 
_diffrn_detector.diffrn_id              1 
_diffrn_detector.detector               CCD 
_diffrn_detector.type                   'MARMOSAIC 225 mm CCD' 
_diffrn_detector.pdbx_collection_date   2010-02-04 
_diffrn_detector.details                ? 
# 
_diffrn_radiation.diffrn_id                        1 
_diffrn_radiation.wavelength_id                    1 
_diffrn_radiation.pdbx_monochromatic_or_laue_m_l   M 
_diffrn_radiation.monochromator                    graphite 
_diffrn_radiation.pdbx_diffrn_protocol             'SINGLE WAVELENGTH' 
_diffrn_radiation.pdbx_scattering_type             x-ray 
# 
_diffrn_radiation_wavelength.id           1 
_diffrn_radiation_wavelength.wavelength   1.0 
_diffrn_radiation_wavelength.wt           1.0 
# 
_diffrn_source.diffrn_id                   1 
_diffrn_source.source                      SYNCHROTRON 
_diffrn_source.type                        'SLS BEAMLINE X06DA' 
_diffrn_source.pdbx_synchrotron_site       SLS 
_diffrn_source.pdbx_synchrotron_beamline   X06DA 
_diffrn_source.pdbx_wavelength             ? 
_diffrn_source.pdbx_wavelength_list        1.0 
# 
_reflns.entry_id                     3O8W 
_reflns.observed_criterion_sigma_I   2.0 
_reflns.observed_criterion_sigma_F   2.0 
_reflns.d_resolution_low             33.4 
_reflns.d_resolution_high            2.28 
_reflns.number_obs                   6605 
_reflns.number_all                   6605 
_reflns.percent_possible_obs         100 
_reflns.pdbx_Rmerge_I_obs            ? 
_reflns.pdbx_Rsym_value              ? 
_reflns.pdbx_netI_over_sigmaI        ? 
_reflns.B_iso_Wilson_estimate        ? 
_reflns.pdbx_redundancy              ? 
_reflns.R_free_details               ? 
_reflns.limit_h_max                  ? 
_reflns.limit_h_min                  ? 
_reflns.limit_k_max                  ? 
_reflns.limit_k_min                  ? 
_reflns.limit_l_max                  ? 
_reflns.limit_l_min                  ? 
_reflns.observed_criterion_F_max     ? 
_reflns.observed_criterion_F_min     ? 
_reflns.pdbx_chi_squared             ? 
_reflns.pdbx_scaling_rejects         ? 
_reflns.pdbx_ordinal                 1 
_reflns.pdbx_diffrn_id               1 
# 
_refine.entry_id                                 3O8W 
_refine.ls_number_reflns_obs                     6294 
_refine.ls_number_reflns_all                     6294 
_refine.pdbx_ls_sigma_I                          2.0 
_refine.pdbx_ls_sigma_F                          2.0 
_refine.pdbx_data_cutoff_high_absF               ? 
_refine.pdbx_data_cutoff_low_absF                ? 
_refine.pdbx_data_cutoff_high_rms_absF           ? 
_refine.ls_d_res_low                             29.90 
_refine.ls_d_res_high                            2.28 
_refine.ls_percent_reflns_obs                    100.00 
_refine.ls_R_factor_obs                          0.17567 
_refine.ls_R_factor_all                          ? 
_refine.ls_R_factor_R_work                       0.17340 
_refine.ls_R_factor_R_free                       0.22052 
_refine.ls_R_factor_R_free_error                 ? 
_refine.ls_R_factor_R_free_error_details         ? 
_refine.ls_percent_reflns_R_free                 4.7 
_refine.ls_number_reflns_R_free                  311 
_refine.ls_number_parameters                     ? 
_refine.ls_number_restraints                     ? 
_refine.occupancy_min                            ? 
_refine.occupancy_max                            ? 
_refine.correlation_coeff_Fo_to_Fc               0.953 
_refine.correlation_coeff_Fo_to_Fc_free          0.940 
_refine.B_iso_mean                               34.163 
_refine.aniso_B[1][1]                            ? 
_refine.aniso_B[2][2]                            ? 
_refine.aniso_B[3][3]                            ? 
_refine.aniso_B[1][2]                            ? 
_refine.aniso_B[1][3]                            ? 
_refine.aniso_B[2][3]                            ? 
_refine.solvent_model_details                    MASK 
_refine.solvent_model_param_ksol                 ? 
_refine.solvent_model_param_bsol                 ? 
_refine.pdbx_solvent_vdw_probe_radii             1.40 
_refine.pdbx_solvent_ion_probe_radii             0.80 
_refine.pdbx_solvent_shrinkage_radii             0.80 
_refine.pdbx_ls_cross_valid_method               THROUGHOUT 
_refine.details                                  'HYDROGENS HAVE BEEN ADDED IN THE RIDING POSITIONS' 
_refine.pdbx_starting_model                      'PDB entry 3NCP' 
_refine.pdbx_method_to_determine_struct          'MOLECULAR REPLACEMENT' 
_refine.pdbx_isotropic_thermal_model             ? 
_refine.pdbx_stereochemistry_target_values       'MAXIMUM LIKELIHOOD' 
_refine.pdbx_stereochem_target_val_spec_case     ? 
_refine.pdbx_R_Free_selection_details            RANDOM 
_refine.pdbx_overall_ESU_R_Free                  0.190 
_refine.overall_SU_ML                            0.119 
_refine.overall_SU_B                             4.596 
_refine.overall_SU_R_Cruickshank_DPI             ? 
_refine.ls_redundancy_reflns_obs                 ? 
_refine.B_iso_min                                ? 
_refine.B_iso_max                                ? 
_refine.overall_SU_R_free                        ? 
_refine.ls_wR_factor_R_free                      ? 
_refine.ls_wR_factor_R_work                      ? 
_refine.overall_FOM_free_R_set                   ? 
_refine.overall_FOM_work_R_set                   ? 
_refine.pdbx_overall_phase_error                 ? 
_refine.pdbx_refine_id                           'X-RAY DIFFRACTION' 
_refine.pdbx_overall_ESU_R                       0.224 
_refine.pdbx_diffrn_id                           1 
_refine.pdbx_TLS_residual_ADP_flag               ? 
_refine.pdbx_overall_SU_R_free_Cruickshank_DPI   ? 
_refine.pdbx_overall_SU_R_Blow_DPI               ? 
_refine.pdbx_overall_SU_R_free_Blow_DPI          ? 
# 
_refine_hist.pdbx_refine_id                   'X-RAY DIFFRACTION' 
_refine_hist.cycle_id                         LAST 
_refine_hist.pdbx_number_atoms_protein        791 
_refine_hist.pdbx_number_atoms_nucleic_acid   0 
_refine_hist.pdbx_number_atoms_ligand         8 
_refine_hist.number_atoms_solvent             74 
_refine_hist.number_atoms_total               873 
_refine_hist.d_res_high                       2.28 
_refine_hist.d_res_low                        29.90 
# 
loop_
_refine_ls_restr.type 
_refine_ls_restr.dev_ideal 
_refine_ls_restr.dev_ideal_target 
_refine_ls_restr.weight 
_refine_ls_restr.number 
_refine_ls_restr.pdbx_refine_id 
_refine_ls_restr.pdbx_restraint_function 
r_bond_refined_d             0.023  0.022  ? 800  'X-RAY DIFFRACTION' ? 
r_bond_other_d               ?      ?      ? ?    'X-RAY DIFFRACTION' ? 
r_angle_refined_deg          1.953  1.998  ? 1068 'X-RAY DIFFRACTION' ? 
r_angle_other_deg            ?      ?      ? ?    'X-RAY DIFFRACTION' ? 
r_dihedral_angle_1_deg       6.142  5.000  ? 102  'X-RAY DIFFRACTION' ? 
r_dihedral_angle_2_deg       29.976 24.333 ? 30   'X-RAY DIFFRACTION' ? 
r_dihedral_angle_3_deg       17.012 15.000 ? 164  'X-RAY DIFFRACTION' ? 
r_dihedral_angle_4_deg       22.269 15.000 ? 7    'X-RAY DIFFRACTION' ? 
r_chiral_restr               0.122  0.200  ? 131  'X-RAY DIFFRACTION' ? 
r_gen_planes_refined         0.007  0.020  ? 560  'X-RAY DIFFRACTION' ? 
r_gen_planes_other           ?      ?      ? ?    'X-RAY DIFFRACTION' ? 
r_nbd_refined                ?      ?      ? ?    'X-RAY DIFFRACTION' ? 
r_nbd_other                  ?      ?      ? ?    'X-RAY DIFFRACTION' ? 
r_nbtor_refined              ?      ?      ? ?    'X-RAY DIFFRACTION' ? 
r_nbtor_other                ?      ?      ? ?    'X-RAY DIFFRACTION' ? 
r_xyhbond_nbd_refined        ?      ?      ? ?    'X-RAY DIFFRACTION' ? 
r_xyhbond_nbd_other          ?      ?      ? ?    'X-RAY DIFFRACTION' ? 
r_metal_ion_refined          ?      ?      ? ?    'X-RAY DIFFRACTION' ? 
r_metal_ion_other            ?      ?      ? ?    'X-RAY DIFFRACTION' ? 
r_symmetry_vdw_refined       ?      ?      ? ?    'X-RAY DIFFRACTION' ? 
r_symmetry_vdw_other         ?      ?      ? ?    'X-RAY DIFFRACTION' ? 
r_symmetry_hbond_refined     ?      ?      ? ?    'X-RAY DIFFRACTION' ? 
r_symmetry_hbond_other       ?      ?      ? ?    'X-RAY DIFFRACTION' ? 
r_symmetry_metal_ion_refined ?      ?      ? ?    'X-RAY DIFFRACTION' ? 
r_symmetry_metal_ion_other   ?      ?      ? ?    'X-RAY DIFFRACTION' ? 
r_mcbond_it                  1.350  1.500  ? 517  'X-RAY DIFFRACTION' ? 
r_mcbond_other               ?      ?      ? ?    'X-RAY DIFFRACTION' ? 
r_mcangle_it                 2.526  2.000  ? 832  'X-RAY DIFFRACTION' ? 
r_scbond_it                  4.191  3.000  ? 283  'X-RAY DIFFRACTION' ? 
r_scangle_it                 7.403  4.500  ? 236  'X-RAY DIFFRACTION' ? 
r_rigid_bond_restr           ?      ?      ? ?    'X-RAY DIFFRACTION' ? 
r_sphericity_free            ?      ?      ? ?    'X-RAY DIFFRACTION' ? 
r_sphericity_bonded          ?      ?      ? ?    'X-RAY DIFFRACTION' ? 
# 
_refine_ls_shell.pdbx_total_number_of_bins_used   20 
_refine_ls_shell.d_res_high                       2.276 
_refine_ls_shell.d_res_low                        2.335 
_refine_ls_shell.number_reflns_R_work             446 
_refine_ls_shell.R_factor_R_work                  0.166 
_refine_ls_shell.percent_reflns_obs               100.00 
_refine_ls_shell.R_factor_R_free                  0.243 
_refine_ls_shell.R_factor_R_free_error            ? 
_refine_ls_shell.percent_reflns_R_free            ? 
_refine_ls_shell.number_reflns_R_free             23 
_refine_ls_shell.number_reflns_all                ? 
_refine_ls_shell.R_factor_all                     ? 
_refine_ls_shell.number_reflns_obs                ? 
_refine_ls_shell.redundancy_reflns_obs            ? 
_refine_ls_shell.pdbx_refine_id                   'X-RAY DIFFRACTION' 
# 
_struct.entry_id                  3O8W 
_struct.title                     'Archaeoglobus fulgidus GlnK1' 
_struct.pdbx_model_details        ? 
_struct.pdbx_CASP_flag            ? 
_struct.pdbx_model_type_details   ? 
# 
_struct_keywords.entry_id        3O8W 
_struct_keywords.pdbx_keywords   'SIGNALING PROTEIN' 
_struct_keywords.text            'signaling protein' 
# 
loop_
_struct_asym.id 
_struct_asym.pdbx_blank_PDB_chainid_flag 
_struct_asym.pdbx_modified 
_struct_asym.entity_id 
_struct_asym.details 
A N N 1 ? 
B N N 2 ? 
C N N 2 ? 
D N N 3 ? 
# 
_struct_biol.id        1 
_struct_biol.details   'a physiological trimer is formed by a crystallographic three-fold' 
# 
loop_
_struct_conf.conf_type_id 
_struct_conf.id 
_struct_conf.pdbx_PDB_helix_id 
_struct_conf.beg_label_comp_id 
_struct_conf.beg_label_asym_id 
_struct_conf.beg_label_seq_id 
_struct_conf.pdbx_beg_PDB_ins_code 
_struct_conf.end_label_comp_id 
_struct_conf.end_label_asym_id 
_struct_conf.end_label_seq_id 
_struct_conf.pdbx_end_PDB_ins_code 
_struct_conf.beg_auth_comp_id 
_struct_conf.beg_auth_asym_id 
_struct_conf.beg_auth_seq_id 
_struct_conf.end_auth_comp_id 
_struct_conf.end_auth_asym_id 
_struct_conf.end_auth_seq_id 
_struct_conf.pdbx_PDB_helix_class 
_struct_conf.details 
_struct_conf.pdbx_PDB_helix_length 
HELX_P HELX_P1 1 ARG A 9  ? GLU A 11 ? ARG A 9  GLU A 11 5 ? 3  
HELX_P HELX_P2 2 LYS A 12 ? GLU A 22 ? LYS A 12 GLU A 22 1 ? 11 
HELX_P HELX_P3 3 SER A 66 ? ASP A 68 ? SER A 66 ASP A 68 5 ? 3  
HELX_P HELX_P4 4 ALA A 69 ? ARG A 82 ? ALA A 69 ARG A 82 1 ? 14 
# 
_struct_conf_type.id          HELX_P 
_struct_conf_type.criteria    ? 
_struct_conf_type.reference   ? 
# 
loop_
_struct_sheet.id 
_struct_sheet.type 
_struct_sheet.number_strands 
_struct_sheet.details 
A ? 4 ? 
B ? 2 ? 
# 
loop_
_struct_sheet_order.sheet_id 
_struct_sheet_order.range_id_1 
_struct_sheet_order.range_id_2 
_struct_sheet_order.offset 
_struct_sheet_order.sense 
A 1 2 ? anti-parallel 
A 2 3 ? anti-parallel 
A 3 4 ? anti-parallel 
B 1 2 ? anti-parallel 
# 
loop_
_struct_sheet_range.sheet_id 
_struct_sheet_range.id 
_struct_sheet_range.beg_label_comp_id 
_struct_sheet_range.beg_label_asym_id 
_struct_sheet_range.beg_label_seq_id 
_struct_sheet_range.pdbx_beg_PDB_ins_code 
_struct_sheet_range.end_label_comp_id 
_struct_sheet_range.end_label_asym_id 
_struct_sheet_range.end_label_seq_id 
_struct_sheet_range.pdbx_end_PDB_ins_code 
_struct_sheet_range.beg_auth_comp_id 
_struct_sheet_range.beg_auth_asym_id 
_struct_sheet_range.beg_auth_seq_id 
_struct_sheet_range.end_auth_comp_id 
_struct_sheet_range.end_auth_asym_id 
_struct_sheet_range.end_auth_seq_id 
A 1 THR A 29  ? GLY A 35  ? THR A 29  GLY A 35  
A 2 LEU A 56  ? VAL A 65  ? LEU A 56  VAL A 65  
A 3 LYS A 2   ? ILE A 8   ? LYS A 2   ILE A 8   
A 4 ARG A 90  ? PRO A 95  ? ARG A 90  PRO A 95  
B 1 LYS A 98  ? VAL A 100 ? LYS A 98  VAL A 100 
B 2 GLU A 107 ? VAL A 109 ? GLU A 107 VAL A 109 
# 
loop_
_pdbx_struct_sheet_hbond.sheet_id 
_pdbx_struct_sheet_hbond.range_id_1 
_pdbx_struct_sheet_hbond.range_id_2 
_pdbx_struct_sheet_hbond.range_1_label_atom_id 
_pdbx_struct_sheet_hbond.range_1_label_comp_id 
_pdbx_struct_sheet_hbond.range_1_label_asym_id 
_pdbx_struct_sheet_hbond.range_1_label_seq_id 
_pdbx_struct_sheet_hbond.range_1_PDB_ins_code 
_pdbx_struct_sheet_hbond.range_1_auth_atom_id 
_pdbx_struct_sheet_hbond.range_1_auth_comp_id 
_pdbx_struct_sheet_hbond.range_1_auth_asym_id 
_pdbx_struct_sheet_hbond.range_1_auth_seq_id 
_pdbx_struct_sheet_hbond.range_2_label_atom_id 
_pdbx_struct_sheet_hbond.range_2_label_comp_id 
_pdbx_struct_sheet_hbond.range_2_label_asym_id 
_pdbx_struct_sheet_hbond.range_2_label_seq_id 
_pdbx_struct_sheet_hbond.range_2_PDB_ins_code 
_pdbx_struct_sheet_hbond.range_2_auth_atom_id 
_pdbx_struct_sheet_hbond.range_2_auth_comp_id 
_pdbx_struct_sheet_hbond.range_2_auth_asym_id 
_pdbx_struct_sheet_hbond.range_2_auth_seq_id 
A 1 2 N THR A 31 ? N THR A 31 O LYS A 60  ? O LYS A 60  
A 2 3 O VAL A 63 ? O VAL A 63 N VAL A 4   ? N VAL A 4   
A 3 4 N MET A 3  ? N MET A 3  O ILE A 94  ? O ILE A 94  
B 1 2 N SER A 99 ? N SER A 99 O GLU A 108 ? O GLU A 108 
# 
loop_
_struct_site.id 
_struct_site.pdbx_evidence_code 
_struct_site.pdbx_auth_asym_id 
_struct_site.pdbx_auth_comp_id 
_struct_site.pdbx_auth_seq_id 
_struct_site.pdbx_auth_ins_code 
_struct_site.pdbx_num_residues 
_struct_site.details 
AC1 Software A ACT 185 ? 2 'BINDING SITE FOR RESIDUE ACT A 185' 
AC2 Software A ACT 186 ? 5 'BINDING SITE FOR RESIDUE ACT A 186' 
# 
loop_
_struct_site_gen.id 
_struct_site_gen.site_id 
_struct_site_gen.pdbx_num_res 
_struct_site_gen.label_comp_id 
_struct_site_gen.label_asym_id 
_struct_site_gen.label_seq_id 
_struct_site_gen.pdbx_auth_ins_code 
_struct_site_gen.auth_comp_id 
_struct_site_gen.auth_asym_id 
_struct_site_gen.auth_seq_id 
_struct_site_gen.label_atom_id 
_struct_site_gen.label_alt_id 
_struct_site_gen.symmetry 
_struct_site_gen.details 
1 AC1 2 GLU A 108 ? GLU A 108 . ? 1_555  ? 
2 AC1 2 GLU A 108 ? GLU A 108 . ? 16_555 ? 
3 AC2 5 VAL A 64  ? VAL A 64  . ? 1_555  ? 
4 AC2 5 VAL A 65  ? VAL A 65  . ? 1_555  ? 
5 AC2 5 SER A 66  ? SER A 66  . ? 1_555  ? 
6 AC2 5 SER A 99  ? SER A 99  . ? 1_555  ? 
7 AC2 5 GLU A 108 ? GLU A 108 . ? 1_555  ? 
# 
_atom_sites.entry_id                    3O8W 
_atom_sites.fract_transf_matrix[1][1]   -0.00474863 
_atom_sites.fract_transf_matrix[1][2]   0.00732303 
_atom_sites.fract_transf_matrix[1][3]   0.00597113 
_atom_sites.fract_transf_matrix[2][1]   -0.00147860 
_atom_sites.fract_transf_matrix[2][2]   0.00602454 
_atom_sites.fract_transf_matrix[2][3]   -0.00856442 
_atom_sites.fract_transf_matrix[3][1]   -0.00933246 
_atom_sites.fract_transf_matrix[3][2]   -0.00468068 
_atom_sites.fract_transf_matrix[3][3]   -0.00168137 
_atom_sites.fract_transf_vector[1]      -0.184805 
_atom_sites.fract_transf_vector[2]      -0.177707 
_atom_sites.fract_transf_vector[3]      0.170939 
# 
loop_
_atom_type.symbol 
C 
N 
O 
S 
# 
loop_
_atom_site.group_PDB 
_atom_site.id 
_atom_site.type_symbol 
_atom_site.label_atom_id 
_atom_site.label_alt_id 
_atom_site.label_comp_id 
_atom_site.label_asym_id 
_atom_site.label_entity_id 
_atom_site.label_seq_id 
_atom_site.pdbx_PDB_ins_code 
_atom_site.Cartn_x 
_atom_site.Cartn_y 
_atom_site.Cartn_z 
_atom_site.occupancy 
_atom_site.B_iso_or_equiv 
_atom_site.pdbx_formal_charge 
_atom_site.auth_seq_id 
_atom_site.auth_comp_id 
_atom_site.auth_asym_id 
_atom_site.auth_atom_id 
_atom_site.pdbx_PDB_model_num 
ATOM   1   N N   . MET A 1 1   ? 3.225   -0.742  -15.305 1.00 18.93  ? 1   MET A N   1 
ATOM   2   C CA  . MET A 1 1   ? 2.318   -0.677  -14.117 1.00 17.48  ? 1   MET A CA  1 
ATOM   3   C C   . MET A 1 1   ? 3.035   -1.278  -12.920 1.00 17.37  ? 1   MET A C   1 
ATOM   4   O O   . MET A 1 1   ? 3.888   -2.126  -13.081 1.00 16.75  ? 1   MET A O   1 
ATOM   5   C CB  . MET A 1 1   ? 0.982   -1.454  -14.353 1.00 18.05  ? 1   MET A CB  1 
ATOM   6   C CG  . MET A 1 1   ? 0.043   -0.930  -15.547 1.00 19.03  ? 1   MET A CG  1 
ATOM   7   S SD  . MET A 1 1   ? 0.562   -1.700  -17.115 1.00 22.76  ? 1   MET A SD  1 
ATOM   8   C CE  . MET A 1 1   ? 0.178   -3.433  -16.749 1.00 13.33  ? 1   MET A CE  1 
ATOM   9   N N   . LYS A 1 2   ? 2.666   -0.834  -11.720 1.00 17.37  ? 2   LYS A N   1 
ATOM   10  C CA  . LYS A 1 2   ? 3.260   -1.327  -10.505 1.00 17.80  ? 2   LYS A CA  1 
ATOM   11  C C   . LYS A 1 2   ? 2.176   -1.611  -9.534  1.00 17.02  ? 2   LYS A C   1 
ATOM   12  O O   . LYS A 1 2   ? 1.180   -0.896  -9.503  1.00 17.99  ? 2   LYS A O   1 
ATOM   13  C CB  . LYS A 1 2   ? 4.208   -0.284  -9.866  1.00 16.20  ? 2   LYS A CB  1 
ATOM   14  C CG  . LYS A 1 2   ? 5.295   0.304   -10.791 1.00 17.15  ? 2   LYS A CG  1 
ATOM   15  C CD  . LYS A 1 2   ? 6.316   -0.749  -11.215 1.00 19.37  ? 2   LYS A CD  1 
ATOM   16  C CE  . LYS A 1 2   ? 7.389   -0.089  -12.038 1.00 21.55  ? 2   LYS A CE  1 
ATOM   17  N NZ  . LYS A 1 2   ? 7.866   -1.122  -12.950 1.00 25.56  ? 2   LYS A NZ  1 
ATOM   18  N N   . MET A 1 3   ? 2.404   -2.618  -8.698  1.00 17.58  ? 3   MET A N   1 
ATOM   19  C CA  . MET A 1 3   ? 1.583   -2.792  -7.515  1.00 18.27  ? 3   MET A CA  1 
ATOM   20  C C   . MET A 1 3   ? 2.297   -2.186  -6.344  1.00 18.45  ? 3   MET A C   1 
ATOM   21  O O   . MET A 1 3   ? 3.469   -2.520  -6.081  1.00 18.09  ? 3   MET A O   1 
ATOM   22  C CB  . MET A 1 3   ? 1.377   -4.273  -7.180  1.00 19.18  ? 3   MET A CB  1 
ATOM   23  C CG  . MET A 1 3   ? 0.285   -4.458  -6.107  1.00 25.12  ? 3   MET A CG  1 
ATOM   24  S SD  . MET A 1 3   ? 0.003   -6.124  -5.656  1.00 31.02  ? 3   MET A SD  1 
ATOM   25  C CE  . MET A 1 3   ? -1.120  -6.671  -6.936  1.00 29.41  ? 3   MET A CE  1 
ATOM   26  N N   . VAL A 1 4   ? 1.584   -1.295  -5.642  1.00 19.07  ? 4   VAL A N   1 
ATOM   27  C CA  . VAL A 1 4   ? 2.064   -0.625  -4.461  1.00 18.09  ? 4   VAL A CA  1 
ATOM   28  C C   . VAL A 1 4   ? 1.323   -1.319  -3.308  1.00 19.63  ? 4   VAL A C   1 
ATOM   29  O O   . VAL A 1 4   ? 0.074   -1.314  -3.278  1.00 19.47  ? 4   VAL A O   1 
ATOM   30  C CB  . VAL A 1 4   ? 1.743   0.923   -4.485  1.00 18.60  ? 4   VAL A CB  1 
ATOM   31  C CG1 . VAL A 1 4   ? 2.292   1.583   -3.252  1.00 16.04  ? 4   VAL A CG1 1 
ATOM   32  C CG2 . VAL A 1 4   ? 2.282   1.626   -5.824  1.00 17.12  ? 4   VAL A CG2 1 
ATOM   33  N N   . VAL A 1 5   ? 2.102   -1.941  -2.408  1.00 18.19  ? 5   VAL A N   1 
ATOM   34  C CA  . VAL A 1 5   ? 1.618   -2.717  -1.321  1.00 19.49  ? 5   VAL A CA  1 
ATOM   35  C C   . VAL A 1 5   ? 2.047   -2.019  -0.047  1.00 19.97  ? 5   VAL A C   1 
ATOM   36  O O   . VAL A 1 5   ? 3.259   -1.961  0.217   1.00 19.33  ? 5   VAL A O   1 
ATOM   37  C CB  . VAL A 1 5   ? 2.295   -4.113  -1.259  1.00 19.41  ? 5   VAL A CB  1 
ATOM   38  C CG1 . VAL A 1 5   ? 1.636   -4.928  -0.160  1.00 20.08  ? 5   VAL A CG1 1 
ATOM   39  C CG2 . VAL A 1 5   ? 2.216   -4.768  -2.579  1.00 20.78  ? 5   VAL A CG2 1 
ATOM   40  N N   . ALA A 1 6   ? 1.073   -1.540  0.752   1.00 19.87  ? 6   ALA A N   1 
ATOM   41  C CA  . ALA A 1 6   ? 1.366   -0.881  2.058   1.00 19.92  ? 6   ALA A CA  1 
ATOM   42  C C   . ALA A 1 6   ? 0.849   -1.724  3.175   1.00 20.29  ? 6   ALA A C   1 
ATOM   43  O O   . ALA A 1 6   ? -0.314  -2.142  3.139   1.00 20.54  ? 6   ALA A O   1 
ATOM   44  C CB  . ALA A 1 6   ? 0.702   0.484   2.113   1.00 18.76  ? 6   ALA A CB  1 
ATOM   45  N N   . VAL A 1 7   ? 1.682   -1.958  4.203   1.00 21.32  ? 7   VAL A N   1 
ATOM   46  C CA  . VAL A 1 7   ? 1.232   -2.653  5.408   1.00 19.89  ? 7   VAL A CA  1 
ATOM   47  C C   . VAL A 1 7   ? 1.278   -1.607  6.509   1.00 22.41  ? 7   VAL A C   1 
ATOM   48  O O   . VAL A 1 7   ? 2.354   -1.145  6.916   1.00 20.90  ? 7   VAL A O   1 
ATOM   49  C CB  . VAL A 1 7   ? 2.110   -3.885  5.747   1.00 22.14  ? 7   VAL A CB  1 
ATOM   50  C CG1 . VAL A 1 7   ? 1.474   -4.709  6.902   1.00 19.15  ? 7   VAL A CG1 1 
ATOM   51  C CG2 . VAL A 1 7   ? 2.244   -4.823  4.472   1.00 20.42  ? 7   VAL A CG2 1 
ATOM   52  N N   . ILE A 1 8   ? 0.090   -1.222  6.989   1.00 22.09  ? 8   ILE A N   1 
ATOM   53  C CA  . ILE A 1 8   ? -0.070  -0.046  7.796   1.00 21.25  ? 8   ILE A CA  1 
ATOM   54  C C   . ILE A 1 8   ? -0.834  -0.428  9.072   1.00 22.89  ? 8   ILE A C   1 
ATOM   55  O O   . ILE A 1 8   ? -1.391  -1.543  9.163   1.00 23.65  ? 8   ILE A O   1 
ATOM   56  C CB  . ILE A 1 8   ? -0.926  1.035   7.053   1.00 20.77  ? 8   ILE A CB  1 
ATOM   57  C CG1 . ILE A 1 8   ? -2.370  0.539   6.853   1.00 21.06  ? 8   ILE A CG1 1 
ATOM   58  C CG2 . ILE A 1 8   ? -0.247  1.468   5.789   1.00 19.56  ? 8   ILE A CG2 1 
ATOM   59  C CD1 . ILE A 1 8   ? -3.368  1.610   6.239   1.00 20.27  ? 8   ILE A CD1 1 
ATOM   60  N N   . ARG A 1 9   ? -0.877  0.491   10.052  1.00 23.35  ? 9   ARG A N   1 
ATOM   61  C CA  . ARG A 1 9   ? -1.672  0.262   11.302  1.00 23.05  ? 9   ARG A CA  1 
ATOM   62  C C   . ARG A 1 9   ? -3.155  0.227   10.923  1.00 21.90  ? 9   ARG A C   1 
ATOM   63  O O   . ARG A 1 9   ? -3.590  0.993   10.086  1.00 20.39  ? 9   ARG A O   1 
ATOM   64  C CB  . ARG A 1 9   ? -1.424  1.367   12.353  1.00 20.96  ? 9   ARG A CB  1 
ATOM   65  C CG  . ARG A 1 9   ? 0.032   1.612   12.714  1.00 21.35  ? 9   ARG A CG  1 
ATOM   66  C CD  . ARG A 1 9   ? 0.119   3.033   13.385  1.00 20.23  ? 9   ARG A CD  1 
ATOM   67  N NE  . ARG A 1 9   ? 1.501   3.352   13.752  1.00 23.58  ? 9   ARG A NE  1 
ATOM   68  C CZ  . ARG A 1 9   ? 2.126   2.787   14.780  1.00 29.99  ? 9   ARG A CZ  1 
ATOM   69  N NH1 . ARG A 1 9   ? 1.458   1.935   15.563  1.00 29.86  ? 9   ARG A NH1 1 
ATOM   70  N NH2 . ARG A 1 9   ? 3.387   3.116   15.082  1.00 29.58  ? 9   ARG A NH2 1 
ATOM   71  N N   . PRO A 1 10  ? -3.933  -0.678  11.522  1.00 23.86  ? 10  PRO A N   1 
ATOM   72  C CA  . PRO A 1 10  ? -5.372  -0.739  11.087  1.00 25.45  ? 10  PRO A CA  1 
ATOM   73  C C   . PRO A 1 10  ? -6.157  0.553   11.320  1.00 27.06  ? 10  PRO A C   1 
ATOM   74  O O   . PRO A 1 10  ? -7.072  0.871   10.525  1.00 27.42  ? 10  PRO A O   1 
ATOM   75  C CB  . PRO A 1 10  ? -5.961  -1.883  11.921  1.00 24.10  ? 10  PRO A CB  1 
ATOM   76  C CG  . PRO A 1 10  ? -4.749  -2.644  12.421  1.00 25.45  ? 10  PRO A CG  1 
ATOM   77  C CD  . PRO A 1 10  ? -3.652  -1.618  12.620  1.00 23.10  ? 10  PRO A CD  1 
ATOM   78  N N   . GLU A 1 11  ? -5.801  1.319   12.370  1.00 28.31  ? 11  GLU A N   1 
ATOM   79  C CA  . GLU A 1 11  ? -6.607  2.510   12.692  1.00 29.58  ? 11  GLU A CA  1 
ATOM   80  C C   . GLU A 1 11  ? -6.340  3.589   11.643  1.00 29.53  ? 11  GLU A C   1 
ATOM   81  O O   . GLU A 1 11  ? -7.094  4.581   11.555  1.00 30.00  ? 11  GLU A O   1 
ATOM   82  C CB  . GLU A 1 11  ? -6.332  3.027   14.125  1.00 30.47  ? 11  GLU A CB  1 
ATOM   83  C CG  . GLU A 1 11  ? -4.870  3.434   14.394  1.00 30.21  ? 11  GLU A CG  1 
ATOM   84  C CD  . GLU A 1 11  ? -3.971  2.265   14.719  1.00 35.05  ? 11  GLU A CD  1 
ATOM   85  O OE1 . GLU A 1 11  ? -4.278  1.076   14.414  1.00 32.15  ? 11  GLU A OE1 1 
ATOM   86  O OE2 . GLU A 1 11  ? -2.928  2.541   15.340  1.00 38.57  ? 11  GLU A OE2 1 
ATOM   87  N N   . LYS A 1 12  ? -5.295  3.387   10.819  1.00 28.70  ? 12  LYS A N   1 
ATOM   88  C CA  . LYS A 1 12  ? -4.945  4.346   9.748   1.00 27.43  ? 12  LYS A CA  1 
ATOM   89  C C   . LYS A 1 12  ? -5.582  4.092   8.371   1.00 26.64  ? 12  LYS A C   1 
ATOM   90  O O   . LYS A 1 12  ? -5.387  4.897   7.478   1.00 26.63  ? 12  LYS A O   1 
ATOM   91  C CB  . LYS A 1 12  ? -3.426  4.436   9.595   1.00 28.34  ? 12  LYS A CB  1 
ATOM   92  C CG  . LYS A 1 12  ? -2.753  5.256   10.713  1.00 30.13  ? 12  LYS A CG  1 
ATOM   93  C CD  . LYS A 1 12  ? -3.203  6.735   10.712  1.00 27.51  ? 12  LYS A CD  1 
ATOM   94  C CE  . LYS A 1 12  ? -2.236  7.496   11.636  1.00 33.92  ? 12  LYS A CE  1 
ATOM   95  N NZ  . LYS A 1 12  ? -2.336  8.985   11.604  1.00 38.43  ? 12  LYS A NZ  1 
ATOM   96  N N   . LEU A 1 13  ? -6.307  2.986   8.203   1.00 26.31  ? 13  LEU A N   1 
ATOM   97  C CA  . LEU A 1 13  ? -6.905  2.610   6.916   1.00 27.21  ? 13  LEU A CA  1 
ATOM   98  C C   . LEU A 1 13  ? -7.778  3.708   6.316   1.00 27.78  ? 13  LEU A C   1 
ATOM   99  O O   . LEU A 1 13  ? -7.613  4.088   5.134   1.00 28.62  ? 13  LEU A O   1 
ATOM   100 C CB  . LEU A 1 13  ? -7.702  1.294   7.051   1.00 25.29  ? 13  LEU A CB  1 
ATOM   101 C CG  . LEU A 1 13  ? -8.550  0.864   5.806   1.00 28.92  ? 13  LEU A CG  1 
ATOM   102 C CD1 . LEU A 1 13  ? -7.660  0.585   4.556   1.00 28.68  ? 13  LEU A CD1 1 
ATOM   103 C CD2 . LEU A 1 13  ? -9.506  -0.389  6.059   1.00 24.40  ? 13  LEU A CD2 1 
ATOM   104 N N   . GLU A 1 14  ? -8.685  4.259   7.122   1.00 29.35  ? 14  GLU A N   1 
ATOM   105 C CA  . GLU A 1 14  ? -9.573  5.330   6.634   1.00 31.32  ? 14  GLU A CA  1 
ATOM   106 C C   . GLU A 1 14  ? -8.823  6.539   6.146   1.00 30.81  ? 14  GLU A C   1 
ATOM   107 O O   . GLU A 1 14  ? -9.134  7.032   5.078   1.00 30.58  ? 14  GLU A O   1 
ATOM   108 C CB  . GLU A 1 14  ? -10.642 5.754   7.670   1.00 32.51  ? 14  GLU A CB  1 
ATOM   109 C CG  . GLU A 1 14  ? -11.588 4.594   8.044   1.00 36.81  ? 14  GLU A CG  1 
ATOM   110 C CD  . GLU A 1 14  ? -12.276 3.963   6.819   1.00 42.11  ? 14  GLU A CD  1 
ATOM   111 O OE1 . GLU A 1 14  ? -12.780 4.719   5.933   1.00 44.06  ? 14  GLU A OE1 1 
ATOM   112 O OE2 . GLU A 1 14  ? -12.298 2.704   6.753   1.00 42.88  ? 14  GLU A OE2 1 
ATOM   113 N N   . CYS A 1 15  ? -7.824  6.992   6.891   1.00 31.35  ? 15  CYS A N   1 
ATOM   114 C CA  . CYS A 1 15  ? -6.981  8.125   6.446   1.00 33.28  ? 15  CYS A CA  1 
ATOM   115 C C   . CYS A 1 15  ? -6.293  7.834   5.130   1.00 31.33  ? 15  CYS A C   1 
ATOM   116 O O   . CYS A 1 15  ? -6.178  8.710   4.289   1.00 30.50  ? 15  CYS A O   1 
ATOM   117 C CB  . CYS A 1 15  ? -5.822  8.369   7.430   1.00 34.19  ? 15  CYS A CB  1 
ATOM   118 S SG  . CYS A 1 15  ? -6.310  9.119   8.959   1.00 48.36  ? 15  CYS A SG  1 
ATOM   119 N N   . VAL A 1 16  ? -5.737  6.624   5.022   1.00 29.74  ? 16  VAL A N   1 
ATOM   120 C CA  . VAL A 1 16  ? -5.048  6.226   3.800   1.00 28.55  ? 16  VAL A CA  1 
ATOM   121 C C   . VAL A 1 16  ? -6.044  6.159   2.644   1.00 28.19  ? 16  VAL A C   1 
ATOM   122 O O   . VAL A 1 16  ? -5.734  6.625   1.559   1.00 26.28  ? 16  VAL A O   1 
ATOM   123 C CB  . VAL A 1 16  ? -4.254  4.880   3.971   1.00 28.38  ? 16  VAL A CB  1 
ATOM   124 C CG1 . VAL A 1 16  ? -3.744  4.416   2.629   1.00 26.03  ? 16  VAL A CG1 1 
ATOM   125 C CG2 . VAL A 1 16  ? -3.093  5.073   4.966   1.00 24.69  ? 16  VAL A CG2 1 
ATOM   126 N N   . LYS A 1 17  ? -7.239  5.599   2.872   1.00 29.30  ? 17  LYS A N   1 
ATOM   127 C CA  . LYS A 1 17  ? -8.276  5.622   1.814   1.00 30.65  ? 17  LYS A CA  1 
ATOM   128 C C   . LYS A 1 17  ? -8.606  7.015   1.318   1.00 31.04  ? 17  LYS A C   1 
ATOM   129 O O   . LYS A 1 17  ? -8.633  7.273   0.111   1.00 31.81  ? 17  LYS A O   1 
ATOM   130 C CB  . LYS A 1 17  ? -9.576  5.051   2.308   1.00 30.77  ? 17  LYS A CB  1 
ATOM   131 C CG  . LYS A 1 17  ? -9.667  3.609   2.259   1.00 34.98  ? 17  LYS A CG  1 
ATOM   132 C CD  . LYS A 1 17  ? -11.020 3.171   2.831   1.00 45.56  ? 17  LYS A CD  1 
ATOM   133 C CE  . LYS A 1 17  ? -12.172 3.645   1.921   1.00 47.16  ? 17  LYS A CE  1 
ATOM   134 N NZ  . LYS A 1 17  ? -13.486 3.668   2.670   1.00 55.41  ? 17  LYS A NZ  1 
ATOM   135 N N   . LYS A 1 18  ? -8.914  7.912   2.245   1.00 32.23  ? 18  LYS A N   1 
ATOM   136 C CA  . LYS A 1 18  ? -9.205  9.305   1.917   1.00 33.57  ? 18  LYS A CA  1 
ATOM   137 C C   . LYS A 1 18  ? -8.056  9.939   1.170   1.00 33.09  ? 18  LYS A C   1 
ATOM   138 O O   . LYS A 1 18  ? -8.263  10.534  0.123   1.00 34.22  ? 18  LYS A O   1 
ATOM   139 C CB  . LYS A 1 18  ? -9.464  10.134  3.201   1.00 34.27  ? 18  LYS A CB  1 
ATOM   140 C CG  . LYS A 1 18  ? -10.888 9.970   3.755   1.00 42.40  ? 18  LYS A CG  1 
ATOM   141 C CD  . LYS A 1 18  ? -11.090 8.633   4.579   1.00 50.03  ? 18  LYS A CD  1 
ATOM   142 C CE  . LYS A 1 18  ? -12.485 8.501   5.265   1.00 53.44  ? 18  LYS A CE  1 
ATOM   143 N NZ  . LYS A 1 18  ? -12.923 9.734   6.024   1.00 52.88  ? 18  LYS A NZ  1 
ATOM   144 N N   . ALA A 1 19  ? -6.831  9.810   1.692   1.00 31.27  ? 19  ALA A N   1 
ATOM   145 C CA  . ALA A 1 19  ? -5.683  10.429  1.028   1.00 31.05  ? 19  ALA A CA  1 
ATOM   146 C C   . ALA A 1 19  ? -5.482  9.910   -0.412  1.00 30.94  ? 19  ALA A C   1 
ATOM   147 O O   . ALA A 1 19  ? -5.130  10.683  -1.321  1.00 30.72  ? 19  ALA A O   1 
ATOM   148 C CB  . ALA A 1 19  ? -4.422  10.227  1.857   1.00 30.65  ? 19  ALA A CB  1 
ATOM   149 N N   . LEU A 1 20  ? -5.723  8.619   -0.620  1.00 29.44  ? 20  LEU A N   1 
ATOM   150 C CA  . LEU A 1 20  ? -5.639  8.070   -1.983  1.00 30.30  ? 20  LEU A CA  1 
ATOM   151 C C   . LEU A 1 20  ? -6.796  8.514   -2.866  1.00 30.76  ? 20  LEU A C   1 
ATOM   152 O O   . LEU A 1 20  ? -6.567  8.919   -4.006  1.00 27.74  ? 20  LEU A O   1 
ATOM   153 C CB  . LEU A 1 20  ? -5.516  6.537   -1.970  1.00 29.08  ? 20  LEU A CB  1 
ATOM   154 C CG  . LEU A 1 20  ? -4.129  6.000   -1.530  1.00 28.92  ? 20  LEU A CG  1 
ATOM   155 C CD1 . LEU A 1 20  ? -4.315  4.539   -1.338  1.00 30.56  ? 20  LEU A CD1 1 
ATOM   156 C CD2 . LEU A 1 20  ? -3.053  6.186   -2.549  1.00 22.85  ? 20  LEU A CD2 1 
ATOM   157 N N   . GLU A 1 21  ? -8.025  8.471   -2.329  1.00 33.79  ? 21  GLU A N   1 
ATOM   158 C CA  . GLU A 1 21  ? -9.214  8.942   -3.087  1.00 37.21  ? 21  GLU A CA  1 
ATOM   159 C C   . GLU A 1 21  ? -9.047  10.351  -3.656  1.00 37.64  ? 21  GLU A C   1 
ATOM   160 O O   . GLU A 1 21  ? -9.383  10.599  -4.828  1.00 38.27  ? 21  GLU A O   1 
ATOM   161 C CB  . GLU A 1 21  ? -10.471 8.966   -2.232  1.00 37.39  ? 21  GLU A CB  1 
ATOM   162 C CG  . GLU A 1 21  ? -11.009 7.616   -1.778  1.00 43.74  ? 21  GLU A CG  1 
ATOM   163 C CD  . GLU A 1 21  ? -12.221 7.784   -0.806  1.00 49.59  ? 21  GLU A CD  1 
ATOM   164 O OE1 . GLU A 1 21  ? -12.923 8.827   -0.919  1.00 53.13  ? 21  GLU A OE1 1 
ATOM   165 O OE2 . GLU A 1 21  ? -12.450 6.902   0.070   1.00 51.86  ? 21  GLU A OE2 1 
ATOM   166 N N   . GLU A 1 22  ? -8.552  11.262  -2.818  1.00 38.70  ? 22  GLU A N   1 
ATOM   167 C CA  . GLU A 1 22  ? -8.330  12.700  -3.171  1.00 40.06  ? 22  GLU A CA  1 
ATOM   168 C C   . GLU A 1 22  ? -7.318  12.923  -4.281  1.00 39.06  ? 22  GLU A C   1 
ATOM   169 O O   . GLU A 1 22  ? -7.300  13.983  -4.931  1.00 39.49  ? 22  GLU A O   1 
ATOM   170 C CB  . GLU A 1 22  ? -7.865  13.468  -1.940  1.00 40.70  ? 22  GLU A CB  1 
ATOM   171 C CG  . GLU A 1 22  ? -8.990  13.717  -0.931  1.00 47.48  ? 22  GLU A CG  1 
ATOM   172 C CD  . GLU A 1 22  ? -8.491  13.957  0.512   1.00 54.72  ? 22  GLU A CD  1 
ATOM   173 O OE1 . GLU A 1 22  ? -7.236  14.044  0.737   1.00 53.71  ? 22  GLU A OE1 1 
ATOM   174 O OE2 . GLU A 1 22  ? -9.389  14.034  1.410   1.00 57.52  ? 22  GLU A OE2 1 
ATOM   175 N N   . ARG A 1 23  ? -6.446  11.943  -4.483  1.00 37.46  ? 23  ARG A N   1 
ATOM   176 C CA  . ARG A 1 23  ? -5.515  12.048  -5.587  1.00 36.62  ? 23  ARG A CA  1 
ATOM   177 C C   . ARG A 1 23  ? -6.071  11.243  -6.794  1.00 34.94  ? 23  ARG A C   1 
ATOM   178 O O   . ARG A 1 23  ? -5.476  11.180  -7.845  1.00 34.19  ? 23  ARG A O   1 
ATOM   179 C CB  . ARG A 1 23  ? -4.064  11.672  -5.172  1.00 37.04  ? 23  ARG A CB  1 
ATOM   180 C CG  . ARG A 1 23  ? -3.578  12.351  -3.902  1.00 40.58  ? 23  ARG A CG  1 
ATOM   181 C CD  . ARG A 1 23  ? -2.218  13.019  -4.005  1.00 48.65  ? 23  ARG A CD  1 
ATOM   182 N NE  . ARG A 1 23  ? -1.760  13.391  -2.656  1.00 53.58  ? 23  ARG A NE  1 
ATOM   183 C CZ  . ARG A 1 23  ? -0.496  13.352  -2.198  1.00 57.52  ? 23  ARG A CZ  1 
ATOM   184 N NH1 . ARG A 1 23  ? 0.539   12.948  -2.976  1.00 56.79  ? 23  ARG A NH1 1 
ATOM   185 N NH2 . ARG A 1 23  ? -0.263  13.699  -0.920  1.00 57.72  ? 23  ARG A NH2 1 
ATOM   186 N N   . GLY A 1 24  ? -7.240  10.656  -6.647  1.00 33.48  ? 24  GLY A N   1 
ATOM   187 C CA  . GLY A 1 24  ? -7.840  10.021  -7.792  1.00 33.05  ? 24  GLY A CA  1 
ATOM   188 C C   . GLY A 1 24  ? -7.600  8.536   -7.847  1.00 33.55  ? 24  GLY A C   1 
ATOM   189 O O   . GLY A 1 24  ? -7.776  7.950   -8.913  1.00 34.41  ? 24  GLY A O   1 
ATOM   190 N N   . PHE A 1 25  ? -7.214  7.934   -6.712  1.00 32.42  ? 25  PHE A N   1 
ATOM   191 C CA  . PHE A 1 25  ? -6.968  6.483   -6.613  1.00 32.30  ? 25  PHE A CA  1 
ATOM   192 C C   . PHE A 1 25  ? -8.040  5.850   -5.714  1.00 32.86  ? 25  PHE A C   1 
ATOM   193 O O   . PHE A 1 25  ? -7.975  5.914   -4.468  1.00 32.57  ? 25  PHE A O   1 
ATOM   194 C CB  . PHE A 1 25  ? -5.546  6.159   -6.101  1.00 31.17  ? 25  PHE A CB  1 
ATOM   195 C CG  . PHE A 1 25  ? -4.459  6.824   -6.893  1.00 29.84  ? 25  PHE A CG  1 
ATOM   196 C CD1 . PHE A 1 25  ? -4.023  6.281   -8.115  1.00 30.61  ? 25  PHE A CD1 1 
ATOM   197 C CD2 . PHE A 1 25  ? -3.867  7.991   -6.432  1.00 29.84  ? 25  PHE A CD2 1 
ATOM   198 C CE1 . PHE A 1 25  ? -3.019  6.915   -8.882  1.00 24.05  ? 25  PHE A CE1 1 
ATOM   199 C CE2 . PHE A 1 25  ? -2.830  8.649   -7.200  1.00 31.92  ? 25  PHE A CE2 1 
ATOM   200 C CZ  . PHE A 1 25  ? -2.440  8.113   -8.422  1.00 28.24  ? 25  PHE A CZ  1 
ATOM   201 N N   . VAL A 1 26  ? -9.047  5.266   -6.359  1.00 32.66  ? 26  VAL A N   1 
ATOM   202 C CA  . VAL A 1 26  ? -10.163 4.692   -5.657  1.00 32.36  ? 26  VAL A CA  1 
ATOM   203 C C   . VAL A 1 26  ? -10.059 3.139   -5.648  1.00 31.51  ? 26  VAL A C   1 
ATOM   204 O O   . VAL A 1 26  ? -10.267 2.511   -4.632  1.00 31.72  ? 26  VAL A O   1 
ATOM   205 C CB  . VAL A 1 26  ? -11.488 5.179   -6.324  1.00 33.90  ? 26  VAL A CB  1 
ATOM   206 C CG1 . VAL A 1 26  ? -12.720 4.626   -5.594  1.00 32.48  ? 26  VAL A CG1 1 
ATOM   207 C CG2 . VAL A 1 26  ? -11.521 6.751   -6.378  1.00 35.09  ? 26  VAL A CG2 1 
ATOM   208 N N   . GLY A 1 27  ? -9.713  2.526   -6.763  1.00 30.79  ? 27  GLY A N   1 
ATOM   209 C CA  . GLY A 1 27  ? -9.546  1.045   -6.770  1.00 30.87  ? 27  GLY A CA  1 
ATOM   210 C C   . GLY A 1 27  ? -8.438  0.642   -5.789  1.00 30.25  ? 27  GLY A C   1 
ATOM   211 O O   . GLY A 1 27  ? -7.324  1.187   -5.853  1.00 30.26  ? 27  GLY A O   1 
ATOM   212 N N   . MET A 1 28  ? -8.743  -0.301  -4.903  1.00 27.99  ? 28  MET A N   1 
ATOM   213 C CA  . MET A 1 28  ? -7.736  -0.914  -4.014  1.00 27.56  ? 28  MET A CA  1 
ATOM   214 C C   . MET A 1 28  ? -8.278  -2.245  -3.523  1.00 26.65  ? 28  MET A C   1 
ATOM   215 O O   . MET A 1 28  ? -9.472  -2.494  -3.665  1.00 25.14  ? 28  MET A O   1 
ATOM   216 C CB  . MET A 1 28  ? -7.445  -0.028  -2.787  1.00 25.82  ? 28  MET A CB  1 
ATOM   217 C CG  . MET A 1 28  ? -8.643  0.155   -1.865  1.00 28.92  ? 28  MET A CG  1 
ATOM   218 S SD  . MET A 1 28  ? -8.406  1.257   -0.463  1.00 38.20  ? 28  MET A SD  1 
ATOM   219 C CE  . MET A 1 28  ? -7.549  2.666   -1.123  1.00 38.57  ? 28  MET A CE  1 
ATOM   220 N N   . THR A 1 29  ? -7.395  -3.042  -2.899  1.00 26.07  ? 29  THR A N   1 
ATOM   221 C CA  . THR A 1 29  ? -7.705  -4.318  -2.240  1.00 25.74  ? 29  THR A CA  1 
ATOM   222 C C   . THR A 1 29  ? -7.112  -4.221  -0.857  1.00 25.25  ? 29  THR A C   1 
ATOM   223 O O   . THR A 1 29  ? -6.014  -3.684  -0.707  1.00 26.84  ? 29  THR A O   1 
ATOM   224 C CB  . THR A 1 29  ? -7.086  -5.502  -3.000  1.00 25.40  ? 29  THR A CB  1 
ATOM   225 O OG1 . THR A 1 29  ? -7.692  -5.537  -4.273  1.00 27.49  ? 29  THR A OG1 1 
ATOM   226 C CG2 . THR A 1 29  ? -7.374  -6.832  -2.325  1.00 26.14  ? 29  THR A CG2 1 
ATOM   227 N N   . VAL A 1 30  ? -7.844  -4.696  0.149   1.00 24.43  ? 30  VAL A N   1 
ATOM   228 C CA  . VAL A 1 30  ? -7.507  -4.489  1.559   1.00 24.10  ? 30  VAL A CA  1 
ATOM   229 C C   . VAL A 1 30  ? -7.565  -5.863  2.195   1.00 24.39  ? 30  VAL A C   1 
ATOM   230 O O   . VAL A 1 30  ? -8.517  -6.603  2.011   1.00 24.89  ? 30  VAL A O   1 
ATOM   231 C CB  . VAL A 1 30  ? -8.480  -3.465  2.297   1.00 25.01  ? 30  VAL A CB  1 
ATOM   232 C CG1 . VAL A 1 30  ? -8.241  -3.416  3.810   1.00 22.67  ? 30  VAL A CG1 1 
ATOM   233 C CG2 . VAL A 1 30  ? -8.334  -2.081  1.745   1.00 23.77  ? 30  VAL A CG2 1 
ATOM   234 N N   . THR A 1 31  ? -6.521  -6.228  2.906   1.00 25.28  ? 31  THR A N   1 
ATOM   235 C CA  . THR A 1 31  ? -6.483  -7.518  3.561   1.00 26.25  ? 31  THR A CA  1 
ATOM   236 C C   . THR A 1 31  ? -6.082  -7.282  4.995   1.00 28.16  ? 31  THR A C   1 
ATOM   237 O O   . THR A 1 31  ? -5.204  -6.445  5.288   1.00 28.21  ? 31  THR A O   1 
ATOM   238 C CB  . THR A 1 31  ? -5.413  -8.407  2.901   1.00 26.54  ? 31  THR A CB  1 
ATOM   239 O OG1 . THR A 1 31  ? -5.635  -8.406  1.472   1.00 25.61  ? 31  THR A OG1 1 
ATOM   240 C CG2 . THR A 1 31  ? -5.447  -9.850  3.443   1.00 25.73  ? 31  THR A CG2 1 
ATOM   241 N N   . GLU A 1 32  ? -6.727  -8.028  5.893   1.00 29.15  ? 32  GLU A N   1 
ATOM   242 C CA  . GLU A 1 32  ? -6.339  -8.067  7.311   1.00 28.72  ? 32  GLU A CA  1 
ATOM   243 C C   . GLU A 1 32  ? -5.237  -9.054  7.491   1.00 26.75  ? 32  GLU A C   1 
ATOM   244 O O   . GLU A 1 32  ? -5.364  -10.210 7.110   1.00 26.78  ? 32  GLU A O   1 
ATOM   245 C CB  . GLU A 1 32  ? -7.526  -8.519  8.175   1.00 28.99  ? 32  GLU A CB  1 
ATOM   246 C CG  . GLU A 1 32  ? -8.701  -7.584  8.014   1.00 35.93  ? 32  GLU A CG  1 
ATOM   247 C CD  . GLU A 1 32  ? -9.729  -7.735  9.157   1.00 50.09  ? 32  GLU A CD  1 
ATOM   248 O OE1 . GLU A 1 32  ? -10.408 -6.711  9.427   1.00 52.48  ? 32  GLU A OE1 1 
ATOM   249 O OE2 . GLU A 1 32  ? -9.851  -8.863  9.770   1.00 53.18  ? 32  GLU A OE2 1 
ATOM   250 N N   . VAL A 1 33  ? -4.143  -8.602  8.079   1.00 25.59  ? 33  VAL A N   1 
ATOM   251 C CA  . VAL A 1 33  ? -2.996  -9.472  8.270   1.00 24.88  ? 33  VAL A CA  1 
ATOM   252 C C   . VAL A 1 33  ? -2.438  -9.283  9.676   1.00 25.44  ? 33  VAL A C   1 
ATOM   253 O O   . VAL A 1 33  ? -2.955  -8.494  10.461  1.00 26.27  ? 33  VAL A O   1 
ATOM   254 C CB  . VAL A 1 33  ? -1.884  -9.168  7.220   1.00 23.87  ? 33  VAL A CB  1 
ATOM   255 C CG1 . VAL A 1 33  ? -2.425  -9.427  5.749   1.00 20.59  ? 33  VAL A CG1 1 
ATOM   256 C CG2 . VAL A 1 33  ? -1.334  -7.712  7.401   1.00 20.69  ? 33  VAL A CG2 1 
ATOM   257 N N   . LYS A 1 34  ? -1.350  -9.970  9.966   1.00 26.56  ? 34  LYS A N   1 
ATOM   258 C CA  . LYS A 1 34  ? -0.560  -9.648  11.143  1.00 27.76  ? 34  LYS A CA  1 
ATOM   259 C C   . LYS A 1 34  ? 0.864   -9.417  10.678  1.00 29.70  ? 34  LYS A C   1 
ATOM   260 O O   . LYS A 1 34  ? 1.347   -10.088 9.735   1.00 29.56  ? 34  LYS A O   1 
ATOM   261 C CB  . LYS A 1 34  ? -0.610  -10.775 12.160  1.00 26.82  ? 34  LYS A CB  1 
ATOM   262 C CG  . LYS A 1 34  ? -2.025  -11.025 12.703  1.00 31.09  ? 34  LYS A CG  1 
ATOM   263 C CD  . LYS A 1 34  ? -2.052  -12.237 13.610  1.00 39.04  ? 34  LYS A CD  1 
ATOM   264 C CE  . LYS A 1 34  ? -3.448  -12.385 14.240  1.00 46.08  ? 34  LYS A CE  1 
ATOM   265 N NZ  . LYS A 1 34  ? -3.598  -13.746 14.868  1.00 50.80  ? 34  LYS A NZ  1 
ATOM   266 N N   . GLY A 1 35  ? 1.539   -8.479  11.326  1.00 30.87  ? 35  GLY A N   1 
ATOM   267 C CA  . GLY A 1 35  ? 2.916   -8.211  11.014  1.00 34.62  ? 35  GLY A CA  1 
ATOM   268 C C   . GLY A 1 35  ? 3.697   -7.704  12.204  1.00 36.46  ? 35  GLY A C   1 
ATOM   269 O O   . GLY A 1 35  ? 3.119   -7.359  13.235  1.00 37.73  ? 35  GLY A O   1 
ATOM   270 N N   . ARG A 1 36  ? 5.011   -7.713  12.059  1.00 38.07  ? 36  ARG A N   1 
ATOM   271 C CA  . ARG A 1 36  ? 5.952   -7.069  12.969  1.00 40.79  ? 36  ARG A CA  1 
ATOM   272 C C   . ARG A 1 36  ? 7.088   -6.535  12.092  1.00 42.76  ? 36  ARG A C   1 
ATOM   273 O O   . ARG A 1 36  ? 7.333   -7.078  11.001  1.00 41.53  ? 36  ARG A O   1 
ATOM   274 C CB  . ARG A 1 36  ? 6.410   -8.037  14.068  1.00 39.79  ? 36  ARG A CB  1 
ATOM   275 C CG  . ARG A 1 36  ? 7.326   -9.166  13.636  1.00 41.16  ? 36  ARG A CG  1 
ATOM   276 C CD  . ARG A 1 36  ? 7.628   -10.168 14.784  1.00 42.78  ? 36  ARG A CD  1 
ATOM   277 N NE  . ARG A 1 36  ? 8.551   -11.232 14.378  1.00 41.38  ? 36  ARG A NE  1 
ATOM   278 C CZ  . ARG A 1 36  ? 8.839   -12.307 15.111  1.00 47.31  ? 36  ARG A CZ  1 
ATOM   279 N NH1 . ARG A 1 36  ? 8.274   -12.501 16.311  1.00 47.81  ? 36  ARG A NH1 1 
ATOM   280 N NH2 . ARG A 1 36  ? 9.699   -13.208 14.647  1.00 45.77  ? 36  ARG A NH2 1 
ATOM   281 N N   . GLY A 1 37  ? 7.705   -5.427  12.516  1.00 46.45  ? 37  GLY A N   1 
ATOM   282 C CA  . GLY A 1 37  ? 8.875   -4.830  11.815  1.00 50.32  ? 37  GLY A CA  1 
ATOM   283 C C   . GLY A 1 37  ? 10.139  -5.235  12.543  1.00 54.29  ? 37  GLY A C   1 
ATOM   284 O O   . GLY A 1 37  ? 10.071  -6.004  13.494  1.00 53.81  ? 37  GLY A O   1 
ATOM   285 N N   . GLU A 1 38  ? 11.306  -4.742  12.124  1.00 58.95  ? 38  GLU A N   1 
ATOM   286 C CA  . GLU A 1 38  ? 12.503  -4.939  12.956  1.00 63.55  ? 38  GLU A CA  1 
ATOM   287 C C   . GLU A 1 38  ? 12.734  -3.674  13.787  1.00 66.47  ? 38  GLU A C   1 
ATOM   288 O O   . GLU A 1 38  ? 12.724  -2.559  13.236  1.00 67.40  ? 38  GLU A O   1 
ATOM   289 C CB  . GLU A 1 38  ? 13.736  -5.325  12.125  1.00 63.91  ? 38  GLU A CB  1 
ATOM   290 C CG  . GLU A 1 38  ? 15.129  -5.181  12.854  1.00 66.91  ? 38  GLU A CG  1 
ATOM   291 C CD  . GLU A 1 38  ? 15.491  -6.352  13.807  1.00 68.65  ? 38  GLU A CD  1 
ATOM   292 O OE1 . GLU A 1 38  ? 15.746  -6.087  15.009  1.00 69.56  ? 38  GLU A OE1 1 
ATOM   293 O OE2 . GLU A 1 38  ? 15.554  -7.524  13.349  1.00 69.09  ? 38  GLU A OE2 1 
ATOM   294 N N   . GLN A 1 39  ? 12.890  -3.840  15.108  1.00 69.45  ? 39  GLN A N   1 
ATOM   295 C CA  . GLN A 1 39  ? 13.113  -2.693  16.019  1.00 72.44  ? 39  GLN A CA  1 
ATOM   296 C C   . GLN A 1 39  ? 14.579  -2.570  16.532  1.00 74.00  ? 39  GLN A C   1 
ATOM   297 O O   . GLN A 1 39  ? 15.293  -3.588  16.678  1.00 74.11  ? 39  GLN A O   1 
ATOM   298 C CB  . GLN A 1 39  ? 12.073  -2.671  17.175  1.00 72.51  ? 39  GLN A CB  1 
ATOM   299 C CG  . GLN A 1 39  ? 12.416  -1.711  18.335  1.00 74.31  ? 39  GLN A CG  1 
ATOM   300 C CD  . GLN A 1 39  ? 11.244  -0.887  18.888  1.00 76.98  ? 39  GLN A CD  1 
ATOM   301 O OE1 . GLN A 1 39  ? 11.249  0.353   18.797  1.00 77.35  ? 39  GLN A OE1 1 
ATOM   302 N NE2 . GLN A 1 39  ? 10.264  -1.561  19.495  1.00 76.60  ? 39  GLN A NE2 1 
ATOM   303 N N   . LYS A 1 40  ? 15.014  -1.323  16.768  1.00 75.75  ? 40  LYS A N   1 
ATOM   304 C CA  . LYS A 1 40  ? 16.311  -1.029  17.410  1.00 77.64  ? 40  LYS A CA  1 
ATOM   305 C C   . LYS A 1 40  ? 16.177  -0.752  18.907  1.00 78.91  ? 40  LYS A C   1 
ATOM   306 O O   . LYS A 1 40  ? 15.161  -0.215  19.359  1.00 78.83  ? 40  LYS A O   1 
ATOM   307 C CB  . LYS A 1 40  ? 17.032  0.119   16.695  1.00 77.24  ? 40  LYS A CB  1 
ATOM   308 C CG  . LYS A 1 40  ? 17.479  -0.255  15.286  1.00 77.66  ? 40  LYS A CG  1 
ATOM   309 C CD  . LYS A 1 40  ? 18.305  -1.552  15.286  1.00 76.71  ? 40  LYS A CD  1 
ATOM   310 C CE  . LYS A 1 40  ? 18.391  -2.192  13.906  1.00 77.03  ? 40  LYS A CE  1 
ATOM   311 N NZ  . LYS A 1 40  ? 19.505  -1.630  13.093  1.00 75.73  ? 40  LYS A NZ  1 
ATOM   312 N N   . GLY A 1 41  ? 17.200  -1.133  19.668  1.00 80.65  ? 41  GLY A N   1 
ATOM   313 C CA  . GLY A 1 41  ? 17.176  -0.977  21.122  1.00 83.74  ? 41  GLY A CA  1 
ATOM   314 C C   . GLY A 1 41  ? 17.316  -2.248  21.943  1.00 85.99  ? 41  GLY A C   1 
ATOM   315 O O   . GLY A 1 41  ? 17.181  -3.357  21.414  1.00 86.05  ? 41  GLY A O   1 
ATOM   316 N N   . ILE A 1 42  ? 17.609  -2.064  23.235  1.00 88.45  ? 42  ILE A N   1 
ATOM   317 C CA  . ILE A 1 42  ? 17.669  -3.139  24.245  1.00 90.80  ? 42  ILE A CA  1 
ATOM   318 C C   . ILE A 1 42  ? 16.355  -3.962  24.249  1.00 92.26  ? 42  ILE A C   1 
ATOM   319 O O   . ILE A 1 42  ? 15.260  -3.411  24.461  1.00 92.28  ? 42  ILE A O   1 
ATOM   320 C CB  . ILE A 1 42  ? 17.989  -2.545  25.683  1.00 90.87  ? 42  ILE A CB  1 
ATOM   321 C CG1 . ILE A 1 42  ? 19.351  -1.804  25.721  1.00 90.77  ? 42  ILE A CG1 1 
ATOM   322 C CG2 . ILE A 1 42  ? 17.850  -3.612  26.797  1.00 91.55  ? 42  ILE A CG2 1 
ATOM   323 C CD1 . ILE A 1 42  ? 20.609  -2.697  25.795  1.00 90.68  ? 42  ILE A CD1 1 
ATOM   324 N N   . ARG A 1 43  ? 16.478  -5.272  24.011  1.00 94.14  ? 43  ARG A N   1 
ATOM   325 C CA  . ARG A 1 43  ? 15.314  -6.174  23.827  1.00 96.05  ? 43  ARG A CA  1 
ATOM   326 C C   . ARG A 1 43  ? 14.504  -6.472  25.121  1.00 96.66  ? 43  ARG A C   1 
ATOM   327 O O   . ARG A 1 43  ? 13.413  -5.926  25.304  1.00 96.62  ? 43  ARG A O   1 
ATOM   328 C CB  . ARG A 1 43  ? 15.717  -7.485  23.095  1.00 96.46  ? 43  ARG A CB  1 
ATOM   329 C CG  . ARG A 1 43  ? 17.080  -7.454  22.344  1.00 98.06  ? 43  ARG A CG  1 
ATOM   330 C CD  . ARG A 1 43  ? 18.159  -8.302  23.048  1.00 100.34 ? 43  ARG A CD  1 
ATOM   331 N NE  . ARG A 1 43  ? 17.935  -8.405  24.494  1.00 102.57 ? 43  ARG A NE  1 
ATOM   332 C CZ  . ARG A 1 43  ? 18.618  -9.183  25.337  1.00 103.46 ? 43  ARG A CZ  1 
ATOM   333 N NH1 . ARG A 1 43  ? 19.613  -9.957  24.902  1.00 103.58 ? 43  ARG A NH1 1 
ATOM   334 N NH2 . ARG A 1 43  ? 18.301  -9.183  26.631  1.00 103.50 ? 43  ARG A NH2 1 
ATOM   335 N N   . LEU A 1 44  ? 15.048  -7.352  25.976  1.00 97.62  ? 44  LEU A N   1 
ATOM   336 C CA  . LEU A 1 44  ? 14.523  -7.710  27.322  1.00 98.24  ? 44  LEU A CA  1 
ATOM   337 C C   . LEU A 1 44  ? 13.002  -7.638  27.518  1.00 98.34  ? 44  LEU A C   1 
ATOM   338 O O   . LEU A 1 44  ? 12.355  -8.640  27.833  1.00 98.54  ? 44  LEU A O   1 
ATOM   339 C CB  . LEU A 1 44  ? 15.288  -6.956  28.448  1.00 98.55  ? 44  LEU A CB  1 
ATOM   340 C CG  . LEU A 1 44  ? 15.024  -5.560  29.070  1.00 99.17  ? 44  LEU A CG  1 
ATOM   341 C CD1 . LEU A 1 44  ? 16.234  -5.116  29.921  1.00 99.23  ? 44  LEU A CD1 1 
ATOM   342 C CD2 . LEU A 1 44  ? 14.658  -4.446  28.074  1.00 99.80  ? 44  LEU A CD2 1 
ATOM   343 N N   . VAL A 1 53  ? 8.624   -10.324 20.501  1.00 60.61  ? 53  VAL A N   1 
ATOM   344 C CA  . VAL A 1 53  ? 7.738   -9.396  19.721  1.00 60.23  ? 53  VAL A CA  1 
ATOM   345 C C   . VAL A 1 53  ? 6.671   -10.230 19.078  1.00 59.25  ? 53  VAL A C   1 
ATOM   346 O O   . VAL A 1 53  ? 6.958   -11.122 18.265  1.00 59.82  ? 53  VAL A O   1 
ATOM   347 C CB  . VAL A 1 53  ? 8.453   -8.673  18.550  1.00 60.88  ? 53  VAL A CB  1 
ATOM   348 C CG1 . VAL A 1 53  ? 7.949   -7.215  18.447  1.00 61.06  ? 53  VAL A CG1 1 
ATOM   349 C CG2 . VAL A 1 53  ? 10.006  -8.777  18.656  1.00 61.30  ? 53  VAL A CG2 1 
ATOM   350 N N   . ASP A 1 54  ? 5.434   -9.940  19.435  1.00 57.78  ? 54  ASP A N   1 
ATOM   351 C CA  . ASP A 1 54  ? 4.312   -10.656 18.873  1.00 56.07  ? 54  ASP A CA  1 
ATOM   352 C C   . ASP A 1 54  ? 3.991   -10.071 17.511  1.00 53.63  ? 54  ASP A C   1 
ATOM   353 O O   . ASP A 1 54  ? 4.328   -8.916  17.195  1.00 52.79  ? 54  ASP A O   1 
ATOM   354 C CB  . ASP A 1 54  ? 3.092   -10.515 19.780  1.00 57.21  ? 54  ASP A CB  1 
ATOM   355 C CG  . ASP A 1 54  ? 3.434   -10.709 21.263  1.00 60.79  ? 54  ASP A CG  1 
ATOM   356 O OD1 . ASP A 1 54  ? 4.478   -11.362 21.583  1.00 62.72  ? 54  ASP A OD1 1 
ATOM   357 O OD2 . ASP A 1 54  ? 2.641   -10.217 22.100  1.00 62.73  ? 54  ASP A OD2 1 
ATOM   358 N N   . LEU A 1 55  ? 3.322   -10.887 16.717  1.00 50.41  ? 55  LEU A N   1 
ATOM   359 C CA  . LEU A 1 55  ? 2.723   -10.422 15.505  1.00 47.09  ? 55  LEU A CA  1 
ATOM   360 C C   . LEU A 1 55  ? 1.457   -9.658  15.880  1.00 45.10  ? 55  LEU A C   1 
ATOM   361 O O   . LEU A 1 55  ? 0.559   -10.186 16.526  1.00 45.02  ? 55  LEU A O   1 
ATOM   362 C CB  . LEU A 1 55  ? 2.394   -11.618 14.641  1.00 46.11  ? 55  LEU A CB  1 
ATOM   363 C CG  . LEU A 1 55  ? 3.220   -11.991 13.419  1.00 46.14  ? 55  LEU A CG  1 
ATOM   364 C CD1 . LEU A 1 55  ? 4.573   -11.322 13.230  1.00 41.96  ? 55  LEU A CD1 1 
ATOM   365 C CD2 . LEU A 1 55  ? 3.330   -13.495 13.429  1.00 47.37  ? 55  LEU A CD2 1 
ATOM   366 N N   . LEU A 1 56  ? 1.406   -8.411  15.465  1.00 42.09  ? 56  LEU A N   1 
ATOM   367 C CA  . LEU A 1 56  ? 0.267   -7.542  15.724  1.00 40.06  ? 56  LEU A CA  1 
ATOM   368 C C   . LEU A 1 56  ? -0.658  -7.446  14.495  1.00 38.96  ? 56  LEU A C   1 
ATOM   369 O O   . LEU A 1 56  ? -0.217  -7.613  13.344  1.00 37.25  ? 56  LEU A O   1 
ATOM   370 C CB  . LEU A 1 56  ? 0.812   -6.158  16.037  1.00 39.49  ? 56  LEU A CB  1 
ATOM   371 C CG  . LEU A 1 56  ? 0.952   -5.682  17.466  1.00 40.94  ? 56  LEU A CG  1 
ATOM   372 C CD1 . LEU A 1 56  ? 1.058   -6.823  18.519  1.00 41.55  ? 56  LEU A CD1 1 
ATOM   373 C CD2 . LEU A 1 56  ? 2.108   -4.696  17.540  1.00 43.08  ? 56  LEU A CD2 1 
ATOM   374 N N   . GLN A 1 57  ? -1.927  -7.130  14.737  1.00 36.49  ? 57  GLN A N   1 
ATOM   375 C CA  . GLN A 1 57  ? -2.852  -6.937  13.654  1.00 35.52  ? 57  GLN A CA  1 
ATOM   376 C C   . GLN A 1 57  ? -2.450  -5.735  12.799  1.00 32.69  ? 57  GLN A C   1 
ATOM   377 O O   . GLN A 1 57  ? -2.045  -4.688  13.317  1.00 30.09  ? 57  GLN A O   1 
ATOM   378 C CB  . GLN A 1 57  ? -4.250  -6.824  14.219  1.00 36.38  ? 57  GLN A CB  1 
ATOM   379 C CG  . GLN A 1 57  ? -5.236  -6.226  13.272  1.00 44.51  ? 57  GLN A CG  1 
ATOM   380 C CD  . GLN A 1 57  ? -6.618  -6.071  13.912  1.00 58.62  ? 57  GLN A CD  1 
ATOM   381 O OE1 . GLN A 1 57  ? -7.509  -5.374  13.349  1.00 62.38  ? 57  GLN A OE1 1 
ATOM   382 N NE2 . GLN A 1 57  ? -6.807  -6.703  15.117  1.00 59.94  ? 57  GLN A NE2 1 
ATOM   383 N N   . LYS A 1 58  ? -2.476  -5.917  11.472  1.00 31.07  ? 58  LYS A N   1 
ATOM   384 C CA  . LYS A 1 58  ? -2.158  -4.793  10.537  1.00 29.22  ? 58  LYS A CA  1 
ATOM   385 C C   . LYS A 1 58  ? -3.078  -4.835  9.334   1.00 27.50  ? 58  LYS A C   1 
ATOM   386 O O   . LYS A 1 58  ? -3.826  -5.783  9.147   1.00 28.19  ? 58  LYS A O   1 
ATOM   387 C CB  . LYS A 1 58  ? -0.698  -4.850  10.040  1.00 29.33  ? 58  LYS A CB  1 
ATOM   388 C CG  . LYS A 1 58  ? 0.398   -4.876  11.113  1.00 28.23  ? 58  LYS A CG  1 
ATOM   389 C CD  . LYS A 1 58  ? 0.580   -3.498  11.787  1.00 29.69  ? 58  LYS A CD  1 
ATOM   390 C CE  . LYS A 1 58  ? 1.808   -3.426  12.771  1.00 29.58  ? 58  LYS A CE  1 
ATOM   391 N NZ  . LYS A 1 58  ? 1.901   -2.011  13.363  1.00 26.33  ? 58  LYS A NZ  1 
ATOM   392 N N   . THR A 1 59  ? -3.024  -3.825  8.494   1.00 25.32  ? 59  THR A N   1 
ATOM   393 C CA  . THR A 1 59  ? -3.893  -3.841  7.358   1.00 24.67  ? 59  THR A CA  1 
ATOM   394 C C   . THR A 1 59  ? -3.045  -3.682  6.104   1.00 23.49  ? 59  THR A C   1 
ATOM   395 O O   . THR A 1 59  ? -2.201  -2.795  6.055   1.00 22.44  ? 59  THR A O   1 
ATOM   396 C CB  . THR A 1 59  ? -4.899  -2.666  7.447   1.00 25.51  ? 59  THR A CB  1 
ATOM   397 O OG1 . THR A 1 59  ? -5.626  -2.775  8.665   1.00 26.98  ? 59  THR A OG1 1 
ATOM   398 C CG2 . THR A 1 59  ? -5.867  -2.704  6.320   1.00 22.34  ? 59  THR A CG2 1 
ATOM   399 N N   . LYS A 1 60  ? -3.249  -4.570  5.124   1.00 23.10  ? 60  LYS A N   1 
ATOM   400 C CA  . LYS A 1 60  ? -2.547  -4.495  3.848   1.00 22.19  ? 60  LYS A CA  1 
ATOM   401 C C   . LYS A 1 60  ? -3.423  -3.790  2.847   1.00 22.58  ? 60  LYS A C   1 
ATOM   402 O O   . LYS A 1 60  ? -4.539  -4.203  2.640   1.00 23.68  ? 60  LYS A O   1 
ATOM   403 C CB  . LYS A 1 60  ? -2.277  -5.892  3.313   1.00 21.45  ? 60  LYS A CB  1 
ATOM   404 C CG  . LYS A 1 60  ? -1.369  -5.892  2.029   1.00 21.42  ? 60  LYS A CG  1 
ATOM   405 C CD  . LYS A 1 60  ? -1.169  -7.319  1.476   1.00 19.21  ? 60  LYS A CD  1 
ATOM   406 C CE  . LYS A 1 60  ? 0.017   -8.060  2.091   1.00 23.40  ? 60  LYS A CE  1 
ATOM   407 N NZ  . LYS A 1 60  ? 0.107   -9.402  1.381   1.00 27.22  ? 60  LYS A NZ  1 
ATOM   408 N N   . VAL A 1 61  ? -2.899  -2.773  2.180   1.00 22.63  ? 61  VAL A N   1 
ATOM   409 C CA  . VAL A 1 61  ? -3.615  -2.062  1.122   1.00 21.65  ? 61  VAL A CA  1 
ATOM   410 C C   . VAL A 1 61  ? -2.775  -2.287  -0.157  1.00 21.41  ? 61  VAL A C   1 
ATOM   411 O O   . VAL A 1 61  ? -1.552  -2.078  -0.125  1.00 22.06  ? 61  VAL A O   1 
ATOM   412 C CB  . VAL A 1 61  ? -3.671  -0.523  1.446   1.00 21.53  ? 61  VAL A CB  1 
ATOM   413 C CG1 . VAL A 1 61  ? -4.353  0.220   0.351   1.00 21.73  ? 61  VAL A CG1 1 
ATOM   414 C CG2 . VAL A 1 61  ? -4.406  -0.261  2.783   1.00 23.36  ? 61  VAL A CG2 1 
ATOM   415 N N   . GLU A 1 62  ? -3.397  -2.747  -1.238  1.00 20.77  ? 62  GLU A N   1 
ATOM   416 C CA  . GLU A 1 62  ? -2.721  -2.888  -2.577  1.00 21.29  ? 62  GLU A CA  1 
ATOM   417 C C   . GLU A 1 62  ? -3.433  -2.036  -3.579  1.00 21.15  ? 62  GLU A C   1 
ATOM   418 O O   . GLU A 1 62  ? -4.664  -2.076  -3.611  1.00 21.05  ? 62  GLU A O   1 
ATOM   419 C CB  . GLU A 1 62  ? -2.723  -4.351  -3.075  1.00 19.00  ? 62  GLU A CB  1 
ATOM   420 C CG  . GLU A 1 62  ? -2.082  -5.261  -2.026  1.00 20.33  ? 62  GLU A CG  1 
ATOM   421 C CD  . GLU A 1 62  ? -2.346  -6.761  -2.265  1.00 24.35  ? 62  GLU A CD  1 
ATOM   422 O OE1 . GLU A 1 62  ? -3.511  -7.224  -2.353  1.00 27.94  ? 62  GLU A OE1 1 
ATOM   423 O OE2 . GLU A 1 62  ? -1.373  -7.513  -2.335  1.00 30.36  ? 62  GLU A OE2 1 
ATOM   424 N N   . VAL A 1 63  ? -2.684  -1.230  -4.346  1.00 21.35  ? 63  VAL A N   1 
ATOM   425 C CA  . VAL A 1 63  ? -3.223  -0.525  -5.514  1.00 21.82  ? 63  VAL A CA  1 
ATOM   426 C C   . VAL A 1 63  ? -2.277  -0.779  -6.689  1.00 22.70  ? 63  VAL A C   1 
ATOM   427 O O   . VAL A 1 63  ? -1.034  -0.763  -6.502  1.00 23.34  ? 63  VAL A O   1 
ATOM   428 C CB  . VAL A 1 63  ? -3.395  1.064   -5.294  1.00 23.43  ? 63  VAL A CB  1 
ATOM   429 C CG1 . VAL A 1 63  ? -4.301  1.382   -4.105  1.00 23.93  ? 63  VAL A CG1 1 
ATOM   430 C CG2 . VAL A 1 63  ? -2.059  1.737   -5.049  1.00 24.73  ? 63  VAL A CG2 1 
ATOM   431 N N   . VAL A 1 64  ? -2.824  -0.971  -7.891  1.00 21.71  ? 64  VAL A N   1 
ATOM   432 C CA  . VAL A 1 64  ? -2.006  -1.159  -9.095  1.00 21.55  ? 64  VAL A CA  1 
ATOM   433 C C   . VAL A 1 64  ? -2.240  0.089   -9.927  1.00 22.42  ? 64  VAL A C   1 
ATOM   434 O O   . VAL A 1 64  ? -3.366  0.409   -10.216 1.00 22.50  ? 64  VAL A O   1 
ATOM   435 C CB  . VAL A 1 64  ? -2.468  -2.422  -9.869  1.00 21.66  ? 64  VAL A CB  1 
ATOM   436 C CG1 . VAL A 1 64  ? -1.757  -2.553  -11.164 1.00 17.69  ? 64  VAL A CG1 1 
ATOM   437 C CG2 . VAL A 1 64  ? -2.287  -3.656  -8.968  1.00 20.22  ? 64  VAL A CG2 1 
ATOM   438 N N   . VAL A 1 65  ? -1.159  0.801   -10.252 1.00 21.22  ? 65  VAL A N   1 
ATOM   439 C CA  . VAL A 1 65  ? -1.204  2.079   -10.868 1.00 19.78  ? 65  VAL A CA  1 
ATOM   440 C C   . VAL A 1 65  ? -0.199  2.078   -12.007 1.00 20.48  ? 65  VAL A C   1 
ATOM   441 O O   . VAL A 1 65  ? 0.735   1.230   -12.080 1.00 18.91  ? 65  VAL A O   1 
ATOM   442 C CB  . VAL A 1 65  ? -0.819  3.219   -9.846  1.00 20.02  ? 65  VAL A CB  1 
ATOM   443 C CG1 . VAL A 1 65  ? -1.837  3.239   -8.702  1.00 21.47  ? 65  VAL A CG1 1 
ATOM   444 C CG2 . VAL A 1 65  ? 0.529   3.017   -9.295  1.00 16.14  ? 65  VAL A CG2 1 
ATOM   445 N N   . SER A 1 66  ? -0.406  3.023   -12.899 1.00 19.24  ? 66  SER A N   1 
ATOM   446 C CA  . SER A 1 66  ? 0.563   3.367   -13.926 1.00 20.70  ? 66  SER A CA  1 
ATOM   447 C C   . SER A 1 66  ? 1.966   3.640   -13.339 1.00 20.69  ? 66  SER A C   1 
ATOM   448 O O   . SER A 1 66  ? 2.101   4.169   -12.257 1.00 21.38  ? 66  SER A O   1 
ATOM   449 C CB  . SER A 1 66  ? 0.072   4.670   -14.588 1.00 20.36  ? 66  SER A CB  1 
ATOM   450 O OG  . SER A 1 66  ? 1.011   5.083   -15.571 1.00 22.64  ? 66  SER A OG  1 
ATOM   451 N N   . ASP A 1 67  ? 3.012   3.390   -14.118 1.00 21.87  ? 67  ASP A N   1 
ATOM   452 C CA  . ASP A 1 67  ? 4.362   3.745   -13.725 1.00 22.73  ? 67  ASP A CA  1 
ATOM   453 C C   . ASP A 1 67  ? 4.463   5.186   -13.264 1.00 22.90  ? 67  ASP A C   1 
ATOM   454 O O   . ASP A 1 67  ? 5.304   5.487   -12.403 1.00 23.02  ? 67  ASP A O   1 
ATOM   455 C CB  . ASP A 1 67  ? 5.404   3.522   -14.858 1.00 20.85  ? 67  ASP A CB  1 
ATOM   456 C CG  . ASP A 1 67  ? 5.468   2.075   -15.330 1.00 23.55  ? 67  ASP A CG  1 
ATOM   457 O OD1 . ASP A 1 67  ? 4.964   1.199   -14.608 1.00 24.08  ? 67  ASP A OD1 1 
ATOM   458 O OD2 . ASP A 1 67  ? 6.021   1.802   -16.431 1.00 22.41  ? 67  ASP A OD2 1 
ATOM   459 N N   . ASP A 1 68  ? 3.711   6.089   -13.882 1.00 23.56  ? 68  ASP A N   1 
ATOM   460 C CA  . ASP A 1 68  ? 3.925   7.524   -13.576 1.00 24.51  ? 68  ASP A CA  1 
ATOM   461 C C   . ASP A 1 68  ? 3.181   7.986   -12.320 1.00 24.31  ? 68  ASP A C   1 
ATOM   462 O O   . ASP A 1 68  ? 3.274   9.149   -11.968 1.00 24.80  ? 68  ASP A O   1 
ATOM   463 C CB  . ASP A 1 68  ? 3.468   8.415   -14.725 1.00 25.33  ? 68  ASP A CB  1 
ATOM   464 C CG  . ASP A 1 68  ? 2.008   8.298   -15.001 1.00 27.29  ? 68  ASP A CG  1 
ATOM   465 O OD1 . ASP A 1 68  ? 1.207   7.960   -14.113 1.00 33.39  ? 68  ASP A OD1 1 
ATOM   466 O OD2 . ASP A 1 68  ? 1.639   8.521   -16.150 1.00 34.21  ? 68  ASP A OD2 1 
ATOM   467 N N   . ALA A 1 69  ? 2.424   7.098   -11.689 1.00 22.82  ? 69  ALA A N   1 
ATOM   468 C CA  . ALA A 1 69  ? 1.663   7.455   -10.514 1.00 23.40  ? 69  ALA A CA  1 
ATOM   469 C C   . ALA A 1 69  ? 2.276   6.893   -9.215  1.00 23.35  ? 69  ALA A C   1 
ATOM   470 O O   . ALA A 1 69  ? 1.730   7.103   -8.131  1.00 24.64  ? 69  ALA A O   1 
ATOM   471 C CB  . ALA A 1 69  ? 0.209   6.969   -10.660 1.00 22.39  ? 69  ALA A CB  1 
ATOM   472 N N   . VAL A 1 70  ? 3.364   6.137   -9.302  1.00 23.16  ? 70  VAL A N   1 
ATOM   473 C CA  . VAL A 1 70  ? 3.875   5.423   -8.109  1.00 23.45  ? 70  VAL A CA  1 
ATOM   474 C C   . VAL A 1 70  ? 4.335   6.420   -7.029  1.00 24.20  ? 70  VAL A C   1 
ATOM   475 O O   . VAL A 1 70  ? 4.000   6.284   -5.812  1.00 23.98  ? 70  VAL A O   1 
ATOM   476 C CB  . VAL A 1 70  ? 5.051   4.480   -8.477  1.00 23.08  ? 70  VAL A CB  1 
ATOM   477 C CG1 . VAL A 1 70  ? 5.816   4.055   -7.206  1.00 23.41  ? 70  VAL A CG1 1 
ATOM   478 C CG2 . VAL A 1 70  ? 4.511   3.269   -9.273  1.00 23.53  ? 70  VAL A CG2 1 
ATOM   479 N N   . ASP A 1 71  ? 5.103   7.412   -7.448  1.00 25.71  ? 71  ASP A N   1 
ATOM   480 C CA  . ASP A 1 71  ? 5.652   8.438   -6.469  1.00 29.18  ? 71  ASP A CA  1 
ATOM   481 C C   . ASP A 1 71  ? 4.532   9.091   -5.704  1.00 28.63  ? 71  ASP A C   1 
ATOM   482 O O   . ASP A 1 71  ? 4.613   9.307   -4.507  1.00 29.22  ? 71  ASP A O   1 
ATOM   483 C CB  . ASP A 1 71  ? 6.387   9.560   -7.214  1.00 29.35  ? 71  ASP A CB  1 
ATOM   484 C CG  . ASP A 1 71  ? 7.703   9.095   -7.808  1.00 34.59  ? 71  ASP A CG  1 
ATOM   485 O OD1 . ASP A 1 71  ? 8.173   7.995   -7.417  1.00 35.07  ? 71  ASP A OD1 1 
ATOM   486 O OD2 . ASP A 1 71  ? 8.266   9.860   -8.640  1.00 39.53  ? 71  ASP A OD2 1 
ATOM   487 N N   . GLU A 1 72  ? 3.468   9.396   -6.430  1.00 29.23  ? 72  GLU A N   1 
ATOM   488 C CA  . GLU A 1 72  ? 2.308   10.072  -5.875  1.00 30.13  ? 72  GLU A CA  1 
ATOM   489 C C   . GLU A 1 72  ? 1.459   9.178   -4.934  1.00 28.41  ? 72  GLU A C   1 
ATOM   490 O O   . GLU A 1 72  ? 0.967   9.619   -3.870  1.00 28.61  ? 72  GLU A O   1 
ATOM   491 C CB  . GLU A 1 72  ? 1.512   10.504  -7.083  1.00 32.36  ? 72  GLU A CB  1 
ATOM   492 C CG  . GLU A 1 72  ? 0.131   10.876  -6.820  1.00 40.29  ? 72  GLU A CG  1 
ATOM   493 C CD  . GLU A 1 72  ? -0.062  12.368  -6.854  1.00 48.77  ? 72  GLU A CD  1 
ATOM   494 O OE1 . GLU A 1 72  ? 0.866   13.120  -6.422  1.00 48.42  ? 72  GLU A OE1 1 
ATOM   495 O OE2 . GLU A 1 72  ? -1.164  12.761  -7.303  1.00 49.57  ? 72  GLU A OE2 1 
ATOM   496 N N   . VAL A 1 73  ? 1.309   7.904   -5.284  1.00 25.91  ? 73  VAL A N   1 
ATOM   497 C CA  . VAL A 1 73  ? 0.646   6.969   -4.385  1.00 24.34  ? 73  VAL A CA  1 
ATOM   498 C C   . VAL A 1 73  ? 1.461   6.813   -3.090  1.00 24.21  ? 73  VAL A C   1 
ATOM   499 O O   . VAL A 1 73  ? 0.926   6.883   -1.984  1.00 24.43  ? 73  VAL A O   1 
ATOM   500 C CB  . VAL A 1 73  ? 0.481   5.603   -5.078  1.00 24.38  ? 73  VAL A CB  1 
ATOM   501 C CG1 . VAL A 1 73  ? 0.110   4.563   -4.107  1.00 23.06  ? 73  VAL A CG1 1 
ATOM   502 C CG2 . VAL A 1 73  ? -0.540  5.738   -6.223  1.00 26.13  ? 73  VAL A CG2 1 
ATOM   503 N N   . VAL A 1 74  ? 2.761   6.611   -3.234  1.00 23.83  ? 74  VAL A N   1 
ATOM   504 C CA  . VAL A 1 74  ? 3.640   6.329   -2.104  1.00 24.28  ? 74  VAL A CA  1 
ATOM   505 C C   . VAL A 1 74  ? 3.642   7.563   -1.171  1.00 24.84  ? 74  VAL A C   1 
ATOM   506 O O   . VAL A 1 74  ? 3.505   7.433   0.029   1.00 24.27  ? 74  VAL A O   1 
ATOM   507 C CB  . VAL A 1 74  ? 5.086   6.011   -2.653  1.00 23.43  ? 74  VAL A CB  1 
ATOM   508 C CG1 . VAL A 1 74  ? 6.162   6.193   -1.588  1.00 25.35  ? 74  VAL A CG1 1 
ATOM   509 C CG2 . VAL A 1 74  ? 5.126   4.615   -3.265  1.00 23.15  ? 74  VAL A CG2 1 
ATOM   510 N N   . GLU A 1 75  ? 3.731   8.763   -1.745  1.00 26.07  ? 75  GLU A N   1 
ATOM   511 C CA  . GLU A 1 75  ? 3.660   10.009  -0.939  1.00 28.54  ? 75  GLU A CA  1 
ATOM   512 C C   . GLU A 1 75  ? 2.351   10.115  -0.191  1.00 27.40  ? 75  GLU A C   1 
ATOM   513 O O   . GLU A 1 75  ? 2.337   10.472  0.980   1.00 28.88  ? 75  GLU A O   1 
ATOM   514 C CB  . GLU A 1 75  ? 3.880   11.282  -1.806  1.00 29.41  ? 75  GLU A CB  1 
ATOM   515 C CG  . GLU A 1 75  ? 3.875   12.621  -0.990  1.00 38.43  ? 75  GLU A CG  1 
ATOM   516 C CD  . GLU A 1 75  ? 3.922   13.904  -1.889  1.00 53.08  ? 75  GLU A CD  1 
ATOM   517 O OE1 . GLU A 1 75  ? 3.622   13.812  -3.140  1.00 55.99  ? 75  GLU A OE1 1 
ATOM   518 O OE2 . GLU A 1 75  ? 4.263   15.002  -1.328  1.00 55.67  ? 75  GLU A OE2 1 
ATOM   519 N N   . ALA A 1 76  ? 1.246   9.789   -0.847  1.00 26.11  ? 76  ALA A N   1 
ATOM   520 C CA  . ALA A 1 76  ? -0.046  9.869   -0.174  1.00 25.64  ? 76  ALA A CA  1 
ATOM   521 C C   . ALA A 1 76  ? -0.159  8.883   1.011   1.00 24.71  ? 76  ALA A C   1 
ATOM   522 O O   . ALA A 1 76  ? -0.841  9.161   1.992   1.00 25.01  ? 76  ALA A O   1 
ATOM   523 C CB  . ALA A 1 76  ? -1.199  9.568   -1.164  1.00 25.26  ? 76  ALA A CB  1 
ATOM   524 N N   . ILE A 1 77  ? 0.370   7.674   0.843   1.00 23.25  ? 77  ILE A N   1 
ATOM   525 C CA  . ILE A 1 77  ? 0.283   6.665   1.903   1.00 21.72  ? 77  ILE A CA  1 
ATOM   526 C C   . ILE A 1 77  ? 1.217   7.053   3.037   1.00 22.48  ? 77  ILE A C   1 
ATOM   527 O O   . ILE A 1 77  ? 0.852   6.957   4.160   1.00 24.43  ? 77  ILE A O   1 
ATOM   528 C CB  . ILE A 1 77  ? 0.654   5.227   1.404   1.00 21.68  ? 77  ILE A CB  1 
ATOM   529 C CG1 . ILE A 1 77  ? -0.315  4.769   0.280   1.00 19.40  ? 77  ILE A CG1 1 
ATOM   530 C CG2 . ILE A 1 77  ? 0.628   4.255   2.599   1.00 15.80  ? 77  ILE A CG2 1 
ATOM   531 C CD1 . ILE A 1 77  ? 0.157   3.414   -0.419  1.00 24.34  ? 77  ILE A CD1 1 
ATOM   532 N N   . VAL A 1 78  ? 2.430   7.476   2.735   1.00 22.57  ? 78  VAL A N   1 
ATOM   533 C CA  . VAL A 1 78  ? 3.359   7.882   3.756   1.00 24.15  ? 78  VAL A CA  1 
ATOM   534 C C   . VAL A 1 78  ? 2.759   9.055   4.580   1.00 25.69  ? 78  VAL A C   1 
ATOM   535 O O   . VAL A 1 78  ? 2.733   8.975   5.784   1.00 26.34  ? 78  VAL A O   1 
ATOM   536 C CB  . VAL A 1 78  ? 4.725   8.332   3.153   1.00 23.06  ? 78  VAL A CB  1 
ATOM   537 C CG1 . VAL A 1 78  ? 5.597   9.022   4.257   1.00 22.84  ? 78  VAL A CG1 1 
ATOM   538 C CG2 . VAL A 1 78  ? 5.479   7.111   2.545   1.00 23.42  ? 78  VAL A CG2 1 
ATOM   539 N N   . SER A 1 79  ? 2.315   10.132  3.931   1.00 27.04  ? 79  SER A N   1 
ATOM   540 C CA  . SER A 1 79  ? 1.666   11.256  4.643   1.00 29.97  ? 79  SER A CA  1 
ATOM   541 C C   . SER A 1 79  ? 0.553   10.862  5.533   1.00 29.64  ? 79  SER A C   1 
ATOM   542 O O   . SER A 1 79  ? 0.416   11.415  6.603   1.00 31.32  ? 79  SER A O   1 
ATOM   543 C CB  . SER A 1 79  ? 1.039   12.233  3.671   1.00 30.02  ? 79  SER A CB  1 
ATOM   544 O OG  . SER A 1 79  ? 2.088   13.046  3.246   1.00 37.04  ? 79  SER A OG  1 
ATOM   545 N N   . SER A 1 80  ? -0.276  9.943   5.082   1.00 28.24  ? 80  SER A N   1 
ATOM   546 C CA  . SER A 1 80  ? -1.488  9.663   5.860   1.00 28.04  ? 80  SER A CA  1 
ATOM   547 C C   . SER A 1 80  ? -1.388  8.499   6.827   1.00 27.18  ? 80  SER A C   1 
ATOM   548 O O   . SER A 1 80  ? -2.258  8.367   7.700   1.00 28.01  ? 80  SER A O   1 
ATOM   549 C CB  . SER A 1 80  ? -2.648  9.374   4.913   1.00 27.49  ? 80  SER A CB  1 
ATOM   550 O OG  . SER A 1 80  ? -2.226  8.357   4.020   1.00 27.93  ? 80  SER A OG  1 
ATOM   551 N N   . ALA A 1 81  ? -0.383  7.623   6.668   1.00 26.06  ? 81  ALA A N   1 
ATOM   552 C CA  . ALA A 1 81  ? -0.249  6.432   7.492   1.00 23.08  ? 81  ALA A CA  1 
ATOM   553 C C   . ALA A 1 81  ? 0.762   6.615   8.622   1.00 24.78  ? 81  ALA A C   1 
ATOM   554 O O   . ALA A 1 81  ? 0.763   5.825   9.582   1.00 24.03  ? 81  ALA A O   1 
ATOM   555 C CB  . ALA A 1 81  ? 0.160   5.276   6.600   1.00 22.89  ? 81  ALA A CB  1 
ATOM   556 N N   . ARG A 1 82  ? 1.679   7.588   8.476   1.00 26.28  ? 82  ARG A N   1 
ATOM   557 C CA  . ARG A 1 82  ? 2.765   7.791   9.439   1.00 30.02  ? 82  ARG A CA  1 
ATOM   558 C C   . ARG A 1 82  ? 2.263   8.410   10.766  1.00 32.04  ? 82  ARG A C   1 
ATOM   559 O O   . ARG A 1 82  ? 1.277   9.168   10.777  1.00 32.38  ? 82  ARG A O   1 
ATOM   560 C CB  . ARG A 1 82  ? 3.921   8.630   8.888   1.00 29.24  ? 82  ARG A CB  1 
ATOM   561 C CG  . ARG A 1 82  ? 3.643   10.099  8.747   1.00 34.77  ? 82  ARG A CG  1 
ATOM   562 C CD  . ARG A 1 82  ? 4.856   10.809  8.176   1.00 42.88  ? 82  ARG A CD  1 
ATOM   563 N NE  . ARG A 1 82  ? 5.999   10.365  8.963   1.00 50.01  ? 82  ARG A NE  1 
ATOM   564 C CZ  . ARG A 1 82  ? 6.297   10.869  10.171  1.00 55.72  ? 82  ARG A CZ  1 
ATOM   565 N NH1 . ARG A 1 82  ? 7.340   10.407  10.867  1.00 55.08  ? 82  ARG A NH1 1 
ATOM   566 N NH2 . ARG A 1 82  ? 5.554   11.859  10.688  1.00 56.91  ? 82  ARG A NH2 1 
ATOM   567 N N   . THR A 1 83  ? 2.921   8.012   11.858  1.00 33.34  ? 83  THR A N   1 
ATOM   568 C CA  . THR A 1 83  ? 2.703   8.584   13.186  1.00 35.17  ? 83  THR A CA  1 
ATOM   569 C C   . THR A 1 83  ? 4.055   9.037   13.767  1.00 35.86  ? 83  THR A C   1 
ATOM   570 O O   . THR A 1 83  ? 4.097   9.768   14.752  1.00 38.11  ? 83  THR A O   1 
ATOM   571 C CB  . THR A 1 83  ? 2.054   7.562   14.155  1.00 34.14  ? 83  THR A CB  1 
ATOM   572 O OG1 . THR A 1 83  ? 2.935   6.460   14.339  1.00 33.50  ? 83  THR A OG1 1 
ATOM   573 C CG2 . THR A 1 83  ? 0.729   7.051   13.623  1.00 35.27  ? 83  THR A CG2 1 
ATOM   574 N N   . GLY A 1 84  ? 5.158   8.618   13.155  1.00 36.31  ? 84  GLY A N   1 
ATOM   575 C CA  . GLY A 1 84  ? 6.472   8.906   13.710  1.00 35.80  ? 84  GLY A CA  1 
ATOM   576 C C   . GLY A 1 84  ? 6.959   7.859   14.700  1.00 36.05  ? 84  GLY A C   1 
ATOM   577 O O   . GLY A 1 84  ? 8.085   7.980   15.182  1.00 37.08  ? 84  GLY A O   1 
ATOM   578 N N   . LYS A 1 85  ? 6.155   6.823   15.000  1.00 35.18  ? 85  LYS A N   1 
ATOM   579 C CA  . LYS A 1 85  ? 6.572   5.790   15.978  1.00 34.09  ? 85  LYS A CA  1 
ATOM   580 C C   . LYS A 1 85  ? 6.872   4.462   15.285  1.00 32.76  ? 85  LYS A C   1 
ATOM   581 O O   . LYS A 1 85  ? 6.341   4.206   14.208  1.00 31.91  ? 85  LYS A O   1 
ATOM   582 C CB  . LYS A 1 85  ? 5.517   5.573   17.082  1.00 34.29  ? 85  LYS A CB  1 
ATOM   583 C CG  . LYS A 1 85  ? 5.444   6.654   18.154  1.00 40.62  ? 85  LYS A CG  1 
ATOM   584 C CD  . LYS A 1 85  ? 3.957   6.898   18.512  1.00 49.77  ? 85  LYS A CD  1 
ATOM   585 C CE  . LYS A 1 85  ? 3.765   7.756   19.770  1.00 54.65  ? 85  LYS A CE  1 
ATOM   586 N NZ  . LYS A 1 85  ? 4.523   9.071   19.662  1.00 57.00  ? 85  LYS A NZ  1 
ATOM   587 N N   . PHE A 1 86  ? 7.731   3.628   15.886  1.00 31.16  ? 86  PHE A N   1 
ATOM   588 C CA  . PHE A 1 86  ? 7.926   2.274   15.386  1.00 30.08  ? 86  PHE A CA  1 
ATOM   589 C C   . PHE A 1 86  ? 6.556   1.570   15.145  1.00 29.69  ? 86  PHE A C   1 
ATOM   590 O O   . PHE A 1 86  ? 5.636   1.694   15.984  1.00 30.85  ? 86  PHE A O   1 
ATOM   591 C CB  . PHE A 1 86  ? 8.792   1.471   16.344  1.00 30.69  ? 86  PHE A CB  1 
ATOM   592 C CG  . PHE A 1 86  ? 8.901   0.032   15.954  1.00 34.53  ? 86  PHE A CG  1 
ATOM   593 C CD1 . PHE A 1 86  ? 9.646   -0.343  14.816  1.00 35.30  ? 86  PHE A CD1 1 
ATOM   594 C CD2 . PHE A 1 86  ? 8.185   -0.949  16.658  1.00 34.36  ? 86  PHE A CD2 1 
ATOM   595 C CE1 . PHE A 1 86  ? 9.709   -1.696  14.410  1.00 37.94  ? 86  PHE A CE1 1 
ATOM   596 C CE2 . PHE A 1 86  ? 8.216   -2.279  16.271  1.00 34.71  ? 86  PHE A CE2 1 
ATOM   597 C CZ  . PHE A 1 86  ? 8.991   -2.672  15.150  1.00 39.37  ? 86  PHE A CZ  1 
ATOM   598 N N   . GLY A 1 87  ? 6.401   0.863   14.016  1.00 27.67  ? 87  GLY A N   1 
ATOM   599 C CA  . GLY A 1 87  ? 5.148   0.110   13.730  1.00 24.40  ? 87  GLY A CA  1 
ATOM   600 C C   . GLY A 1 87  ? 4.284   0.772   12.676  1.00 22.87  ? 87  GLY A C   1 
ATOM   601 O O   . GLY A 1 87  ? 3.239   0.228   12.317  1.00 22.24  ? 87  GLY A O   1 
ATOM   602 N N   . ASP A 1 88  ? 4.709   1.946   12.184  1.00 20.82  ? 88  ASP A N   1 
ATOM   603 C CA  . ASP A 1 88  ? 4.046   2.616   11.024  1.00 22.12  ? 88  ASP A CA  1 
ATOM   604 C C   . ASP A 1 88  ? 3.935   1.749   9.721   1.00 21.74  ? 88  ASP A C   1 
ATOM   605 O O   . ASP A 1 88  ? 3.011   1.910   8.923   1.00 20.67  ? 88  ASP A O   1 
ATOM   606 C CB  . ASP A 1 88  ? 4.738   3.943   10.725  1.00 20.57  ? 88  ASP A CB  1 
ATOM   607 C CG  . ASP A 1 88  ? 4.359   5.022   11.687  1.00 23.18  ? 88  ASP A CG  1 
ATOM   608 O OD1 . ASP A 1 88  ? 3.526   4.766   12.613  1.00 26.60  ? 88  ASP A OD1 1 
ATOM   609 O OD2 . ASP A 1 88  ? 4.888   6.145   11.518  1.00 24.98  ? 88  ASP A OD2 1 
ATOM   610 N N   . GLY A 1 89  ? 4.926   0.872   9.528   1.00 22.47  ? 89  GLY A N   1 
ATOM   611 C CA  . GLY A 1 89  ? 4.959   -0.094  8.417   1.00 21.90  ? 89  GLY A CA  1 
ATOM   612 C C   . GLY A 1 89  ? 5.834   0.271   7.222   1.00 22.24  ? 89  GLY A C   1 
ATOM   613 O O   . GLY A 1 89  ? 6.727   1.175   7.288   1.00 22.55  ? 89  GLY A O   1 
ATOM   614 N N   . ARG A 1 90  ? 5.553   -0.425  6.129   1.00 22.52  ? 90  ARG A N   1 
ATOM   615 C CA  . ARG A 1 90  ? 6.322   -0.359  4.893   1.00 22.15  ? 90  ARG A CA  1 
ATOM   616 C C   . ARG A 1 90  ? 5.460   -0.376  3.690   1.00 20.70  ? 90  ARG A C   1 
ATOM   617 O O   . ARG A 1 90  ? 4.313   -0.883  3.727   1.00 21.32  ? 90  ARG A O   1 
ATOM   618 C CB  . ARG A 1 90  ? 7.216   -1.586  4.791   1.00 23.45  ? 90  ARG A CB  1 
ATOM   619 C CG  . ARG A 1 90  ? 8.404   -1.415  5.616   1.00 27.98  ? 90  ARG A CG  1 
ATOM   620 C CD  . ARG A 1 90  ? 9.608   -1.672  4.788   1.00 34.71  ? 90  ARG A CD  1 
ATOM   621 N NE  . ARG A 1 90  ? 10.724  -1.449  5.666   1.00 39.90  ? 90  ARG A NE  1 
ATOM   622 C CZ  . ARG A 1 90  ? 11.777  -0.673  5.400   1.00 37.27  ? 90  ARG A CZ  1 
ATOM   623 N NH1 . ARG A 1 90  ? 11.938  -0.079  4.216   1.00 36.78  ? 90  ARG A NH1 1 
ATOM   624 N NH2 . ARG A 1 90  ? 12.690  -0.540  6.340   1.00 37.93  ? 90  ARG A NH2 1 
ATOM   625 N N   . ILE A 1 91  ? 6.019   0.165   2.608   1.00 19.12  ? 91  ILE A N   1 
ATOM   626 C CA  . ILE A 1 91  ? 5.388   0.142   1.285   1.00 18.06  ? 91  ILE A CA  1 
ATOM   627 C C   . ILE A 1 91  ? 6.336   -0.555  0.303   1.00 18.67  ? 91  ILE A C   1 
ATOM   628 O O   . ILE A 1 91  ? 7.533   -0.252  0.285   1.00 19.46  ? 91  ILE A O   1 
ATOM   629 C CB  . ILE A 1 91  ? 5.149   1.550   0.759   1.00 16.85  ? 91  ILE A CB  1 
ATOM   630 C CG1 . ILE A 1 91  ? 4.306   2.362   1.773   1.00 17.41  ? 91  ILE A CG1 1 
ATOM   631 C CG2 . ILE A 1 91  ? 4.506   1.419   -0.641  1.00 15.98  ? 91  ILE A CG2 1 
ATOM   632 C CD1 . ILE A 1 91  ? 4.252   3.876   1.603   1.00 20.19  ? 91  ILE A CD1 1 
ATOM   633 N N   . PHE A 1 92  ? 5.820   -1.500  -0.468  1.00 18.90  ? 92  PHE A N   1 
ATOM   634 C CA  . PHE A 1 92  ? 6.635   -2.263  -1.413  1.00 19.28  ? 92  PHE A CA  1 
ATOM   635 C C   . PHE A 1 92  ? 6.078   -1.968  -2.775  1.00 19.14  ? 92  PHE A C   1 
ATOM   636 O O   . PHE A 1 92  ? 4.860   -1.898  -2.940  1.00 20.78  ? 92  PHE A O   1 
ATOM   637 C CB  . PHE A 1 92  ? 6.551   -3.752  -1.099  1.00 18.88  ? 92  PHE A CB  1 
ATOM   638 C CG  . PHE A 1 92  ? 6.988   -4.085  0.318   1.00 23.27  ? 92  PHE A CG  1 
ATOM   639 C CD1 . PHE A 1 92  ? 8.295   -3.784  0.742   1.00 23.41  ? 92  PHE A CD1 1 
ATOM   640 C CD2 . PHE A 1 92  ? 6.110   -4.649  1.220   1.00 20.49  ? 92  PHE A CD2 1 
ATOM   641 C CE1 . PHE A 1 92  ? 8.708   -4.053  2.050   1.00 25.30  ? 92  PHE A CE1 1 
ATOM   642 C CE2 . PHE A 1 92  ? 6.528   -4.930  2.524   1.00 24.21  ? 92  PHE A CE2 1 
ATOM   643 C CZ  . PHE A 1 92  ? 7.819   -4.646  2.934   1.00 22.31  ? 92  PHE A CZ  1 
ATOM   644 N N   . VAL A 1 93  ? 6.955   -1.773  -3.739  1.00 18.47  ? 93  VAL A N   1 
ATOM   645 C CA  . VAL A 1 93  ? 6.557   -1.542  -5.113  1.00 17.62  ? 93  VAL A CA  1 
ATOM   646 C C   . VAL A 1 93  ? 7.037   -2.749  -5.961  1.00 18.28  ? 93  VAL A C   1 
ATOM   647 O O   . VAL A 1 93  ? 8.239   -3.064  -6.021  1.00 16.95  ? 93  VAL A O   1 
ATOM   648 C CB  . VAL A 1 93  ? 7.161   -0.265  -5.664  1.00 17.17  ? 93  VAL A CB  1 
ATOM   649 C CG1 . VAL A 1 93  ? 6.742   -0.042  -7.156  1.00 16.68  ? 93  VAL A CG1 1 
ATOM   650 C CG2 . VAL A 1 93  ? 6.804   0.977   -4.788  1.00 15.23  ? 93  VAL A CG2 1 
ATOM   651 N N   . ILE A 1 94  ? 6.092   -3.376  -6.665  1.00 17.18  ? 94  ILE A N   1 
ATOM   652 C CA  . ILE A 1 94  ? 6.349   -4.635  -7.377  1.00 15.99  ? 94  ILE A CA  1 
ATOM   653 C C   . ILE A 1 94  ? 5.883   -4.467  -8.822  1.00 15.24  ? 94  ILE A C   1 
ATOM   654 O O   . ILE A 1 94  ? 4.799   -3.922  -9.059  1.00 17.18  ? 94  ILE A O   1 
ATOM   655 C CB  . ILE A 1 94  ? 5.555   -5.800  -6.640  1.00 15.55  ? 94  ILE A CB  1 
ATOM   656 C CG1 . ILE A 1 94  ? 6.212   -6.093  -5.277  1.00 15.51  ? 94  ILE A CG1 1 
ATOM   657 C CG2 . ILE A 1 94  ? 5.546   -7.170  -7.440  1.00 14.90  ? 94  ILE A CG2 1 
ATOM   658 C CD1 . ILE A 1 94  ? 5.225   -6.773  -4.326  1.00 22.14  ? 94  ILE A CD1 1 
ATOM   659 N N   . PRO A 1 95  ? 6.660   -4.963  -9.793  1.00 16.23  ? 95  PRO A N   1 
ATOM   660 C CA  . PRO A 1 95  ? 6.264   -4.877  -11.211 1.00 16.26  ? 95  PRO A CA  1 
ATOM   661 C C   . PRO A 1 95  ? 4.981   -5.655  -11.511 1.00 18.03  ? 95  PRO A C   1 
ATOM   662 O O   . PRO A 1 95  ? 4.814   -6.734  -11.014 1.00 19.11  ? 95  PRO A O   1 
ATOM   663 C CB  . PRO A 1 95  ? 7.485   -5.489  -11.952 1.00 16.27  ? 95  PRO A CB  1 
ATOM   664 C CG  . PRO A 1 95  ? 8.138   -6.414  -10.902 1.00 17.18  ? 95  PRO A CG  1 
ATOM   665 C CD  . PRO A 1 95  ? 7.989   -5.631  -9.621  1.00 15.75  ? 95  PRO A CD  1 
ATOM   666 N N   . VAL A 1 96  ? 4.038   -5.067  -12.265 1.00 19.15  ? 96  VAL A N   1 
ATOM   667 C CA  . VAL A 1 96  ? 2.897   -5.808  -12.823 1.00 17.66  ? 96  VAL A CA  1 
ATOM   668 C C   . VAL A 1 96  ? 3.045   -5.726  -14.317 1.00 18.07  ? 96  VAL A C   1 
ATOM   669 O O   . VAL A 1 96  ? 3.092   -4.617  -14.871 1.00 16.78  ? 96  VAL A O   1 
ATOM   670 C CB  . VAL A 1 96  ? 1.565   -5.105  -12.395 1.00 19.42  ? 96  VAL A CB  1 
ATOM   671 C CG1 . VAL A 1 96  ? 0.370   -5.593  -13.199 1.00 15.92  ? 96  VAL A CG1 1 
ATOM   672 C CG2 . VAL A 1 96  ? 1.353   -5.315  -10.867 1.00 12.81  ? 96  VAL A CG2 1 
ATOM   673 N N   . GLU A 1 97  ? 3.111   -6.875  -14.971 1.00 17.16  ? 97  GLU A N   1 
ATOM   674 C CA  . GLU A 1 97  ? 3.313   -6.935  -16.446 1.00 18.60  ? 97  GLU A CA  1 
ATOM   675 C C   . GLU A 1 97  ? 2.055   -6.794  -17.271 1.00 18.75  ? 97  GLU A C   1 
ATOM   676 O O   . GLU A 1 97  ? 2.120   -6.305  -18.399 1.00 18.49  ? 97  GLU A O   1 
ATOM   677 C CB  . GLU A 1 97  ? 4.041   -8.228  -16.847 1.00 16.46  ? 97  GLU A CB  1 
ATOM   678 C CG  . GLU A 1 97  ? 5.420   -8.226  -16.102 1.00 23.06  ? 97  GLU A CG  1 
ATOM   679 C CD  . GLU A 1 97  ? 6.301   -9.496  -16.267 1.00 26.57  ? 97  GLU A CD  1 
ATOM   680 O OE1 . GLU A 1 97  ? 5.789   -10.570 -16.641 1.00 27.36  ? 97  GLU A OE1 1 
ATOM   681 O OE2 . GLU A 1 97  ? 7.546   -9.377  -16.020 1.00 33.06  ? 97  GLU A OE2 1 
ATOM   682 N N   . LYS A 1 98  ? 0.933   -7.236  -16.709 1.00 19.80  ? 98  LYS A N   1 
ATOM   683 C CA  . LYS A 1 98  ? -0.399  -7.206  -17.357 1.00 21.86  ? 98  LYS A CA  1 
ATOM   684 C C   . LYS A 1 98  ? -1.457  -6.999  -16.290 1.00 21.21  ? 98  LYS A C   1 
ATOM   685 O O   . LYS A 1 98  ? -1.412  -7.598  -15.179 1.00 19.54  ? 98  LYS A O   1 
ATOM   686 C CB  . LYS A 1 98  ? -0.770  -8.499  -18.124 1.00 21.98  ? 98  LYS A CB  1 
ATOM   687 C CG  . LYS A 1 98  ? 0.180   -8.846  -19.196 1.00 32.25  ? 98  LYS A CG  1 
ATOM   688 C CD  . LYS A 1 98  ? -0.290  -10.080 -20.046 1.00 42.10  ? 98  LYS A CD  1 
ATOM   689 C CE  . LYS A 1 98  ? 0.976   -10.691 -20.701 1.00 45.70  ? 98  LYS A CE  1 
ATOM   690 N NZ  . LYS A 1 98  ? 0.865   -12.163 -21.141 1.00 46.86  ? 98  LYS A NZ  1 
ATOM   691 N N   . SER A 1 99  ? -2.440  -6.185  -16.649 1.00 20.66  ? 99  SER A N   1 
ATOM   692 C CA  . SER A 1 99  ? -3.593  -5.953  -15.780 1.00 22.83  ? 99  SER A CA  1 
ATOM   693 C C   . SER A 1 99  ? -4.861  -6.101  -16.641 1.00 24.45  ? 99  SER A C   1 
ATOM   694 O O   . SER A 1 99  ? -5.012  -5.423  -17.667 1.00 26.62  ? 99  SER A O   1 
ATOM   695 C CB  . SER A 1 99  ? -3.455  -4.570  -15.190 1.00 22.41  ? 99  SER A CB  1 
ATOM   696 O OG  . SER A 1 99  ? -4.583  -4.339  -14.425 1.00 29.02  ? 99  SER A OG  1 
ATOM   697 N N   . VAL A 1 100 ? -5.709  -7.074  -16.314 1.00 23.74  ? 100 VAL A N   1 
ATOM   698 C CA  . VAL A 1 100 ? -6.799  -7.424  -17.167 1.00 22.15  ? 100 VAL A CA  1 
ATOM   699 C C   . VAL A 1 100 ? -8.091  -6.983  -16.474 1.00 23.28  ? 100 VAL A C   1 
ATOM   700 O O   . VAL A 1 100 ? -8.348  -7.314  -15.293 1.00 23.66  ? 100 VAL A O   1 
ATOM   701 C CB  . VAL A 1 100 ? -6.846  -8.967  -17.421 1.00 22.26  ? 100 VAL A CB  1 
ATOM   702 C CG1 . VAL A 1 100 ? -8.031  -9.399  -18.319 1.00 20.21  ? 100 VAL A CG1 1 
ATOM   703 C CG2 . VAL A 1 100 ? -5.532  -9.513  -18.027 1.00 19.30  ? 100 VAL A CG2 1 
ATOM   704 N N   . LYS A 1 101 ? -8.944  -6.293  -17.216 1.00 23.38  ? 101 LYS A N   1 
ATOM   705 C CA  . LYS A 1 101 ? -10.314 -5.987  -16.709 1.00 22.50  ? 101 LYS A CA  1 
ATOM   706 C C   . LYS A 1 101 ? -11.264 -7.199  -16.941 1.00 20.71  ? 101 LYS A C   1 
ATOM   707 O O   . LYS A 1 101 ? -11.555 -7.575  -18.070 1.00 22.06  ? 101 LYS A O   1 
ATOM   708 C CB  . LYS A 1 101 ? -10.799 -4.714  -17.397 1.00 21.14  ? 101 LYS A CB  1 
ATOM   709 C CG  . LYS A 1 101 ? -12.039 -4.086  -16.757 1.00 25.99  ? 101 LYS A CG  1 
ATOM   710 C CD  . LYS A 1 101 ? -12.271 -2.728  -17.435 1.00 30.79  ? 101 LYS A CD  1 
ATOM   711 C CE  . LYS A 1 101 ? -13.520 -2.027  -16.986 1.00 35.03  ? 101 LYS A CE  1 
ATOM   712 N NZ  . LYS A 1 101 ? -13.574 -0.708  -17.723 1.00 37.18  ? 101 LYS A NZ  1 
ATOM   713 N N   . ILE A 1 102 ? -11.703 -7.865  -15.896 1.00 20.50  ? 102 ILE A N   1 
ATOM   714 C CA  . ILE A 1 102 ? -12.519 -9.085  -16.073 1.00 20.11  ? 102 ILE A CA  1 
ATOM   715 C C   . ILE A 1 102 ? -13.829 -8.808  -16.787 1.00 22.73  ? 102 ILE A C   1 
ATOM   716 O O   . ILE A 1 102 ? -14.287 -9.595  -17.613 1.00 22.11  ? 102 ILE A O   1 
ATOM   717 C CB  . ILE A 1 102 ? -12.807 -9.771  -14.726 1.00 20.05  ? 102 ILE A CB  1 
ATOM   718 C CG1 . ILE A 1 102 ? -11.513 -10.427 -14.192 1.00 18.81  ? 102 ILE A CG1 1 
ATOM   719 C CG2 . ILE A 1 102 ? -13.898 -10.847 -14.883 1.00 18.10  ? 102 ILE A CG2 1 
ATOM   720 C CD1 . ILE A 1 102 ? -11.621 -10.929 -12.667 1.00 13.41  ? 102 ILE A CD1 1 
ATOM   721 N N   . ARG A 1 103 ? -14.452 -7.683  -16.459 1.00 23.70  ? 103 ARG A N   1 
ATOM   722 C CA  . ARG A 1 103 ? -15.713 -7.294  -17.156 1.00 24.72  ? 103 ARG A CA  1 
ATOM   723 C C   . ARG A 1 103 ? -15.626 -7.245  -18.695 1.00 25.58  ? 103 ARG A C   1 
ATOM   724 O O   . ARG A 1 103 ? -16.588 -7.582  -19.408 1.00 23.71  ? 103 ARG A O   1 
ATOM   725 C CB  . ARG A 1 103 ? -16.122 -5.879  -16.669 1.00 24.10  ? 103 ARG A CB  1 
ATOM   726 C CG  . ARG A 1 103 ? -17.540 -5.556  -16.965 1.00 27.55  ? 103 ARG A CG  1 
ATOM   727 C CD  . ARG A 1 103 ? -17.924 -4.238  -16.340 1.00 30.50  ? 103 ARG A CD  1 
ATOM   728 N NE  . ARG A 1 103 ? -19.222 -3.855  -16.857 1.00 32.96  ? 103 ARG A NE  1 
ATOM   729 C CZ  . ARG A 1 103 ? -19.788 -2.674  -16.664 1.00 33.29  ? 103 ARG A CZ  1 
ATOM   730 N NH1 . ARG A 1 103 ? -19.189 -1.735  -15.915 1.00 26.50  ? 103 ARG A NH1 1 
ATOM   731 N NH2 . ARG A 1 103 ? -20.971 -2.453  -17.232 1.00 39.28  ? 103 ARG A NH2 1 
ATOM   732 N N   . THR A 1 104 ? -14.513 -6.721  -19.237 1.00 24.45  ? 104 THR A N   1 
ATOM   733 C CA  . THR A 1 104 ? -14.473 -6.551  -20.691 1.00 22.07  ? 104 THR A CA  1 
ATOM   734 C C   . THR A 1 104 ? -13.438 -7.443  -21.381 1.00 22.80  ? 104 THR A C   1 
ATOM   735 O O   . THR A 1 104 ? -13.500 -7.580  -22.606 1.00 21.79  ? 104 THR A O   1 
ATOM   736 C CB  . THR A 1 104 ? -14.160 -5.109  -21.034 1.00 22.78  ? 104 THR A CB  1 
ATOM   737 O OG1 . THR A 1 104 ? -12.839 -4.808  -20.515 1.00 20.68  ? 104 THR A OG1 1 
ATOM   738 C CG2 . THR A 1 104 ? -15.234 -4.166  -20.422 1.00 19.67  ? 104 THR A CG2 1 
ATOM   739 N N   . GLY A 1 105 ? -12.488 -8.014  -20.612 1.00 20.70  ? 105 GLY A N   1 
ATOM   740 C CA  . GLY A 1 105 ? -11.325 -8.696  -21.206 1.00 20.51  ? 105 GLY A CA  1 
ATOM   741 C C   . GLY A 1 105 ? -10.188 -7.791  -21.734 1.00 20.90  ? 105 GLY A C   1 
ATOM   742 O O   . GLY A 1 105 ? -9.194  -8.290  -22.254 1.00 19.89  ? 105 GLY A O   1 
ATOM   743 N N   . GLU A 1 106 ? -10.350 -6.471  -21.647 1.00 20.07  ? 106 GLU A N   1 
ATOM   744 C CA  . GLU A 1 106 ? -9.290  -5.537  -22.097 1.00 20.87  ? 106 GLU A CA  1 
ATOM   745 C C   . GLU A 1 106 ? -8.098  -5.655  -21.142 1.00 20.65  ? 106 GLU A C   1 
ATOM   746 O O   . GLU A 1 106 ? -8.287  -5.895  -19.919 1.00 20.76  ? 106 GLU A O   1 
ATOM   747 C CB  . GLU A 1 106 ? -9.819  -4.077  -22.030 1.00 20.77  ? 106 GLU A CB  1 
ATOM   748 C CG  . GLU A 1 106 ? -10.927 -3.764  -23.019 1.00 20.41  ? 106 GLU A CG  1 
ATOM   749 C CD  . GLU A 1 106 ? -11.770 -2.549  -22.611 1.00 19.00  ? 106 GLU A CD  1 
ATOM   750 O OE1 . GLU A 1 106 ? -12.151 -2.429  -21.418 1.00 19.39  ? 106 GLU A OE1 1 
ATOM   751 O OE2 . GLU A 1 106 ? -12.068 -1.700  -23.495 1.00 18.95  ? 106 GLU A OE2 1 
ATOM   752 N N   . GLU A 1 107 ? -6.895  -5.426  -21.646 1.00 21.31  ? 107 GLU A N   1 
ATOM   753 C CA  . GLU A 1 107 ? -5.714  -5.551  -20.780 1.00 24.27  ? 107 GLU A CA  1 
ATOM   754 C C   . GLU A 1 107 ? -4.750  -4.424  -20.887 1.00 23.92  ? 107 GLU A C   1 
ATOM   755 O O   . GLU A 1 107 ? -4.536  -3.917  -21.962 1.00 26.45  ? 107 GLU A O   1 
ATOM   756 C CB  . GLU A 1 107 ? -4.872  -6.828  -21.002 1.00 24.15  ? 107 GLU A CB  1 
ATOM   757 C CG  . GLU A 1 107 ? -5.101  -7.617  -22.133 1.00 32.71  ? 107 GLU A CG  1 
ATOM   758 C CD  . GLU A 1 107 ? -4.276  -8.902  -22.016 1.00 41.40  ? 107 GLU A CD  1 
ATOM   759 O OE1 . GLU A 1 107 ? -3.026  -8.826  -22.004 1.00 44.66  ? 107 GLU A OE1 1 
ATOM   760 O OE2 . GLU A 1 107 ? -4.898  -9.981  -21.907 1.00 45.73  ? 107 GLU A OE2 1 
ATOM   761 N N   . GLU A 1 108 ? -4.083  -4.088  -19.807 1.00 22.90  ? 108 GLU A N   1 
ATOM   762 C CA  . GLU A 1 108 ? -3.004  -3.138  -19.951 1.00 24.14  ? 108 GLU A CA  1 
ATOM   763 C C   . GLU A 1 108 ? -1.733  -3.948  -19.868 1.00 23.61  ? 108 GLU A C   1 
ATOM   764 O O   . GLU A 1 108 ? -1.664  -4.948  -19.135 1.00 22.37  ? 108 GLU A O   1 
ATOM   765 C CB  . GLU A 1 108 ? -3.039  -2.091  -18.857 1.00 25.28  ? 108 GLU A CB  1 
ATOM   766 C CG  . GLU A 1 108 ? -4.440  -1.642  -18.476 1.00 32.64  ? 108 GLU A CG  1 
ATOM   767 C CD  . GLU A 1 108 ? -4.489  -0.776  -17.153 1.00 42.57  ? 108 GLU A CD  1 
ATOM   768 O OE1 . GLU A 1 108 ? -3.620  -0.962  -16.265 1.00 45.64  ? 108 GLU A OE1 1 
ATOM   769 O OE2 . GLU A 1 108 ? -5.417  0.060   -17.003 1.00 44.95  ? 108 GLU A OE2 1 
ATOM   770 N N   . VAL A 1 109 ? -0.737  -3.518  -20.650 1.00 22.03  ? 109 VAL A N   1 
ATOM   771 C CA  . VAL A 1 109 ? 0.499   -4.223  -20.806 1.00 22.09  ? 109 VAL A CA  1 
ATOM   772 C C   . VAL A 1 109 ? 1.623   -3.233  -20.476 1.00 21.77  ? 109 VAL A C   1 
ATOM   773 O O   . VAL A 1 109 ? 1.559   -2.053  -20.876 1.00 18.73  ? 109 VAL A O   1 
ATOM   774 C CB  . VAL A 1 109 ? 0.572   -4.772  -22.248 1.00 23.30  ? 109 VAL A CB  1 
ATOM   775 C CG1 . VAL A 1 109 ? 1.883   -5.402  -22.530 1.00 24.63  ? 109 VAL A CG1 1 
ATOM   776 C CG2 . VAL A 1 109 ? -0.613  -5.811  -22.486 1.00 23.80  ? 109 VAL A CG2 1 
ATOM   777 N N   . ALA A 1 110 ? 2.624   -3.726  -19.733 1.00 21.53  ? 110 ALA A N   1 
ATOM   778 C CA  . ALA A 1 110 ? 3.707   -2.895  -19.179 1.00 23.23  ? 110 ALA A CA  1 
ATOM   779 C C   . ALA A 1 110 ? 4.537   -2.423  -20.354 1.00 23.88  ? 110 ALA A C   1 
ATOM   780 O O   . ALA A 1 110 ? 4.558   -3.075  -21.370 1.00 23.96  ? 110 ALA A O   1 
ATOM   781 C CB  . ALA A 1 110 ? 4.602   -3.698  -18.216 1.00 20.94  ? 110 ALA A CB  1 
ATOM   782 N N   . ALA A 1 111 ? 5.226   -1.310  -20.201 1.00 25.66  ? 111 ALA A N   1 
ATOM   783 C CA  . ALA A 1 111 ? 6.175   -0.872  -21.232 1.00 29.30  ? 111 ALA A CA  1 
ATOM   784 C C   . ALA A 1 111 ? 7.294   -1.904  -21.444 1.00 31.09  ? 111 ALA A C   1 
ATOM   785 O O   . ALA A 1 111 ? 7.827   -2.510  -20.491 1.00 31.39  ? 111 ALA A O   1 
ATOM   786 C CB  . ALA A 1 111 ? 6.803   0.474   -20.810 1.00 28.77  ? 111 ALA A CB  1 
ATOM   787 N N   . ALA A 1 112 ? 7.679   -2.081  -22.689 1.00 35.16  ? 112 ALA A N   1 
ATOM   788 C CA  . ALA A 1 112 ? 8.888   -2.860  -22.983 1.00 39.15  ? 112 ALA A CA  1 
ATOM   789 C C   . ALA A 1 112 ? 10.178  -2.206  -22.397 1.00 41.19  ? 112 ALA A C   1 
ATOM   790 O O   . ALA A 1 112 ? 10.864  -2.794  -21.510 1.00 43.58  ? 112 ALA A O   1 
ATOM   791 C CB  . ALA A 1 112 ? 9.015   -3.048  -24.487 1.00 40.35  ? 112 ALA A CB  1 
HETATM 792 C C   . ACT B 2 .   ? -2.151  2.163   -18.904 1.00 47.17  ? 185 ACT A C   1 
HETATM 793 O O   . ACT B 2 .   ? -2.230  0.941   -18.561 1.00 46.34  ? 185 ACT A O   1 
HETATM 794 O OXT . ACT B 2 .   ? -2.076  2.368   -20.167 1.00 46.00  ? 185 ACT A OXT 1 
HETATM 795 C CH3 . ACT B 2 .   ? -2.150  3.273   -17.847 1.00 45.89  ? 185 ACT A CH3 1 
HETATM 796 C C   . ACT C 2 .   ? -4.454  0.127   -13.546 1.00 57.38  ? 186 ACT A C   1 
HETATM 797 O O   . ACT C 2 .   ? -5.288  0.967   -14.020 1.00 56.24  ? 186 ACT A O   1 
HETATM 798 O OXT . ACT C 2 .   ? -4.897  -1.013  -13.151 1.00 56.93  ? 186 ACT A OXT 1 
HETATM 799 C CH3 . ACT C 2 .   ? -2.980  0.482   -13.503 1.00 55.80  ? 186 ACT A CH3 1 
HETATM 800 O O   . HOH D 3 .   ? -4.099  12.125  6.449   1.00 42.38  ? 119 HOH A O   1 
HETATM 801 O O   . HOH D 3 .   ? -4.650  -6.310  0.201   1.00 21.08  ? 120 HOH A O   1 
HETATM 802 O O   . HOH D 3 .   ? -8.423  -10.473 -23.611 1.00 50.01  ? 121 HOH A O   1 
HETATM 803 O O   . HOH D 3 .   ? -8.857  4.942   -2.184  1.00 38.48  ? 122 HOH A O   1 
HETATM 804 O O   . HOH D 3 .   ? 1.621   13.427  7.730   1.00 36.99  ? 123 HOH A O   1 
HETATM 805 O O   . HOH D 3 .   ? -0.645  -1.502  14.444  1.00 35.03  ? 124 HOH A O   1 
HETATM 806 O O   . HOH D 3 .   ? -5.971  -3.273  -6.703  1.00 45.57  ? 125 HOH A O   1 
HETATM 807 O O   . HOH D 3 .   ? -9.173  2.980   9.704   1.00 39.98  ? 126 HOH A O   1 
HETATM 808 O O   . HOH D 3 .   ? -5.058  -12.705 7.913   1.00 24.49  ? 127 HOH A O   1 
HETATM 809 O O   . HOH D 3 .   ? 6.135   7.580   -10.184 1.00 27.31  ? 128 HOH A O   1 
HETATM 810 O O   . HOH D 3 .   ? -4.168  -10.410 0.241   1.00 28.02  ? 129 HOH A O   1 
HETATM 811 O O   . HOH D 3 .   ? 7.427   3.845   -11.655 1.00 30.74  ? 130 HOH A O   1 
HETATM 812 O O   . HOH D 3 .   ? 6.307   -2.940  -14.478 1.00 21.39  ? 131 HOH A O   1 
HETATM 813 O O   . HOH D 3 .   ? 5.435   -0.593  -17.358 1.00 28.67  ? 132 HOH A O   1 
HETATM 814 O O   . HOH D 3 .   ? 7.320   3.044   -17.943 1.00 22.36  ? 133 HOH A O   1 
HETATM 815 O O   . HOH D 3 .   ? -2.119  5.252   15.037  1.00 54.06  ? 134 HOH A O   1 
HETATM 816 O O   . HOH D 3 .   ? 8.249   6.455   -5.701  1.00 40.61  ? 135 HOH A O   1 
HETATM 817 O O   . HOH D 3 .   ? 9.141   0.243   -15.473 1.00 42.36  ? 136 HOH A O   1 
HETATM 818 O O   . HOH D 3 .   ? 11.504  2.101   12.960  1.00 44.24  ? 137 HOH A O   1 
HETATM 819 O O   . HOH D 3 .   ? 5.264   -3.438  14.214  1.00 39.45  ? 138 HOH A O   1 
HETATM 820 O O   . HOH D 3 .   ? -1.218  0.849   15.886  1.00 28.28  ? 139 HOH A O   1 
HETATM 821 O O   . HOH D 3 .   ? -2.762  -13.264 9.922   1.00 38.90  ? 140 HOH A O   1 
HETATM 822 O O   . HOH D 3 .   ? -13.511 10.202  2.318   1.00 60.46  ? 141 HOH A O   1 
HETATM 823 O O   . HOH D 3 .   ? 0.884   -9.286  -3.675  0.33 10.20  ? 142 HOH A O   1 
HETATM 824 O O   . HOH D 3 .   ? 8.658   -7.220  -14.842 1.00 37.38  ? 143 HOH A O   1 
HETATM 825 O O   . HOH D 3 .   ? -12.868 -1.027  4.961   1.00 65.61  ? 144 HOH A O   1 
HETATM 826 O O   . HOH D 3 .   ? -10.288 -4.288  6.898   1.00 53.07  ? 145 HOH A O   1 
HETATM 827 O O   . HOH D 3 .   ? -6.205  11.282  4.859   1.00 43.43  ? 146 HOH A O   1 
HETATM 828 O O   . HOH D 3 .   ? -0.178  10.874  9.160   1.00 38.17  ? 147 HOH A O   1 
HETATM 829 O O   . HOH D 3 .   ? -3.534  12.895  -0.912  1.00 36.65  ? 148 HOH A O   1 
HETATM 830 O O   . HOH D 3 .   ? -9.101  4.130   -9.321  1.00 43.54  ? 149 HOH A O   1 
HETATM 831 O O   . HOH D 3 .   ? -5.932  -0.991  -7.626  1.00 36.12  ? 150 HOH A O   1 
HETATM 832 O O   . HOH D 3 .   ? -4.675  -7.253  -5.108  1.00 48.66  ? 151 HOH A O   1 
HETATM 833 O O   . HOH D 3 .   ? 1.259   -8.572  -1.225  1.00 54.54  ? 152 HOH A O   1 
HETATM 834 O O   . HOH D 3 .   ? -5.597  -11.035 11.096  1.00 63.91  ? 153 HOH A O   1 
HETATM 835 O O   . HOH D 3 .   ? -8.793  -11.282 9.911   1.00 68.87  ? 154 HOH A O   1 
HETATM 836 O O   . HOH D 3 .   ? -8.602  -13.348 7.263   0.33 58.12  ? 155 HOH A O   1 
HETATM 837 O O   . HOH D 3 .   ? 4.867   -4.299  10.367  1.00 50.99  ? 156 HOH A O   1 
HETATM 838 O O   . HOH D 3 .   ? 11.329  -1.954  8.463   1.00 49.37  ? 157 HOH A O   1 
HETATM 839 O O   . HOH D 3 .   ? -3.145  -6.857  17.395  1.00 40.59  ? 158 HOH A O   1 
HETATM 840 O O   . HOH D 3 .   ? -2.102  -3.262  15.488  1.00 36.98  ? 159 HOH A O   1 
HETATM 841 O O   . HOH D 3 .   ? 2.331   -1.335  10.271  1.00 46.27  ? 160 HOH A O   1 
HETATM 842 O O   . HOH D 3 .   ? -2.218  7.482   -13.967 1.00 44.65  ? 161 HOH A O   1 
HETATM 843 O O   . HOH D 3 .   ? 3.811   9.925   -9.427  1.00 31.65  ? 162 HOH A O   1 
HETATM 844 O O   . HOH D 3 .   ? 7.099   7.328   -15.720 1.00 54.64  ? 163 HOH A O   1 
HETATM 845 O O   . HOH D 3 .   ? 8.410   4.976   -16.415 1.00 53.57  ? 164 HOH A O   1 
HETATM 846 O O   . HOH D 3 .   ? 8.372   2.795   -9.289  1.00 37.25  ? 165 HOH A O   1 
HETATM 847 O O   . HOH D 3 .   ? 7.834   11.268  5.265   1.00 49.85  ? 166 HOH A O   1 
HETATM 848 O O   . HOH D 3 .   ? -2.828  10.144  9.638   1.00 39.90  ? 167 HOH A O   1 
HETATM 849 O O   . HOH D 3 .   ? 1.567   5.442   16.613  1.00 49.75  ? 168 HOH A O   1 
HETATM 850 O O   . HOH D 3 .   ? 11.868  3.138   18.130  1.00 58.56  ? 169 HOH A O   1 
HETATM 851 O O   . HOH D 3 .   ? 8.836   4.268   18.640  1.00 42.80  ? 170 HOH A O   1 
HETATM 852 O O   . HOH D 3 .   ? 7.520   -4.858  -15.828 1.00 39.11  ? 171 HOH A O   1 
HETATM 853 O O   . HOH D 3 .   ? 11.012  -7.888  -13.354 0.33 28.10  ? 172 HOH A O   1 
HETATM 854 O O   . HOH D 3 .   ? 7.768   -5.910  -19.422 1.00 48.58  ? 173 HOH A O   1 
HETATM 855 O O   . HOH D 3 .   ? 4.718   -2.581  -24.435 1.00 58.84  ? 174 HOH A O   1 
HETATM 856 O O   . HOH D 3 .   ? -5.467  2.848   -9.972  1.00 50.02  ? 175 HOH A O   1 
HETATM 857 O O   . HOH D 3 .   ? -0.625  10.333  13.094  1.00 58.59  ? 176 HOH A O   1 
HETATM 858 O O   . HOH D 3 .   ? -7.716  6.375   9.904   1.00 47.08  ? 177 HOH A O   1 
HETATM 859 O O   . HOH D 3 .   ? -9.651  8.735   9.943   1.00 45.40  ? 178 HOH A O   1 
HETATM 860 O O   . HOH D 3 .   ? -5.535  7.785   13.074  1.00 64.64  ? 179 HOH A O   1 
HETATM 861 O O   . HOH D 3 .   ? -4.692  -1.102  15.971  1.00 54.96  ? 180 HOH A O   1 
HETATM 862 O O   . HOH D 3 .   ? 3.732   -2.505  15.417  1.00 42.55  ? 181 HOH A O   1 
HETATM 863 O O   . HOH D 3 .   ? 1.318   3.646   18.905  1.00 61.34  ? 182 HOH A O   1 
HETATM 864 O O   . HOH D 3 .   ? -6.304  3.036   -7.497  1.00 34.53  ? 183 HOH A O   1 
HETATM 865 O O   . HOH D 3 .   ? 6.627   -5.829  8.015   1.00 57.97  ? 184 HOH A O   1 
HETATM 866 O O   . HOH D 3 .   ? 7.760   2.638   9.146   1.00 23.65  ? 187 HOH A O   1 
HETATM 867 O O   . HOH D 3 .   ? -2.594  5.144   -12.511 1.00 21.20  ? 188 HOH A O   1 
HETATM 868 O O   . HOH D 3 .   ? 0.695   2.983   9.710   1.00 23.35  ? 189 HOH A O   1 
HETATM 869 O O   . HOH D 3 .   ? 7.121   9.436   -3.262  1.00 35.33  ? 190 HOH A O   1 
HETATM 870 O O   . HOH D 3 .   ? 7.334   -0.761  11.104  1.00 24.70  ? 191 HOH A O   1 
HETATM 871 O O   . HOH D 3 .   ? 8.705   1.523   11.742  1.00 30.67  ? 192 HOH A O   1 
HETATM 872 O O   . HOH D 3 .   ? -6.061  -6.445  10.330  1.00 53.64  ? 193 HOH A O   1 
HETATM 873 O O   . HOH D 3 .   ? 6.251   -5.298  16.758  1.00 63.79  ? 194 HOH A O   1 
# 
loop_
_pdbx_poly_seq_scheme.asym_id 
_pdbx_poly_seq_scheme.entity_id 
_pdbx_poly_seq_scheme.seq_id 
_pdbx_poly_seq_scheme.mon_id 
_pdbx_poly_seq_scheme.ndb_seq_num 
_pdbx_poly_seq_scheme.pdb_seq_num 
_pdbx_poly_seq_scheme.auth_seq_num 
_pdbx_poly_seq_scheme.pdb_mon_id 
_pdbx_poly_seq_scheme.auth_mon_id 
_pdbx_poly_seq_scheme.pdb_strand_id 
_pdbx_poly_seq_scheme.pdb_ins_code 
_pdbx_poly_seq_scheme.hetero 
A 1 1   MET 1   1   1   MET MET A . n 
A 1 2   LYS 2   2   2   LYS LYS A . n 
A 1 3   MET 3   3   3   MET MET A . n 
A 1 4   VAL 4   4   4   VAL VAL A . n 
A 1 5   VAL 5   5   5   VAL VAL A . n 
A 1 6   ALA 6   6   6   ALA ALA A . n 
A 1 7   VAL 7   7   7   VAL VAL A . n 
A 1 8   ILE 8   8   8   ILE ILE A . n 
A 1 9   ARG 9   9   9   ARG ARG A . n 
A 1 10  PRO 10  10  10  PRO PRO A . n 
A 1 11  GLU 11  11  11  GLU GLU A . n 
A 1 12  LYS 12  12  12  LYS LYS A . n 
A 1 13  LEU 13  13  13  LEU LEU A . n 
A 1 14  GLU 14  14  14  GLU GLU A . n 
A 1 15  CYS 15  15  15  CYS CYS A . n 
A 1 16  VAL 16  16  16  VAL VAL A . n 
A 1 17  LYS 17  17  17  LYS LYS A . n 
A 1 18  LYS 18  18  18  LYS LYS A . n 
A 1 19  ALA 19  19  19  ALA ALA A . n 
A 1 20  LEU 20  20  20  LEU LEU A . n 
A 1 21  GLU 21  21  21  GLU GLU A . n 
A 1 22  GLU 22  22  22  GLU GLU A . n 
A 1 23  ARG 23  23  23  ARG ARG A . n 
A 1 24  GLY 24  24  24  GLY GLY A . n 
A 1 25  PHE 25  25  25  PHE PHE A . n 
A 1 26  VAL 26  26  26  VAL VAL A . n 
A 1 27  GLY 27  27  27  GLY GLY A . n 
A 1 28  MET 28  28  28  MET MET A . n 
A 1 29  THR 29  29  29  THR THR A . n 
A 1 30  VAL 30  30  30  VAL VAL A . n 
A 1 31  THR 31  31  31  THR THR A . n 
A 1 32  GLU 32  32  32  GLU GLU A . n 
A 1 33  VAL 33  33  33  VAL VAL A . n 
A 1 34  LYS 34  34  34  LYS LYS A . n 
A 1 35  GLY 35  35  35  GLY GLY A . n 
A 1 36  ARG 36  36  36  ARG ARG A . n 
A 1 37  GLY 37  37  37  GLY GLY A . n 
A 1 38  GLU 38  38  38  GLU GLU A . n 
A 1 39  GLN 39  39  39  GLN GLN A . n 
A 1 40  LYS 40  40  40  LYS LYS A . n 
A 1 41  GLY 41  41  41  GLY GLY A . n 
A 1 42  ILE 42  42  42  ILE ILE A . n 
A 1 43  ARG 43  43  43  ARG ARG A . n 
A 1 44  LEU 44  44  44  LEU LEU A . n 
A 1 45  GLN 45  45  ?   ?   ?   A . n 
A 1 46  PHE 46  46  ?   ?   ?   A . n 
A 1 47  ARG 47  47  ?   ?   ?   A . n 
A 1 48  GLY 48  48  ?   ?   ?   A . n 
A 1 49  ARG 49  49  ?   ?   ?   A . n 
A 1 50  GLU 50  50  ?   ?   ?   A . n 
A 1 51  VAL 51  51  ?   ?   ?   A . n 
A 1 52  GLU 52  52  ?   ?   ?   A . n 
A 1 53  VAL 53  53  53  VAL VAL A . n 
A 1 54  ASP 54  54  54  ASP ASP A . n 
A 1 55  LEU 55  55  55  LEU LEU A . n 
A 1 56  LEU 56  56  56  LEU LEU A . n 
A 1 57  GLN 57  57  57  GLN GLN A . n 
A 1 58  LYS 58  58  58  LYS LYS A . n 
A 1 59  THR 59  59  59  THR THR A . n 
A 1 60  LYS 60  60  60  LYS LYS A . n 
A 1 61  VAL 61  61  61  VAL VAL A . n 
A 1 62  GLU 62  62  62  GLU GLU A . n 
A 1 63  VAL 63  63  63  VAL VAL A . n 
A 1 64  VAL 64  64  64  VAL VAL A . n 
A 1 65  VAL 65  65  65  VAL VAL A . n 
A 1 66  SER 66  66  66  SER SER A . n 
A 1 67  ASP 67  67  67  ASP ASP A . n 
A 1 68  ASP 68  68  68  ASP ASP A . n 
A 1 69  ALA 69  69  69  ALA ALA A . n 
A 1 70  VAL 70  70  70  VAL VAL A . n 
A 1 71  ASP 71  71  71  ASP ASP A . n 
A 1 72  GLU 72  72  72  GLU GLU A . n 
A 1 73  VAL 73  73  73  VAL VAL A . n 
A 1 74  VAL 74  74  74  VAL VAL A . n 
A 1 75  GLU 75  75  75  GLU GLU A . n 
A 1 76  ALA 76  76  76  ALA ALA A . n 
A 1 77  ILE 77  77  77  ILE ILE A . n 
A 1 78  VAL 78  78  78  VAL VAL A . n 
A 1 79  SER 79  79  79  SER SER A . n 
A 1 80  SER 80  80  80  SER SER A . n 
A 1 81  ALA 81  81  81  ALA ALA A . n 
A 1 82  ARG 82  82  82  ARG ARG A . n 
A 1 83  THR 83  83  83  THR THR A . n 
A 1 84  GLY 84  84  84  GLY GLY A . n 
A 1 85  LYS 85  85  85  LYS LYS A . n 
A 1 86  PHE 86  86  86  PHE PHE A . n 
A 1 87  GLY 87  87  87  GLY GLY A . n 
A 1 88  ASP 88  88  88  ASP ASP A . n 
A 1 89  GLY 89  89  89  GLY GLY A . n 
A 1 90  ARG 90  90  90  ARG ARG A . n 
A 1 91  ILE 91  91  91  ILE ILE A . n 
A 1 92  PHE 92  92  92  PHE PHE A . n 
A 1 93  VAL 93  93  93  VAL VAL A . n 
A 1 94  ILE 94  94  94  ILE ILE A . n 
A 1 95  PRO 95  95  95  PRO PRO A . n 
A 1 96  VAL 96  96  96  VAL VAL A . n 
A 1 97  GLU 97  97  97  GLU GLU A . n 
A 1 98  LYS 98  98  98  LYS LYS A . n 
A 1 99  SER 99  99  99  SER SER A . n 
A 1 100 VAL 100 100 100 VAL VAL A . n 
A 1 101 LYS 101 101 101 LYS LYS A . n 
A 1 102 ILE 102 102 102 ILE ILE A . n 
A 1 103 ARG 103 103 103 ARG ARG A . n 
A 1 104 THR 104 104 104 THR THR A . n 
A 1 105 GLY 105 105 105 GLY GLY A . n 
A 1 106 GLU 106 106 106 GLU GLU A . n 
A 1 107 GLU 107 107 107 GLU GLU A . n 
A 1 108 GLU 108 108 108 GLU GLU A . n 
A 1 109 VAL 109 109 109 VAL VAL A . n 
A 1 110 ALA 110 110 110 ALA ALA A . n 
A 1 111 ALA 111 111 111 ALA ALA A . n 
A 1 112 ALA 112 112 112 ALA ALA A . n 
A 1 113 HIS 113 113 ?   ?   ?   A . n 
A 1 114 HIS 114 114 ?   ?   ?   A . n 
A 1 115 HIS 115 115 ?   ?   ?   A . n 
A 1 116 HIS 116 116 ?   ?   ?   A . n 
A 1 117 HIS 117 117 ?   ?   ?   A . n 
A 1 118 HIS 118 118 ?   ?   ?   A . n 
# 
loop_
_pdbx_nonpoly_scheme.asym_id 
_pdbx_nonpoly_scheme.entity_id 
_pdbx_nonpoly_scheme.mon_id 
_pdbx_nonpoly_scheme.ndb_seq_num 
_pdbx_nonpoly_scheme.pdb_seq_num 
_pdbx_nonpoly_scheme.auth_seq_num 
_pdbx_nonpoly_scheme.pdb_mon_id 
_pdbx_nonpoly_scheme.auth_mon_id 
_pdbx_nonpoly_scheme.pdb_strand_id 
_pdbx_nonpoly_scheme.pdb_ins_code 
B 2 ACT 1  185 185 ACT ACT A . 
C 2 ACT 1  186 186 ACT ACT A . 
D 3 HOH 1  119 119 HOH HOH A . 
D 3 HOH 2  120 120 HOH HOH A . 
D 3 HOH 3  121 121 HOH HOH A . 
D 3 HOH 4  122 122 HOH HOH A . 
D 3 HOH 5  123 123 HOH HOH A . 
D 3 HOH 6  124 124 HOH HOH A . 
D 3 HOH 7  125 125 HOH HOH A . 
D 3 HOH 8  126 126 HOH HOH A . 
D 3 HOH 9  127 127 HOH HOH A . 
D 3 HOH 10 128 128 HOH HOH A . 
D 3 HOH 11 129 129 HOH HOH A . 
D 3 HOH 12 130 130 HOH HOH A . 
D 3 HOH 13 131 131 HOH HOH A . 
D 3 HOH 14 132 132 HOH HOH A . 
D 3 HOH 15 133 133 HOH HOH A . 
D 3 HOH 16 134 134 HOH HOH A . 
D 3 HOH 17 135 135 HOH HOH A . 
D 3 HOH 18 136 136 HOH HOH A . 
D 3 HOH 19 137 137 HOH HOH A . 
D 3 HOH 20 138 138 HOH HOH A . 
D 3 HOH 21 139 139 HOH HOH A . 
D 3 HOH 22 140 140 HOH HOH A . 
D 3 HOH 23 141 141 HOH HOH A . 
D 3 HOH 24 142 142 HOH HOH A . 
D 3 HOH 25 143 143 HOH HOH A . 
D 3 HOH 26 144 144 HOH HOH A . 
D 3 HOH 27 145 145 HOH HOH A . 
D 3 HOH 28 146 146 HOH HOH A . 
D 3 HOH 29 147 147 HOH HOH A . 
D 3 HOH 30 148 148 HOH HOH A . 
D 3 HOH 31 149 149 HOH HOH A . 
D 3 HOH 32 150 150 HOH HOH A . 
D 3 HOH 33 151 151 HOH HOH A . 
D 3 HOH 34 152 152 HOH HOH A . 
D 3 HOH 35 153 153 HOH HOH A . 
D 3 HOH 36 154 154 HOH HOH A . 
D 3 HOH 37 155 155 HOH HOH A . 
D 3 HOH 38 156 156 HOH HOH A . 
D 3 HOH 39 157 157 HOH HOH A . 
D 3 HOH 40 158 158 HOH HOH A . 
D 3 HOH 41 159 159 HOH HOH A . 
D 3 HOH 42 160 160 HOH HOH A . 
D 3 HOH 43 161 161 HOH HOH A . 
D 3 HOH 44 162 162 HOH HOH A . 
D 3 HOH 45 163 163 HOH HOH A . 
D 3 HOH 46 164 164 HOH HOH A . 
D 3 HOH 47 165 165 HOH HOH A . 
D 3 HOH 48 166 166 HOH HOH A . 
D 3 HOH 49 167 167 HOH HOH A . 
D 3 HOH 50 168 168 HOH HOH A . 
D 3 HOH 51 169 169 HOH HOH A . 
D 3 HOH 52 170 170 HOH HOH A . 
D 3 HOH 53 171 171 HOH HOH A . 
D 3 HOH 54 172 172 HOH HOH A . 
D 3 HOH 55 173 173 HOH HOH A . 
D 3 HOH 56 174 174 HOH HOH A . 
D 3 HOH 57 175 175 HOH HOH A . 
D 3 HOH 58 176 176 HOH HOH A . 
D 3 HOH 59 177 177 HOH HOH A . 
D 3 HOH 60 178 178 HOH HOH A . 
D 3 HOH 61 179 179 HOH HOH A . 
D 3 HOH 62 180 180 HOH HOH A . 
D 3 HOH 63 181 181 HOH HOH A . 
D 3 HOH 64 182 182 HOH HOH A . 
D 3 HOH 65 183 183 HOH HOH A . 
D 3 HOH 66 184 184 HOH HOH A . 
D 3 HOH 67 187 113 HOH HOH A . 
D 3 HOH 68 188 114 HOH HOH A . 
D 3 HOH 69 189 115 HOH HOH A . 
D 3 HOH 70 190 116 HOH HOH A . 
D 3 HOH 71 191 117 HOH HOH A . 
D 3 HOH 72 192 118 HOH HOH A . 
D 3 HOH 73 193 185 HOH HOH A . 
D 3 HOH 74 194 186 HOH HOH A . 
# 
_pdbx_struct_assembly.id                   1 
_pdbx_struct_assembly.details              author_and_software_defined_assembly 
_pdbx_struct_assembly.method_details       PISA 
_pdbx_struct_assembly.oligomeric_details   trimeric 
_pdbx_struct_assembly.oligomeric_count     3 
# 
_pdbx_struct_assembly_gen.assembly_id       1 
_pdbx_struct_assembly_gen.oper_expression   1,2,3 
_pdbx_struct_assembly_gen.asym_id_list      A,B,C,D 
# 
loop_
_pdbx_struct_assembly_prop.biol_id 
_pdbx_struct_assembly_prop.type 
_pdbx_struct_assembly_prop.value 
_pdbx_struct_assembly_prop.details 
1 'ABSA (A^2)' 8310  ? 
1 MORE         -29   ? 
1 'SSA (A^2)'  15770 ? 
# 
loop_
_pdbx_struct_oper_list.id 
_pdbx_struct_oper_list.type 
_pdbx_struct_oper_list.name 
_pdbx_struct_oper_list.symmetry_operation 
_pdbx_struct_oper_list.matrix[1][1] 
_pdbx_struct_oper_list.matrix[1][2] 
_pdbx_struct_oper_list.matrix[1][3] 
_pdbx_struct_oper_list.vector[1] 
_pdbx_struct_oper_list.matrix[2][1] 
_pdbx_struct_oper_list.matrix[2][2] 
_pdbx_struct_oper_list.matrix[2][3] 
_pdbx_struct_oper_list.vector[2] 
_pdbx_struct_oper_list.matrix[3][1] 
_pdbx_struct_oper_list.matrix[3][2] 
_pdbx_struct_oper_list.matrix[3][3] 
_pdbx_struct_oper_list.vector[3] 
1 'identity operation'         1_555  x,y,z           1.0000000000 0.0000000000  0.0000000000  0.0000000000  0.0000000000  1.0000000000  0.0000000000  0.0000000000   0.0000000000  0.0000000000  1.0000000000 0.0000000000   
2 'crystal symmetry operation' 6_445  z-1/2,-x-1/2,-y 0.2101047375 0.7983363389  -0.5643714108 7.3798084930  -0.4171882760 -0.4488547822 -0.7902425747 -17.1390890296 -0.8842001706 0.4014828446  0.2387500447 2.7256805351   
3 'crystal symmetry operation' 12_455 -y-1/2,-z,x+1/2 0.2101047375 -0.4171882760 -0.8842001706 -6.2907125370 0.7983363389  -0.4488547822 0.4014828446  -14.6788453423 -0.5643714108 -0.7902425747 0.2387500447 -10.0298412616 
# 
_pdbx_struct_special_symmetry.id              1 
_pdbx_struct_special_symmetry.PDB_model_num   1 
_pdbx_struct_special_symmetry.auth_asym_id    A 
_pdbx_struct_special_symmetry.auth_comp_id    HOH 
_pdbx_struct_special_symmetry.auth_seq_id     172 
_pdbx_struct_special_symmetry.PDB_ins_code    ? 
_pdbx_struct_special_symmetry.label_asym_id   D 
_pdbx_struct_special_symmetry.label_comp_id   HOH 
_pdbx_struct_special_symmetry.label_seq_id    . 
# 
loop_
_pdbx_audit_revision_history.ordinal 
_pdbx_audit_revision_history.data_content_type 
_pdbx_audit_revision_history.major_revision 
_pdbx_audit_revision_history.minor_revision 
_pdbx_audit_revision_history.revision_date 
1 'Structure model' 1 0 2011-02-09 
2 'Structure model' 1 1 2011-07-13 
3 'Structure model' 1 2 2012-03-28 
4 'Structure model' 1 3 2023-09-06 
# 
_pdbx_audit_revision_details.ordinal             1 
_pdbx_audit_revision_details.revision_ordinal    1 
_pdbx_audit_revision_details.data_content_type   'Structure model' 
_pdbx_audit_revision_details.provider            repository 
_pdbx_audit_revision_details.type                'Initial release' 
_pdbx_audit_revision_details.description         ? 
_pdbx_audit_revision_details.details             ? 
# 
loop_
_pdbx_audit_revision_group.ordinal 
_pdbx_audit_revision_group.revision_ordinal 
_pdbx_audit_revision_group.data_content_type 
_pdbx_audit_revision_group.group 
1 2 'Structure model' 'Version format compliance' 
2 3 'Structure model' 'Database references'       
3 4 'Structure model' 'Data collection'           
4 4 'Structure model' 'Database references'       
5 4 'Structure model' 'Derived calculations'      
6 4 'Structure model' 'Refinement description'    
# 
loop_
_pdbx_audit_revision_category.ordinal 
_pdbx_audit_revision_category.revision_ordinal 
_pdbx_audit_revision_category.data_content_type 
_pdbx_audit_revision_category.category 
1 4 'Structure model' chem_comp_atom                
2 4 'Structure model' chem_comp_bond                
3 4 'Structure model' database_2                    
4 4 'Structure model' pdbx_initial_refinement_model 
5 4 'Structure model' struct_ref_seq_dif            
6 4 'Structure model' struct_site                   
# 
loop_
_pdbx_audit_revision_item.ordinal 
_pdbx_audit_revision_item.revision_ordinal 
_pdbx_audit_revision_item.data_content_type 
_pdbx_audit_revision_item.item 
1 4 'Structure model' '_database_2.pdbx_DOI'                
2 4 'Structure model' '_database_2.pdbx_database_accession' 
3 4 'Structure model' '_struct_ref_seq_dif.details'         
4 4 'Structure model' '_struct_site.pdbx_auth_asym_id'      
5 4 'Structure model' '_struct_site.pdbx_auth_comp_id'      
6 4 'Structure model' '_struct_site.pdbx_auth_seq_id'       
# 
loop_
_software.name 
_software.classification 
_software.version 
_software.citation_id 
_software.pdbx_ordinal 
iMOSFLM 'data reduction' .        ? 1 
MOLREP  phasing          .        ? 2 
REFMAC  refinement       5.5.0109 ? 3 
MOSFLM  'data reduction' .        ? 4 
SCALA   'data scaling'   .        ? 5 
# 
_pdbx_validate_close_contact.id               1 
_pdbx_validate_close_contact.PDB_model_num    1 
_pdbx_validate_close_contact.auth_atom_id_1   O 
_pdbx_validate_close_contact.auth_asym_id_1   A 
_pdbx_validate_close_contact.auth_comp_id_1   HOH 
_pdbx_validate_close_contact.auth_seq_id_1    138 
_pdbx_validate_close_contact.PDB_ins_code_1   ? 
_pdbx_validate_close_contact.label_alt_id_1   ? 
_pdbx_validate_close_contact.auth_atom_id_2   O 
_pdbx_validate_close_contact.auth_asym_id_2   A 
_pdbx_validate_close_contact.auth_comp_id_2   HOH 
_pdbx_validate_close_contact.auth_seq_id_2    181 
_pdbx_validate_close_contact.PDB_ins_code_2   ? 
_pdbx_validate_close_contact.label_alt_id_2   ? 
_pdbx_validate_close_contact.dist             2.16 
# 
_pdbx_validate_rmsd_bond.id                        1 
_pdbx_validate_rmsd_bond.PDB_model_num             1 
_pdbx_validate_rmsd_bond.auth_atom_id_1            CB 
_pdbx_validate_rmsd_bond.auth_asym_id_1            A 
_pdbx_validate_rmsd_bond.auth_comp_id_1            GLU 
_pdbx_validate_rmsd_bond.auth_seq_id_1             107 
_pdbx_validate_rmsd_bond.PDB_ins_code_1            ? 
_pdbx_validate_rmsd_bond.label_alt_id_1            ? 
_pdbx_validate_rmsd_bond.auth_atom_id_2            CG 
_pdbx_validate_rmsd_bond.auth_asym_id_2            A 
_pdbx_validate_rmsd_bond.auth_comp_id_2            GLU 
_pdbx_validate_rmsd_bond.auth_seq_id_2             107 
_pdbx_validate_rmsd_bond.PDB_ins_code_2            ? 
_pdbx_validate_rmsd_bond.label_alt_id_2            ? 
_pdbx_validate_rmsd_bond.bond_value                1.398 
_pdbx_validate_rmsd_bond.bond_target_value         1.517 
_pdbx_validate_rmsd_bond.bond_deviation            -0.119 
_pdbx_validate_rmsd_bond.bond_standard_deviation   0.019 
_pdbx_validate_rmsd_bond.linker_flag               N 
# 
_pdbx_validate_rmsd_angle.id                         1 
_pdbx_validate_rmsd_angle.PDB_model_num              1 
_pdbx_validate_rmsd_angle.auth_atom_id_1             CA 
_pdbx_validate_rmsd_angle.auth_asym_id_1             A 
_pdbx_validate_rmsd_angle.auth_comp_id_1             LEU 
_pdbx_validate_rmsd_angle.auth_seq_id_1              44 
_pdbx_validate_rmsd_angle.PDB_ins_code_1             ? 
_pdbx_validate_rmsd_angle.label_alt_id_1             ? 
_pdbx_validate_rmsd_angle.auth_atom_id_2             CB 
_pdbx_validate_rmsd_angle.auth_asym_id_2             A 
_pdbx_validate_rmsd_angle.auth_comp_id_2             LEU 
_pdbx_validate_rmsd_angle.auth_seq_id_2              44 
_pdbx_validate_rmsd_angle.PDB_ins_code_2             ? 
_pdbx_validate_rmsd_angle.label_alt_id_2             ? 
_pdbx_validate_rmsd_angle.auth_atom_id_3             CG 
_pdbx_validate_rmsd_angle.auth_asym_id_3             A 
_pdbx_validate_rmsd_angle.auth_comp_id_3             LEU 
_pdbx_validate_rmsd_angle.auth_seq_id_3              44 
_pdbx_validate_rmsd_angle.PDB_ins_code_3             ? 
_pdbx_validate_rmsd_angle.label_alt_id_3             ? 
_pdbx_validate_rmsd_angle.angle_value                130.00 
_pdbx_validate_rmsd_angle.angle_target_value         115.30 
_pdbx_validate_rmsd_angle.angle_deviation            14.70 
_pdbx_validate_rmsd_angle.angle_standard_deviation   2.30 
_pdbx_validate_rmsd_angle.linker_flag                N 
# 
_pdbx_validate_torsion.id              1 
_pdbx_validate_torsion.PDB_model_num   1 
_pdbx_validate_torsion.auth_comp_id    ARG 
_pdbx_validate_torsion.auth_asym_id    A 
_pdbx_validate_torsion.auth_seq_id     43 
_pdbx_validate_torsion.PDB_ins_code    ? 
_pdbx_validate_torsion.label_alt_id    ? 
_pdbx_validate_torsion.phi             -71.72 
_pdbx_validate_torsion.psi             -76.80 
# 
loop_
_pdbx_unobs_or_zero_occ_residues.id 
_pdbx_unobs_or_zero_occ_residues.PDB_model_num 
_pdbx_unobs_or_zero_occ_residues.polymer_flag 
_pdbx_unobs_or_zero_occ_residues.occupancy_flag 
_pdbx_unobs_or_zero_occ_residues.auth_asym_id 
_pdbx_unobs_or_zero_occ_residues.auth_comp_id 
_pdbx_unobs_or_zero_occ_residues.auth_seq_id 
_pdbx_unobs_or_zero_occ_residues.PDB_ins_code 
_pdbx_unobs_or_zero_occ_residues.label_asym_id 
_pdbx_unobs_or_zero_occ_residues.label_comp_id 
_pdbx_unobs_or_zero_occ_residues.label_seq_id 
1  1 Y 1 A GLN 45  ? A GLN 45  
2  1 Y 1 A PHE 46  ? A PHE 46  
3  1 Y 1 A ARG 47  ? A ARG 47  
4  1 Y 1 A GLY 48  ? A GLY 48  
5  1 Y 1 A ARG 49  ? A ARG 49  
6  1 Y 1 A GLU 50  ? A GLU 50  
7  1 Y 1 A VAL 51  ? A VAL 51  
8  1 Y 1 A GLU 52  ? A GLU 52  
9  1 Y 1 A HIS 113 ? A HIS 113 
10 1 Y 1 A HIS 114 ? A HIS 114 
11 1 Y 1 A HIS 115 ? A HIS 115 
12 1 Y 1 A HIS 116 ? A HIS 116 
13 1 Y 1 A HIS 117 ? A HIS 117 
14 1 Y 1 A HIS 118 ? A HIS 118 
# 
loop_
_chem_comp_atom.comp_id 
_chem_comp_atom.atom_id 
_chem_comp_atom.type_symbol 
_chem_comp_atom.pdbx_aromatic_flag 
_chem_comp_atom.pdbx_stereo_config 
_chem_comp_atom.pdbx_ordinal 
ACT C    C N N 1   
ACT O    O N N 2   
ACT OXT  O N N 3   
ACT CH3  C N N 4   
ACT H1   H N N 5   
ACT H2   H N N 6   
ACT H3   H N N 7   
ALA N    N N N 8   
ALA CA   C N S 9   
ALA C    C N N 10  
ALA O    O N N 11  
ALA CB   C N N 12  
ALA OXT  O N N 13  
ALA H    H N N 14  
ALA H2   H N N 15  
ALA HA   H N N 16  
ALA HB1  H N N 17  
ALA HB2  H N N 18  
ALA HB3  H N N 19  
ALA HXT  H N N 20  
ARG N    N N N 21  
ARG CA   C N S 22  
ARG C    C N N 23  
ARG O    O N N 24  
ARG CB   C N N 25  
ARG CG   C N N 26  
ARG CD   C N N 27  
ARG NE   N N N 28  
ARG CZ   C N N 29  
ARG NH1  N N N 30  
ARG NH2  N N N 31  
ARG OXT  O N N 32  
ARG H    H N N 33  
ARG H2   H N N 34  
ARG HA   H N N 35  
ARG HB2  H N N 36  
ARG HB3  H N N 37  
ARG HG2  H N N 38  
ARG HG3  H N N 39  
ARG HD2  H N N 40  
ARG HD3  H N N 41  
ARG HE   H N N 42  
ARG HH11 H N N 43  
ARG HH12 H N N 44  
ARG HH21 H N N 45  
ARG HH22 H N N 46  
ARG HXT  H N N 47  
ASP N    N N N 48  
ASP CA   C N S 49  
ASP C    C N N 50  
ASP O    O N N 51  
ASP CB   C N N 52  
ASP CG   C N N 53  
ASP OD1  O N N 54  
ASP OD2  O N N 55  
ASP OXT  O N N 56  
ASP H    H N N 57  
ASP H2   H N N 58  
ASP HA   H N N 59  
ASP HB2  H N N 60  
ASP HB3  H N N 61  
ASP HD2  H N N 62  
ASP HXT  H N N 63  
CYS N    N N N 64  
CYS CA   C N R 65  
CYS C    C N N 66  
CYS O    O N N 67  
CYS CB   C N N 68  
CYS SG   S N N 69  
CYS OXT  O N N 70  
CYS H    H N N 71  
CYS H2   H N N 72  
CYS HA   H N N 73  
CYS HB2  H N N 74  
CYS HB3  H N N 75  
CYS HG   H N N 76  
CYS HXT  H N N 77  
GLN N    N N N 78  
GLN CA   C N S 79  
GLN C    C N N 80  
GLN O    O N N 81  
GLN CB   C N N 82  
GLN CG   C N N 83  
GLN CD   C N N 84  
GLN OE1  O N N 85  
GLN NE2  N N N 86  
GLN OXT  O N N 87  
GLN H    H N N 88  
GLN H2   H N N 89  
GLN HA   H N N 90  
GLN HB2  H N N 91  
GLN HB3  H N N 92  
GLN HG2  H N N 93  
GLN HG3  H N N 94  
GLN HE21 H N N 95  
GLN HE22 H N N 96  
GLN HXT  H N N 97  
GLU N    N N N 98  
GLU CA   C N S 99  
GLU C    C N N 100 
GLU O    O N N 101 
GLU CB   C N N 102 
GLU CG   C N N 103 
GLU CD   C N N 104 
GLU OE1  O N N 105 
GLU OE2  O N N 106 
GLU OXT  O N N 107 
GLU H    H N N 108 
GLU H2   H N N 109 
GLU HA   H N N 110 
GLU HB2  H N N 111 
GLU HB3  H N N 112 
GLU HG2  H N N 113 
GLU HG3  H N N 114 
GLU HE2  H N N 115 
GLU HXT  H N N 116 
GLY N    N N N 117 
GLY CA   C N N 118 
GLY C    C N N 119 
GLY O    O N N 120 
GLY OXT  O N N 121 
GLY H    H N N 122 
GLY H2   H N N 123 
GLY HA2  H N N 124 
GLY HA3  H N N 125 
GLY HXT  H N N 126 
HIS N    N N N 127 
HIS CA   C N S 128 
HIS C    C N N 129 
HIS O    O N N 130 
HIS CB   C N N 131 
HIS CG   C Y N 132 
HIS ND1  N Y N 133 
HIS CD2  C Y N 134 
HIS CE1  C Y N 135 
HIS NE2  N Y N 136 
HIS OXT  O N N 137 
HIS H    H N N 138 
HIS H2   H N N 139 
HIS HA   H N N 140 
HIS HB2  H N N 141 
HIS HB3  H N N 142 
HIS HD1  H N N 143 
HIS HD2  H N N 144 
HIS HE1  H N N 145 
HIS HE2  H N N 146 
HIS HXT  H N N 147 
HOH O    O N N 148 
HOH H1   H N N 149 
HOH H2   H N N 150 
ILE N    N N N 151 
ILE CA   C N S 152 
ILE C    C N N 153 
ILE O    O N N 154 
ILE CB   C N S 155 
ILE CG1  C N N 156 
ILE CG2  C N N 157 
ILE CD1  C N N 158 
ILE OXT  O N N 159 
ILE H    H N N 160 
ILE H2   H N N 161 
ILE HA   H N N 162 
ILE HB   H N N 163 
ILE HG12 H N N 164 
ILE HG13 H N N 165 
ILE HG21 H N N 166 
ILE HG22 H N N 167 
ILE HG23 H N N 168 
ILE HD11 H N N 169 
ILE HD12 H N N 170 
ILE HD13 H N N 171 
ILE HXT  H N N 172 
LEU N    N N N 173 
LEU CA   C N S 174 
LEU C    C N N 175 
LEU O    O N N 176 
LEU CB   C N N 177 
LEU CG   C N N 178 
LEU CD1  C N N 179 
LEU CD2  C N N 180 
LEU OXT  O N N 181 
LEU H    H N N 182 
LEU H2   H N N 183 
LEU HA   H N N 184 
LEU HB2  H N N 185 
LEU HB3  H N N 186 
LEU HG   H N N 187 
LEU HD11 H N N 188 
LEU HD12 H N N 189 
LEU HD13 H N N 190 
LEU HD21 H N N 191 
LEU HD22 H N N 192 
LEU HD23 H N N 193 
LEU HXT  H N N 194 
LYS N    N N N 195 
LYS CA   C N S 196 
LYS C    C N N 197 
LYS O    O N N 198 
LYS CB   C N N 199 
LYS CG   C N N 200 
LYS CD   C N N 201 
LYS CE   C N N 202 
LYS NZ   N N N 203 
LYS OXT  O N N 204 
LYS H    H N N 205 
LYS H2   H N N 206 
LYS HA   H N N 207 
LYS HB2  H N N 208 
LYS HB3  H N N 209 
LYS HG2  H N N 210 
LYS HG3  H N N 211 
LYS HD2  H N N 212 
LYS HD3  H N N 213 
LYS HE2  H N N 214 
LYS HE3  H N N 215 
LYS HZ1  H N N 216 
LYS HZ2  H N N 217 
LYS HZ3  H N N 218 
LYS HXT  H N N 219 
MET N    N N N 220 
MET CA   C N S 221 
MET C    C N N 222 
MET O    O N N 223 
MET CB   C N N 224 
MET CG   C N N 225 
MET SD   S N N 226 
MET CE   C N N 227 
MET OXT  O N N 228 
MET H    H N N 229 
MET H2   H N N 230 
MET HA   H N N 231 
MET HB2  H N N 232 
MET HB3  H N N 233 
MET HG2  H N N 234 
MET HG3  H N N 235 
MET HE1  H N N 236 
MET HE2  H N N 237 
MET HE3  H N N 238 
MET HXT  H N N 239 
PHE N    N N N 240 
PHE CA   C N S 241 
PHE C    C N N 242 
PHE O    O N N 243 
PHE CB   C N N 244 
PHE CG   C Y N 245 
PHE CD1  C Y N 246 
PHE CD2  C Y N 247 
PHE CE1  C Y N 248 
PHE CE2  C Y N 249 
PHE CZ   C Y N 250 
PHE OXT  O N N 251 
PHE H    H N N 252 
PHE H2   H N N 253 
PHE HA   H N N 254 
PHE HB2  H N N 255 
PHE HB3  H N N 256 
PHE HD1  H N N 257 
PHE HD2  H N N 258 
PHE HE1  H N N 259 
PHE HE2  H N N 260 
PHE HZ   H N N 261 
PHE HXT  H N N 262 
PRO N    N N N 263 
PRO CA   C N S 264 
PRO C    C N N 265 
PRO O    O N N 266 
PRO CB   C N N 267 
PRO CG   C N N 268 
PRO CD   C N N 269 
PRO OXT  O N N 270 
PRO H    H N N 271 
PRO HA   H N N 272 
PRO HB2  H N N 273 
PRO HB3  H N N 274 
PRO HG2  H N N 275 
PRO HG3  H N N 276 
PRO HD2  H N N 277 
PRO HD3  H N N 278 
PRO HXT  H N N 279 
SER N    N N N 280 
SER CA   C N S 281 
SER C    C N N 282 
SER O    O N N 283 
SER CB   C N N 284 
SER OG   O N N 285 
SER OXT  O N N 286 
SER H    H N N 287 
SER H2   H N N 288 
SER HA   H N N 289 
SER HB2  H N N 290 
SER HB3  H N N 291 
SER HG   H N N 292 
SER HXT  H N N 293 
THR N    N N N 294 
THR CA   C N S 295 
THR C    C N N 296 
THR O    O N N 297 
THR CB   C N R 298 
THR OG1  O N N 299 
THR CG2  C N N 300 
THR OXT  O N N 301 
THR H    H N N 302 
THR H2   H N N 303 
THR HA   H N N 304 
THR HB   H N N 305 
THR HG1  H N N 306 
THR HG21 H N N 307 
THR HG22 H N N 308 
THR HG23 H N N 309 
THR HXT  H N N 310 
VAL N    N N N 311 
VAL CA   C N S 312 
VAL C    C N N 313 
VAL O    O N N 314 
VAL CB   C N N 315 
VAL CG1  C N N 316 
VAL CG2  C N N 317 
VAL OXT  O N N 318 
VAL H    H N N 319 
VAL H2   H N N 320 
VAL HA   H N N 321 
VAL HB   H N N 322 
VAL HG11 H N N 323 
VAL HG12 H N N 324 
VAL HG13 H N N 325 
VAL HG21 H N N 326 
VAL HG22 H N N 327 
VAL HG23 H N N 328 
VAL HXT  H N N 329 
# 
loop_
_chem_comp_bond.comp_id 
_chem_comp_bond.atom_id_1 
_chem_comp_bond.atom_id_2 
_chem_comp_bond.value_order 
_chem_comp_bond.pdbx_aromatic_flag 
_chem_comp_bond.pdbx_stereo_config 
_chem_comp_bond.pdbx_ordinal 
ACT C   O    doub N N 1   
ACT C   OXT  sing N N 2   
ACT C   CH3  sing N N 3   
ACT CH3 H1   sing N N 4   
ACT CH3 H2   sing N N 5   
ACT CH3 H3   sing N N 6   
ALA N   CA   sing N N 7   
ALA N   H    sing N N 8   
ALA N   H2   sing N N 9   
ALA CA  C    sing N N 10  
ALA CA  CB   sing N N 11  
ALA CA  HA   sing N N 12  
ALA C   O    doub N N 13  
ALA C   OXT  sing N N 14  
ALA CB  HB1  sing N N 15  
ALA CB  HB2  sing N N 16  
ALA CB  HB3  sing N N 17  
ALA OXT HXT  sing N N 18  
ARG N   CA   sing N N 19  
ARG N   H    sing N N 20  
ARG N   H2   sing N N 21  
ARG CA  C    sing N N 22  
ARG CA  CB   sing N N 23  
ARG CA  HA   sing N N 24  
ARG C   O    doub N N 25  
ARG C   OXT  sing N N 26  
ARG CB  CG   sing N N 27  
ARG CB  HB2  sing N N 28  
ARG CB  HB3  sing N N 29  
ARG CG  CD   sing N N 30  
ARG CG  HG2  sing N N 31  
ARG CG  HG3  sing N N 32  
ARG CD  NE   sing N N 33  
ARG CD  HD2  sing N N 34  
ARG CD  HD3  sing N N 35  
ARG NE  CZ   sing N N 36  
ARG NE  HE   sing N N 37  
ARG CZ  NH1  sing N N 38  
ARG CZ  NH2  doub N N 39  
ARG NH1 HH11 sing N N 40  
ARG NH1 HH12 sing N N 41  
ARG NH2 HH21 sing N N 42  
ARG NH2 HH22 sing N N 43  
ARG OXT HXT  sing N N 44  
ASP N   CA   sing N N 45  
ASP N   H    sing N N 46  
ASP N   H2   sing N N 47  
ASP CA  C    sing N N 48  
ASP CA  CB   sing N N 49  
ASP CA  HA   sing N N 50  
ASP C   O    doub N N 51  
ASP C   OXT  sing N N 52  
ASP CB  CG   sing N N 53  
ASP CB  HB2  sing N N 54  
ASP CB  HB3  sing N N 55  
ASP CG  OD1  doub N N 56  
ASP CG  OD2  sing N N 57  
ASP OD2 HD2  sing N N 58  
ASP OXT HXT  sing N N 59  
CYS N   CA   sing N N 60  
CYS N   H    sing N N 61  
CYS N   H2   sing N N 62  
CYS CA  C    sing N N 63  
CYS CA  CB   sing N N 64  
CYS CA  HA   sing N N 65  
CYS C   O    doub N N 66  
CYS C   OXT  sing N N 67  
CYS CB  SG   sing N N 68  
CYS CB  HB2  sing N N 69  
CYS CB  HB3  sing N N 70  
CYS SG  HG   sing N N 71  
CYS OXT HXT  sing N N 72  
GLN N   CA   sing N N 73  
GLN N   H    sing N N 74  
GLN N   H2   sing N N 75  
GLN CA  C    sing N N 76  
GLN CA  CB   sing N N 77  
GLN CA  HA   sing N N 78  
GLN C   O    doub N N 79  
GLN C   OXT  sing N N 80  
GLN CB  CG   sing N N 81  
GLN CB  HB2  sing N N 82  
GLN CB  HB3  sing N N 83  
GLN CG  CD   sing N N 84  
GLN CG  HG2  sing N N 85  
GLN CG  HG3  sing N N 86  
GLN CD  OE1  doub N N 87  
GLN CD  NE2  sing N N 88  
GLN NE2 HE21 sing N N 89  
GLN NE2 HE22 sing N N 90  
GLN OXT HXT  sing N N 91  
GLU N   CA   sing N N 92  
GLU N   H    sing N N 93  
GLU N   H2   sing N N 94  
GLU CA  C    sing N N 95  
GLU CA  CB   sing N N 96  
GLU CA  HA   sing N N 97  
GLU C   O    doub N N 98  
GLU C   OXT  sing N N 99  
GLU CB  CG   sing N N 100 
GLU CB  HB2  sing N N 101 
GLU CB  HB3  sing N N 102 
GLU CG  CD   sing N N 103 
GLU CG  HG2  sing N N 104 
GLU CG  HG3  sing N N 105 
GLU CD  OE1  doub N N 106 
GLU CD  OE2  sing N N 107 
GLU OE2 HE2  sing N N 108 
GLU OXT HXT  sing N N 109 
GLY N   CA   sing N N 110 
GLY N   H    sing N N 111 
GLY N   H2   sing N N 112 
GLY CA  C    sing N N 113 
GLY CA  HA2  sing N N 114 
GLY CA  HA3  sing N N 115 
GLY C   O    doub N N 116 
GLY C   OXT  sing N N 117 
GLY OXT HXT  sing N N 118 
HIS N   CA   sing N N 119 
HIS N   H    sing N N 120 
HIS N   H2   sing N N 121 
HIS CA  C    sing N N 122 
HIS CA  CB   sing N N 123 
HIS CA  HA   sing N N 124 
HIS C   O    doub N N 125 
HIS C   OXT  sing N N 126 
HIS CB  CG   sing N N 127 
HIS CB  HB2  sing N N 128 
HIS CB  HB3  sing N N 129 
HIS CG  ND1  sing Y N 130 
HIS CG  CD2  doub Y N 131 
HIS ND1 CE1  doub Y N 132 
HIS ND1 HD1  sing N N 133 
HIS CD2 NE2  sing Y N 134 
HIS CD2 HD2  sing N N 135 
HIS CE1 NE2  sing Y N 136 
HIS CE1 HE1  sing N N 137 
HIS NE2 HE2  sing N N 138 
HIS OXT HXT  sing N N 139 
HOH O   H1   sing N N 140 
HOH O   H2   sing N N 141 
ILE N   CA   sing N N 142 
ILE N   H    sing N N 143 
ILE N   H2   sing N N 144 
ILE CA  C    sing N N 145 
ILE CA  CB   sing N N 146 
ILE CA  HA   sing N N 147 
ILE C   O    doub N N 148 
ILE C   OXT  sing N N 149 
ILE CB  CG1  sing N N 150 
ILE CB  CG2  sing N N 151 
ILE CB  HB   sing N N 152 
ILE CG1 CD1  sing N N 153 
ILE CG1 HG12 sing N N 154 
ILE CG1 HG13 sing N N 155 
ILE CG2 HG21 sing N N 156 
ILE CG2 HG22 sing N N 157 
ILE CG2 HG23 sing N N 158 
ILE CD1 HD11 sing N N 159 
ILE CD1 HD12 sing N N 160 
ILE CD1 HD13 sing N N 161 
ILE OXT HXT  sing N N 162 
LEU N   CA   sing N N 163 
LEU N   H    sing N N 164 
LEU N   H2   sing N N 165 
LEU CA  C    sing N N 166 
LEU CA  CB   sing N N 167 
LEU CA  HA   sing N N 168 
LEU C   O    doub N N 169 
LEU C   OXT  sing N N 170 
LEU CB  CG   sing N N 171 
LEU CB  HB2  sing N N 172 
LEU CB  HB3  sing N N 173 
LEU CG  CD1  sing N N 174 
LEU CG  CD2  sing N N 175 
LEU CG  HG   sing N N 176 
LEU CD1 HD11 sing N N 177 
LEU CD1 HD12 sing N N 178 
LEU CD1 HD13 sing N N 179 
LEU CD2 HD21 sing N N 180 
LEU CD2 HD22 sing N N 181 
LEU CD2 HD23 sing N N 182 
LEU OXT HXT  sing N N 183 
LYS N   CA   sing N N 184 
LYS N   H    sing N N 185 
LYS N   H2   sing N N 186 
LYS CA  C    sing N N 187 
LYS CA  CB   sing N N 188 
LYS CA  HA   sing N N 189 
LYS C   O    doub N N 190 
LYS C   OXT  sing N N 191 
LYS CB  CG   sing N N 192 
LYS CB  HB2  sing N N 193 
LYS CB  HB3  sing N N 194 
LYS CG  CD   sing N N 195 
LYS CG  HG2  sing N N 196 
LYS CG  HG3  sing N N 197 
LYS CD  CE   sing N N 198 
LYS CD  HD2  sing N N 199 
LYS CD  HD3  sing N N 200 
LYS CE  NZ   sing N N 201 
LYS CE  HE2  sing N N 202 
LYS CE  HE3  sing N N 203 
LYS NZ  HZ1  sing N N 204 
LYS NZ  HZ2  sing N N 205 
LYS NZ  HZ3  sing N N 206 
LYS OXT HXT  sing N N 207 
MET N   CA   sing N N 208 
MET N   H    sing N N 209 
MET N   H2   sing N N 210 
MET CA  C    sing N N 211 
MET CA  CB   sing N N 212 
MET CA  HA   sing N N 213 
MET C   O    doub N N 214 
MET C   OXT  sing N N 215 
MET CB  CG   sing N N 216 
MET CB  HB2  sing N N 217 
MET CB  HB3  sing N N 218 
MET CG  SD   sing N N 219 
MET CG  HG2  sing N N 220 
MET CG  HG3  sing N N 221 
MET SD  CE   sing N N 222 
MET CE  HE1  sing N N 223 
MET CE  HE2  sing N N 224 
MET CE  HE3  sing N N 225 
MET OXT HXT  sing N N 226 
PHE N   CA   sing N N 227 
PHE N   H    sing N N 228 
PHE N   H2   sing N N 229 
PHE CA  C    sing N N 230 
PHE CA  CB   sing N N 231 
PHE CA  HA   sing N N 232 
PHE C   O    doub N N 233 
PHE C   OXT  sing N N 234 
PHE CB  CG   sing N N 235 
PHE CB  HB2  sing N N 236 
PHE CB  HB3  sing N N 237 
PHE CG  CD1  doub Y N 238 
PHE CG  CD2  sing Y N 239 
PHE CD1 CE1  sing Y N 240 
PHE CD1 HD1  sing N N 241 
PHE CD2 CE2  doub Y N 242 
PHE CD2 HD2  sing N N 243 
PHE CE1 CZ   doub Y N 244 
PHE CE1 HE1  sing N N 245 
PHE CE2 CZ   sing Y N 246 
PHE CE2 HE2  sing N N 247 
PHE CZ  HZ   sing N N 248 
PHE OXT HXT  sing N N 249 
PRO N   CA   sing N N 250 
PRO N   CD   sing N N 251 
PRO N   H    sing N N 252 
PRO CA  C    sing N N 253 
PRO CA  CB   sing N N 254 
PRO CA  HA   sing N N 255 
PRO C   O    doub N N 256 
PRO C   OXT  sing N N 257 
PRO CB  CG   sing N N 258 
PRO CB  HB2  sing N N 259 
PRO CB  HB3  sing N N 260 
PRO CG  CD   sing N N 261 
PRO CG  HG2  sing N N 262 
PRO CG  HG3  sing N N 263 
PRO CD  HD2  sing N N 264 
PRO CD  HD3  sing N N 265 
PRO OXT HXT  sing N N 266 
SER N   CA   sing N N 267 
SER N   H    sing N N 268 
SER N   H2   sing N N 269 
SER CA  C    sing N N 270 
SER CA  CB   sing N N 271 
SER CA  HA   sing N N 272 
SER C   O    doub N N 273 
SER C   OXT  sing N N 274 
SER CB  OG   sing N N 275 
SER CB  HB2  sing N N 276 
SER CB  HB3  sing N N 277 
SER OG  HG   sing N N 278 
SER OXT HXT  sing N N 279 
THR N   CA   sing N N 280 
THR N   H    sing N N 281 
THR N   H2   sing N N 282 
THR CA  C    sing N N 283 
THR CA  CB   sing N N 284 
THR CA  HA   sing N N 285 
THR C   O    doub N N 286 
THR C   OXT  sing N N 287 
THR CB  OG1  sing N N 288 
THR CB  CG2  sing N N 289 
THR CB  HB   sing N N 290 
THR OG1 HG1  sing N N 291 
THR CG2 HG21 sing N N 292 
THR CG2 HG22 sing N N 293 
THR CG2 HG23 sing N N 294 
THR OXT HXT  sing N N 295 
VAL N   CA   sing N N 296 
VAL N   H    sing N N 297 
VAL N   H2   sing N N 298 
VAL CA  C    sing N N 299 
VAL CA  CB   sing N N 300 
VAL CA  HA   sing N N 301 
VAL C   O    doub N N 302 
VAL C   OXT  sing N N 303 
VAL CB  CG1  sing N N 304 
VAL CB  CG2  sing N N 305 
VAL CB  HB   sing N N 306 
VAL CG1 HG11 sing N N 307 
VAL CG1 HG12 sing N N 308 
VAL CG1 HG13 sing N N 309 
VAL CG2 HG21 sing N N 310 
VAL CG2 HG22 sing N N 311 
VAL CG2 HG23 sing N N 312 
VAL OXT HXT  sing N N 313 
# 
loop_
_pdbx_entity_nonpoly.entity_id 
_pdbx_entity_nonpoly.name 
_pdbx_entity_nonpoly.comp_id 
2 'ACETATE ION' ACT 
3 water         HOH 
# 
_pdbx_initial_refinement_model.id               1 
_pdbx_initial_refinement_model.entity_id_list   ? 
_pdbx_initial_refinement_model.type             'experimental model' 
_pdbx_initial_refinement_model.source_name      PDB 
_pdbx_initial_refinement_model.accession_code   3NCP 
_pdbx_initial_refinement_model.details          'PDB entry 3NCP' 
# 
